data_2QFX
#
_entry.id   2QFX
#
_cell.length_a   113.415
_cell.length_b   99.630
_cell.length_c   129.950
_cell.angle_alpha   90.00
_cell.angle_beta   111.21
_cell.angle_gamma   90.00
#
_symmetry.space_group_name_H-M   'P 1 2 1'
#
loop_
_entity.id
_entity.type
_entity.pdbx_description
1 polymer 'Isocitrate dehydrogenase [NADP]'
2 non-polymer 'CALCIUM ION'
3 non-polymer 'NADPH DIHYDRO-NICOTINAMIDE-ADENINE-DINUCLEOTIDE PHOSPHATE'
4 non-polymer '2-OXOGLUTARIC ACID'
5 water water
#
_entity_poly.entity_id   1
_entity_poly.type   'polypeptide(L)'
_entity_poly.pdbx_seq_one_letter_code
;MHHHHHHAMGIPGHAFSKIKVKQPVVELDGDEMTRIIWDKIKKKLILPYLDVDLKYYDLSVESRDATSDKITQDAAEAIK
KYGVGIKCATITPDEARVKEFNLHKMWKSPNGTIRNILGGTVFREPIVIPRIPRLVPRWEKPIIIGRHAHGDQYKATDTL
IPGPGSLELVYKPSDPTTAQPQTLKVYDYKGSGVAMAMYNTDESIEGFAHSSFKLAIDKKLNLFLSTKNTILKKYDGRFK
DIFQEVYEAQYKSKFEQLGIHYEHRLIDDMVAQMIKSKGGFIMALKNYDGDVQSDIVAQGFGSLGLMTSILVTPDGKTFE
SEAAHGTVTRHYRKYQKGEETSTNSIASIFAWSRGLLKRGELDNTPALCKFANILESATLNTVQQDGIMTKDLALACGNN
ERSAYVTTEEFLDAVEKRLQKEIKSIE
;
_entity_poly.pdbx_strand_id   A,B,C,D,E,F
#
# COMPACT_ATOMS: atom_id res chain seq x y z
N PHE A 16 36.95 -27.87 15.51
CA PHE A 16 38.37 -27.85 15.93
C PHE A 16 39.22 -26.86 15.16
N SER A 17 38.58 -25.99 14.39
CA SER A 17 39.27 -24.98 13.61
C SER A 17 38.34 -23.82 13.28
N LYS A 18 38.90 -22.63 13.08
CA LYS A 18 38.09 -21.46 12.75
C LYS A 18 38.45 -20.81 11.42
N ILE A 19 37.43 -20.30 10.74
CA ILE A 19 37.61 -19.64 9.46
C ILE A 19 37.95 -18.18 9.62
N LYS A 20 39.18 -17.81 9.25
CA LYS A 20 39.58 -16.42 9.36
C LYS A 20 38.83 -15.60 8.32
N VAL A 21 38.22 -14.50 8.78
CA VAL A 21 37.48 -13.63 7.89
C VAL A 21 38.31 -12.37 7.63
N LYS A 22 38.95 -12.34 6.47
CA LYS A 22 39.80 -11.21 6.08
C LYS A 22 39.34 -9.88 6.64
N GLN A 23 38.40 -9.22 5.96
CA GLN A 23 37.88 -7.93 6.39
C GLN A 23 36.88 -8.01 7.55
N PRO A 24 36.68 -6.90 8.27
CA PRO A 24 35.75 -6.84 9.40
C PRO A 24 34.28 -6.66 9.01
N VAL A 25 33.39 -7.19 9.84
CA VAL A 25 31.96 -7.11 9.61
C VAL A 25 31.34 -6.18 10.64
N VAL A 26 30.50 -5.26 10.19
CA VAL A 26 29.83 -4.34 11.09
C VAL A 26 28.53 -5.01 11.55
N GLU A 27 28.35 -5.10 12.87
CA GLU A 27 27.16 -5.73 13.44
C GLU A 27 26.33 -4.71 14.21
N LEU A 28 25.05 -4.60 13.85
CA LEU A 28 24.18 -3.64 14.52
C LEU A 28 23.12 -4.37 15.33
N ASP A 29 23.29 -4.40 16.65
CA ASP A 29 22.36 -5.07 17.56
C ASP A 29 21.08 -4.23 17.65
N GLY A 30 19.97 -4.86 18.02
CA GLY A 30 18.70 -4.16 18.10
C GLY A 30 17.85 -4.40 19.33
N ASP A 31 16.53 -4.45 19.15
CA ASP A 31 15.61 -4.60 20.28
C ASP A 31 14.81 -5.87 20.47
N GLU A 32 13.97 -5.79 21.50
CA GLU A 32 13.05 -6.81 21.97
C GLU A 32 13.34 -8.30 21.69
N MET A 33 12.38 -9.02 21.10
CA MET A 33 12.58 -10.44 20.85
C MET A 33 13.72 -10.70 19.86
N THR A 34 13.92 -9.78 18.93
CA THR A 34 14.99 -9.98 17.97
C THR A 34 16.38 -9.84 18.61
N ARG A 35 16.48 -9.03 19.66
CA ARG A 35 17.78 -8.88 20.33
C ARG A 35 18.12 -10.21 20.98
N ILE A 36 17.13 -10.82 21.62
CA ILE A 36 17.31 -12.11 22.29
C ILE A 36 17.71 -13.21 21.32
N ILE A 37 17.06 -13.26 20.16
CA ILE A 37 17.39 -14.28 19.17
C ILE A 37 18.80 -14.06 18.64
N TRP A 38 19.07 -12.81 18.29
CA TRP A 38 20.33 -12.34 17.74
C TRP A 38 21.52 -12.86 18.52
N ASP A 39 21.47 -12.68 19.83
CA ASP A 39 22.54 -13.10 20.73
C ASP A 39 22.81 -14.60 20.62
N LYS A 40 21.77 -15.40 20.77
CA LYS A 40 21.93 -16.84 20.67
C LYS A 40 22.53 -17.22 19.32
N ILE A 41 22.07 -16.59 18.25
CA ILE A 41 22.62 -16.91 16.95
C ILE A 41 24.14 -16.75 16.93
N LYS A 42 24.64 -15.60 17.37
CA LYS A 42 26.08 -15.39 17.35
C LYS A 42 26.87 -16.19 18.38
N LYS A 43 26.25 -16.49 19.50
CA LYS A 43 26.95 -17.27 20.51
C LYS A 43 27.00 -18.74 20.10
N LYS A 44 25.87 -19.29 19.71
CA LYS A 44 25.76 -20.70 19.32
C LYS A 44 26.03 -21.05 17.86
N LEU A 45 25.92 -20.10 16.93
CA LEU A 45 26.12 -20.41 15.51
C LEU A 45 27.22 -19.70 14.73
N ILE A 46 27.57 -18.47 15.12
CA ILE A 46 28.60 -17.73 14.39
C ILE A 46 29.99 -17.69 15.06
N LEU A 47 30.05 -17.23 16.30
CA LEU A 47 31.31 -17.14 17.05
C LEU A 47 32.10 -18.46 17.20
N PRO A 48 31.41 -19.59 17.42
CA PRO A 48 32.12 -20.86 17.56
C PRO A 48 32.89 -21.34 16.32
N TYR A 49 32.52 -20.85 15.15
CA TYR A 49 33.17 -21.30 13.93
C TYR A 49 33.96 -20.23 13.19
N LEU A 50 33.83 -18.98 13.61
CA LEU A 50 34.53 -17.90 12.92
C LEU A 50 35.51 -17.06 13.75
N ASP A 51 36.50 -16.53 13.05
CA ASP A 51 37.49 -15.64 13.65
C ASP A 51 37.21 -14.33 12.95
N VAL A 52 36.21 -13.62 13.47
CA VAL A 52 35.76 -12.37 12.88
C VAL A 52 35.95 -11.12 13.72
N ASP A 53 36.45 -10.07 13.08
CA ASP A 53 36.61 -8.81 13.77
C ASP A 53 35.24 -8.15 13.60
N LEU A 54 34.36 -8.36 14.58
CA LEU A 54 33.03 -7.78 14.52
C LEU A 54 33.02 -6.38 15.12
N LYS A 55 32.82 -5.38 14.26
CA LYS A 55 32.75 -3.98 14.66
C LYS A 55 31.33 -3.72 15.19
N TYR A 56 31.14 -4.01 16.47
CA TYR A 56 29.87 -3.89 17.17
C TYR A 56 29.31 -2.45 17.34
N TYR A 57 27.99 -2.36 17.32
CA TYR A 57 27.25 -1.11 17.48
C TYR A 57 25.89 -1.48 18.07
N ASP A 58 25.68 -1.16 19.33
CA ASP A 58 24.42 -1.47 19.99
C ASP A 58 23.39 -0.42 19.59
N LEU A 59 22.37 -0.83 18.83
CA LEU A 59 21.34 0.10 18.39
C LEU A 59 20.01 -0.04 19.11
N SER A 60 20.06 -0.56 20.32
CA SER A 60 18.85 -0.72 21.12
C SER A 60 18.26 0.69 21.29
N VAL A 61 17.03 0.79 21.78
CA VAL A 61 16.42 2.12 21.96
C VAL A 61 17.26 2.92 22.94
N GLU A 62 17.52 2.33 24.11
CA GLU A 62 18.32 2.95 25.17
C GLU A 62 19.70 3.37 24.70
N SER A 63 20.36 2.53 23.91
CA SER A 63 21.67 2.89 23.42
C SER A 63 21.58 4.06 22.44
N ARG A 64 20.44 4.20 21.77
CA ARG A 64 20.28 5.29 20.82
C ARG A 64 19.83 6.56 21.55
N ASP A 65 19.01 6.38 22.57
CA ASP A 65 18.54 7.52 23.33
C ASP A 65 19.70 8.25 24.04
N ALA A 66 20.49 7.50 24.81
CA ALA A 66 21.61 8.09 25.56
C ALA A 66 22.65 8.70 24.64
N THR A 67 22.73 8.15 23.43
CA THR A 67 23.69 8.57 22.43
C THR A 67 23.09 9.65 21.52
N SER A 68 21.80 9.93 21.72
CA SER A 68 21.07 10.91 20.91
C SER A 68 21.09 10.48 19.42
N ASP A 69 20.84 9.20 19.22
CA ASP A 69 20.78 8.55 17.91
C ASP A 69 22.08 8.63 17.08
N LYS A 70 23.12 9.22 17.65
CA LYS A 70 24.38 9.35 16.93
C LYS A 70 25.01 8.00 16.58
N ILE A 71 24.86 7.03 17.48
CA ILE A 71 25.43 5.71 17.23
C ILE A 71 24.89 5.16 15.91
N THR A 72 23.62 5.45 15.65
CA THR A 72 22.95 5.02 14.42
C THR A 72 23.78 5.53 13.25
N GLN A 73 24.06 6.83 13.28
CA GLN A 73 24.86 7.49 12.27
C GLN A 73 26.24 6.83 12.13
N ASP A 74 26.87 6.58 13.27
CA ASP A 74 28.18 5.97 13.29
C ASP A 74 28.16 4.58 12.67
N ALA A 75 27.13 3.81 13.00
CA ALA A 75 27.00 2.46 12.47
C ALA A 75 26.81 2.51 10.97
N ALA A 76 25.94 3.42 10.52
CA ALA A 76 25.68 3.54 9.11
C ALA A 76 26.99 3.84 8.37
N GLU A 77 27.73 4.81 8.88
CA GLU A 77 28.98 5.18 8.25
C GLU A 77 30.08 4.11 8.33
N ALA A 78 29.95 3.19 9.26
CA ALA A 78 30.93 2.11 9.42
C ALA A 78 30.72 1.08 8.31
N ILE A 79 29.46 0.79 8.01
CA ILE A 79 29.09 -0.15 6.96
C ILE A 79 29.58 0.43 5.63
N LYS A 80 29.46 1.74 5.50
CA LYS A 80 29.88 2.46 4.31
C LYS A 80 31.36 2.23 4.10
N LYS A 81 32.08 2.22 5.21
CA LYS A 81 33.52 2.02 5.19
C LYS A 81 33.94 0.59 4.89
N TYR A 82 33.67 -0.31 5.84
CA TYR A 82 34.07 -1.71 5.70
C TYR A 82 33.27 -2.62 4.77
N GLY A 83 32.34 -2.06 4.01
CA GLY A 83 31.56 -2.85 3.07
C GLY A 83 30.36 -3.67 3.53
N VAL A 84 30.50 -4.51 4.56
CA VAL A 84 29.37 -5.34 5.00
C VAL A 84 28.83 -5.12 6.42
N GLY A 85 27.52 -4.87 6.51
CA GLY A 85 26.86 -4.67 7.78
C GLY A 85 25.74 -5.68 7.98
N ILE A 86 25.51 -6.11 9.22
CA ILE A 86 24.47 -7.09 9.55
C ILE A 86 23.62 -6.52 10.71
N LYS A 87 22.34 -6.25 10.44
CA LYS A 87 21.43 -5.64 11.42
C LYS A 87 20.27 -6.42 12.05
N CYS A 88 20.11 -6.23 13.35
CA CYS A 88 19.04 -6.85 14.12
C CYS A 88 17.92 -5.81 14.06
N ALA A 89 16.67 -6.23 14.22
CA ALA A 89 15.56 -5.29 14.13
C ALA A 89 15.51 -4.29 15.28
N THR A 90 15.18 -3.04 14.95
CA THR A 90 15.12 -1.98 15.95
C THR A 90 13.74 -1.40 16.20
N ILE A 91 13.58 -0.78 17.36
CA ILE A 91 12.33 -0.12 17.71
C ILE A 91 12.39 1.29 17.14
N THR A 92 11.37 1.67 16.38
CA THR A 92 11.32 3.02 15.84
C THR A 92 10.31 3.67 16.75
N PRO A 93 10.79 4.53 17.66
CA PRO A 93 9.95 5.23 18.62
C PRO A 93 8.79 6.03 18.07
N ASP A 94 7.68 5.96 18.78
CA ASP A 94 6.48 6.72 18.45
C ASP A 94 6.09 7.23 19.84
N GLU A 95 5.02 8.01 19.95
CA GLU A 95 4.63 8.53 21.25
C GLU A 95 4.58 7.48 22.37
N ALA A 96 4.02 6.32 22.09
CA ALA A 96 3.91 5.26 23.08
C ALA A 96 5.28 4.81 23.57
N ARG A 97 6.22 4.69 22.65
CA ARG A 97 7.58 4.25 22.96
C ARG A 97 8.28 5.27 23.86
N VAL A 98 8.19 6.54 23.51
CA VAL A 98 8.80 7.60 24.30
C VAL A 98 8.38 7.49 25.76
N LYS A 99 7.14 7.09 25.97
CA LYS A 99 6.62 6.95 27.32
C LYS A 99 7.04 5.64 27.98
N GLU A 100 7.26 4.61 27.16
CA GLU A 100 7.66 3.30 27.67
C GLU A 100 9.11 3.29 28.16
N PHE A 101 10.03 3.76 27.32
CA PHE A 101 11.43 3.79 27.67
C PHE A 101 11.85 5.14 28.18
N ASN A 102 10.87 6.01 28.44
CA ASN A 102 11.17 7.34 28.96
C ASN A 102 12.26 8.02 28.12
N LEU A 103 12.07 8.04 26.80
CA LEU A 103 13.04 8.63 25.88
C LEU A 103 13.04 10.15 25.84
N HIS A 104 14.07 10.71 25.20
CA HIS A 104 14.25 12.16 25.04
C HIS A 104 13.38 12.63 23.87
N LYS A 105 13.78 12.28 22.65
CA LYS A 105 13.03 12.62 21.43
C LYS A 105 12.37 11.35 20.89
N MET A 106 11.50 11.55 19.91
CA MET A 106 10.81 10.45 19.23
C MET A 106 11.73 10.20 18.04
N TRP A 107 12.83 9.47 18.30
CA TRP A 107 13.82 9.17 17.27
C TRP A 107 13.31 8.63 15.93
N LYS A 108 13.99 9.00 14.86
CA LYS A 108 13.64 8.54 13.52
C LYS A 108 14.10 7.10 13.39
N SER A 109 13.45 6.35 12.50
CA SER A 109 13.80 4.97 12.27
C SER A 109 15.28 4.79 11.92
N PRO A 110 16.00 3.98 12.69
CA PRO A 110 17.41 3.80 12.33
C PRO A 110 17.53 3.14 10.94
N ASN A 111 16.45 2.57 10.44
CA ASN A 111 16.47 1.95 9.12
C ASN A 111 16.30 3.06 8.10
N GLY A 112 15.52 4.07 8.46
CA GLY A 112 15.33 5.20 7.57
C GLY A 112 16.66 5.94 7.45
N THR A 113 17.36 6.03 8.57
CA THR A 113 18.64 6.73 8.60
C THR A 113 19.77 5.97 7.90
N ILE A 114 19.81 4.66 8.05
CA ILE A 114 20.86 3.89 7.42
C ILE A 114 20.70 3.85 5.90
N ARG A 115 19.50 3.51 5.45
CA ARG A 115 19.25 3.43 4.02
C ARG A 115 19.45 4.78 3.31
N ASN A 116 19.07 5.86 3.99
CA ASN A 116 19.22 7.19 3.41
C ASN A 116 20.69 7.55 3.20
N ILE A 117 21.56 6.97 4.00
CA ILE A 117 22.99 7.22 3.93
C ILE A 117 23.72 6.34 2.92
N LEU A 118 23.30 5.09 2.82
CA LEU A 118 23.95 4.16 1.90
C LEU A 118 23.38 4.19 0.49
N GLY A 119 22.09 4.50 0.39
CA GLY A 119 21.42 4.52 -0.89
C GLY A 119 21.32 3.11 -1.43
N GLY A 120 20.68 2.93 -2.56
CA GLY A 120 20.58 1.61 -3.13
C GLY A 120 19.19 1.01 -3.25
N THR A 121 19.17 -0.31 -3.38
CA THR A 121 17.94 -1.05 -3.52
C THR A 121 17.91 -2.19 -2.50
N VAL A 122 16.75 -2.44 -1.92
CA VAL A 122 16.64 -3.52 -0.95
C VAL A 122 15.92 -4.69 -1.60
N PHE A 123 16.67 -5.76 -1.84
CA PHE A 123 16.13 -6.95 -2.46
C PHE A 123 15.69 -7.94 -1.40
N ARG A 124 14.39 -8.24 -1.41
CA ARG A 124 13.80 -9.17 -0.47
C ARG A 124 13.01 -10.26 -1.20
N GLU A 125 13.21 -11.51 -0.80
CA GLU A 125 12.46 -12.60 -1.40
C GLU A 125 12.16 -13.65 -0.34
N PRO A 126 11.27 -14.59 -0.65
CA PRO A 126 11.04 -15.56 0.42
C PRO A 126 12.12 -16.63 0.56
N ILE A 127 12.25 -17.15 1.77
CA ILE A 127 13.17 -18.25 2.04
C ILE A 127 12.19 -19.40 1.90
N VAL A 128 12.46 -20.31 0.96
CA VAL A 128 11.55 -21.43 0.68
C VAL A 128 11.84 -22.75 1.39
N ILE A 129 10.85 -23.24 2.14
CA ILE A 129 10.96 -24.52 2.85
C ILE A 129 9.86 -25.45 2.33
N PRO A 130 10.17 -26.29 1.32
CA PRO A 130 9.28 -27.26 0.66
C PRO A 130 8.19 -27.89 1.50
N ARG A 131 8.56 -28.62 2.54
CA ARG A 131 7.55 -29.28 3.37
C ARG A 131 6.47 -28.28 3.79
N ILE A 132 6.86 -27.02 3.96
CA ILE A 132 5.93 -25.98 4.40
C ILE A 132 5.02 -25.41 3.30
N PRO A 133 3.70 -25.49 3.51
CA PRO A 133 2.68 -25.01 2.57
C PRO A 133 2.79 -23.49 2.38
N ARG A 134 1.85 -22.92 1.64
CA ARG A 134 1.81 -21.48 1.38
C ARG A 134 0.37 -20.99 1.49
N LEU A 135 0.18 -19.73 1.90
CA LEU A 135 -1.15 -19.17 2.07
C LEU A 135 -1.84 -18.77 0.76
N VAL A 136 -1.01 -18.64 -0.28
CA VAL A 136 -1.42 -18.31 -1.63
C VAL A 136 -0.84 -19.48 -2.40
N PRO A 137 -1.46 -20.68 -2.23
CA PRO A 137 -1.03 -21.93 -2.88
C PRO A 137 -0.57 -21.82 -4.33
N ARG A 138 -1.26 -21.01 -5.12
CA ARG A 138 -0.92 -20.85 -6.54
C ARG A 138 0.53 -20.41 -6.77
N TRP A 139 1.15 -19.88 -5.72
CA TRP A 139 2.54 -19.43 -5.83
C TRP A 139 3.45 -20.64 -5.72
N GLU A 140 4.34 -20.82 -6.68
CA GLU A 140 5.24 -21.95 -6.65
C GLU A 140 6.69 -21.55 -6.94
N LYS A 141 6.90 -20.35 -7.44
CA LYS A 141 8.25 -19.89 -7.74
C LYS A 141 8.50 -18.57 -7.00
N PRO A 142 9.67 -18.43 -6.36
CA PRO A 142 10.05 -17.23 -5.61
C PRO A 142 9.82 -15.88 -6.29
N ILE A 143 9.16 -14.98 -5.56
CA ILE A 143 8.86 -13.62 -5.99
C ILE A 143 9.94 -12.73 -5.37
N ILE A 144 10.55 -11.84 -6.15
CA ILE A 144 11.62 -11.01 -5.62
C ILE A 144 11.32 -9.52 -5.63
N ILE A 145 11.23 -8.92 -4.45
CA ILE A 145 10.94 -7.49 -4.35
C ILE A 145 12.21 -6.67 -4.45
N GLY A 146 12.16 -5.63 -5.26
CA GLY A 146 13.30 -4.75 -5.41
C GLY A 146 12.81 -3.43 -4.88
N ARG A 147 13.01 -3.21 -3.60
CA ARG A 147 12.57 -1.97 -2.97
C ARG A 147 13.57 -0.84 -3.13
N HIS A 148 13.11 0.28 -3.70
CA HIS A 148 13.96 1.45 -3.86
C HIS A 148 14.18 1.87 -2.41
N ALA A 149 15.42 1.99 -2.00
CA ALA A 149 15.73 2.31 -0.62
C ALA A 149 15.92 3.77 -0.22
N HIS A 150 16.00 4.66 -1.21
CA HIS A 150 16.29 6.05 -0.89
C HIS A 150 15.32 7.13 -0.41
N GLY A 151 14.30 7.48 -1.16
CA GLY A 151 13.48 8.58 -0.67
C GLY A 151 12.01 8.44 -0.37
N ASP A 152 11.20 9.26 -1.03
CA ASP A 152 9.77 9.26 -0.83
C ASP A 152 9.40 9.53 0.62
N GLN A 153 8.39 8.83 1.13
CA GLN A 153 7.94 9.07 2.51
C GLN A 153 8.83 8.57 3.64
N TYR A 154 9.94 7.92 3.31
CA TYR A 154 10.89 7.43 4.32
C TYR A 154 12.01 8.44 4.59
N LYS A 155 11.79 9.67 4.16
CA LYS A 155 12.76 10.76 4.34
C LYS A 155 12.01 12.02 3.98
N ALA A 156 10.73 12.02 4.30
CA ALA A 156 9.85 13.13 4.01
C ALA A 156 9.93 14.21 5.07
N THR A 157 8.89 15.03 5.14
CA THR A 157 8.81 16.12 6.09
C THR A 157 7.32 16.38 6.30
N ASP A 158 6.83 16.08 7.49
CA ASP A 158 5.43 16.30 7.75
C ASP A 158 5.23 17.23 8.93
N THR A 159 4.03 17.77 9.05
CA THR A 159 3.69 18.68 10.13
C THR A 159 2.19 18.84 10.24
N LEU A 160 1.76 19.45 11.32
CA LEU A 160 0.34 19.70 11.52
C LEU A 160 0.03 21.12 11.11
N ILE A 161 -1.18 21.33 10.60
CA ILE A 161 -1.62 22.65 10.19
C ILE A 161 -2.66 23.06 11.22
N PRO A 162 -2.30 24.00 12.10
CA PRO A 162 -3.14 24.53 13.19
C PRO A 162 -4.50 25.11 12.81
N GLY A 163 -4.53 25.90 11.74
CA GLY A 163 -5.79 26.51 11.34
C GLY A 163 -5.72 27.01 9.93
N PRO A 164 -6.74 27.77 9.48
CA PRO A 164 -6.78 28.30 8.11
C PRO A 164 -5.49 29.00 7.66
N GLY A 165 -5.08 28.67 6.45
CA GLY A 165 -3.87 29.26 5.88
C GLY A 165 -3.50 28.63 4.56
N SER A 166 -2.45 29.15 3.92
CA SER A 166 -2.01 28.62 2.64
C SER A 166 -1.04 27.47 2.88
N LEU A 167 -0.65 26.81 1.81
CA LEU A 167 0.29 25.71 1.87
C LEU A 167 0.93 25.67 0.50
N GLU A 168 2.21 26.02 0.43
CA GLU A 168 2.90 26.05 -0.85
C GLU A 168 4.19 25.26 -0.87
N LEU A 169 4.48 24.67 -2.04
CA LEU A 169 5.69 23.89 -2.24
C LEU A 169 6.67 24.83 -2.94
N VAL A 170 7.53 25.48 -2.16
CA VAL A 170 8.50 26.45 -2.68
C VAL A 170 9.87 25.90 -3.07
N TYR A 171 10.28 26.13 -4.32
CA TYR A 171 11.57 25.68 -4.84
C TYR A 171 12.42 26.85 -5.35
N LYS A 172 13.63 26.98 -4.83
CA LYS A 172 14.54 28.06 -5.21
C LYS A 172 15.89 27.51 -5.70
N PRO A 173 16.05 27.36 -7.03
CA PRO A 173 17.31 26.84 -7.60
C PRO A 173 18.52 27.68 -7.20
N SER A 174 19.70 27.09 -7.30
CA SER A 174 20.93 27.79 -6.95
C SER A 174 21.38 28.73 -8.07
N ASP A 175 21.36 28.22 -9.30
CA ASP A 175 21.74 29.01 -10.47
C ASP A 175 20.49 29.34 -11.29
N PRO A 176 19.84 30.48 -10.99
CA PRO A 176 18.63 30.95 -11.68
C PRO A 176 18.73 31.03 -13.21
N THR A 177 19.81 30.50 -13.77
CA THR A 177 20.01 30.52 -15.22
C THR A 177 19.58 29.21 -15.86
N THR A 178 20.05 28.09 -15.31
CA THR A 178 19.72 26.77 -15.84
C THR A 178 18.29 26.38 -15.45
N ALA A 179 17.84 26.88 -14.32
CA ALA A 179 16.50 26.57 -13.84
C ALA A 179 15.87 27.81 -13.22
N GLN A 180 14.56 27.76 -13.03
CA GLN A 180 13.86 28.89 -12.44
C GLN A 180 13.00 28.42 -11.28
N PRO A 181 12.89 29.26 -10.23
CA PRO A 181 12.11 28.94 -9.04
C PRO A 181 10.67 28.50 -9.32
N GLN A 182 10.06 27.86 -8.32
CA GLN A 182 8.69 27.40 -8.41
C GLN A 182 8.04 27.66 -7.07
N THR A 183 6.75 27.94 -7.09
CA THR A 183 6.01 28.20 -5.86
C THR A 183 4.59 27.72 -6.08
N LEU A 184 4.44 26.40 -6.06
CA LEU A 184 3.15 25.77 -6.27
C LEU A 184 2.24 25.92 -5.06
N LYS A 185 0.95 26.11 -5.32
CA LYS A 185 -0.03 26.25 -4.27
C LYS A 185 -0.63 24.88 -4.05
N VAL A 186 -0.25 24.25 -2.94
CA VAL A 186 -0.72 22.91 -2.59
C VAL A 186 -2.17 22.88 -2.12
N TYR A 187 -2.54 23.80 -1.24
CA TYR A 187 -3.89 23.82 -0.71
C TYR A 187 -4.15 25.02 0.16
N ASP A 188 -5.43 25.29 0.41
CA ASP A 188 -5.81 26.40 1.28
C ASP A 188 -6.69 25.85 2.39
N TYR A 189 -6.08 25.53 3.53
CA TYR A 189 -6.81 24.99 4.66
C TYR A 189 -7.93 25.90 5.13
N LYS A 190 -9.07 25.30 5.43
CA LYS A 190 -10.22 26.05 5.93
C LYS A 190 -10.41 25.52 7.34
N GLY A 191 -9.35 24.88 7.83
CA GLY A 191 -9.40 24.31 9.17
C GLY A 191 -8.10 23.60 9.43
N SER A 192 -8.01 22.95 10.58
CA SER A 192 -6.80 22.22 10.93
C SER A 192 -6.71 20.93 10.14
N GLY A 193 -5.48 20.50 9.91
CA GLY A 193 -5.24 19.28 9.16
C GLY A 193 -3.77 18.92 9.21
N VAL A 194 -3.33 18.11 8.25
CA VAL A 194 -1.95 17.68 8.17
C VAL A 194 -1.39 18.02 6.80
N ALA A 195 -0.08 18.20 6.75
CA ALA A 195 0.60 18.52 5.51
C ALA A 195 1.90 17.74 5.49
N MET A 196 2.39 17.43 4.29
CA MET A 196 3.67 16.72 4.18
C MET A 196 4.24 16.96 2.80
N ALA A 197 5.51 16.61 2.63
CA ALA A 197 6.18 16.77 1.36
C ALA A 197 7.36 15.79 1.32
N MET A 198 7.54 15.10 0.20
CA MET A 198 8.64 14.14 0.08
C MET A 198 9.41 14.34 -1.22
N TYR A 199 10.49 13.59 -1.42
CA TYR A 199 11.28 13.76 -2.63
C TYR A 199 12.00 12.50 -3.05
N ASN A 200 12.83 12.65 -4.07
CA ASN A 200 13.65 11.57 -4.59
C ASN A 200 14.46 12.17 -5.73
N THR A 201 15.60 11.56 -6.07
CA THR A 201 16.44 12.10 -7.13
C THR A 201 16.49 11.22 -8.37
N ASP A 202 16.71 11.85 -9.52
CA ASP A 202 16.81 11.12 -10.78
C ASP A 202 18.01 10.18 -10.68
N GLU A 203 19.09 10.68 -10.08
CA GLU A 203 20.30 9.90 -9.90
C GLU A 203 19.98 8.60 -9.15
N SER A 204 19.25 8.74 -8.05
CA SER A 204 18.87 7.59 -7.24
C SER A 204 18.05 6.63 -8.08
N ILE A 205 17.00 7.15 -8.72
CA ILE A 205 16.16 6.31 -9.54
C ILE A 205 16.95 5.54 -10.61
N GLU A 206 17.95 6.18 -11.22
CA GLU A 206 18.77 5.51 -12.23
C GLU A 206 19.41 4.27 -11.59
N GLY A 207 19.94 4.47 -10.39
CA GLY A 207 20.59 3.39 -9.67
C GLY A 207 19.61 2.27 -9.39
N PHE A 208 18.46 2.64 -8.84
CA PHE A 208 17.42 1.68 -8.53
C PHE A 208 17.07 0.89 -9.80
N ALA A 209 16.91 1.61 -10.91
CA ALA A 209 16.58 0.97 -12.18
C ALA A 209 17.70 0.02 -12.64
N HIS A 210 18.92 0.55 -12.69
CA HIS A 210 20.05 -0.28 -13.10
C HIS A 210 20.08 -1.54 -12.26
N SER A 211 20.20 -1.37 -10.94
CA SER A 211 20.24 -2.50 -10.01
C SER A 211 19.16 -3.52 -10.34
N SER A 212 17.92 -3.05 -10.46
CA SER A 212 16.80 -3.92 -10.78
C SER A 212 17.13 -4.81 -11.98
N PHE A 213 17.28 -4.18 -13.15
CA PHE A 213 17.59 -4.91 -14.37
C PHE A 213 18.72 -5.94 -14.17
N LYS A 214 19.89 -5.49 -13.73
CA LYS A 214 21.00 -6.40 -13.52
C LYS A 214 20.55 -7.66 -12.78
N LEU A 215 19.70 -7.48 -11.77
CA LEU A 215 19.20 -8.61 -11.00
C LEU A 215 18.29 -9.49 -11.84
N ALA A 216 17.48 -8.86 -12.69
CA ALA A 216 16.56 -9.57 -13.57
C ALA A 216 17.35 -10.50 -14.49
N ILE A 217 18.47 -10.00 -14.98
CA ILE A 217 19.32 -10.76 -15.87
C ILE A 217 20.01 -11.87 -15.09
N ASP A 218 20.79 -11.49 -14.08
CA ASP A 218 21.53 -12.45 -13.25
C ASP A 218 20.64 -13.63 -12.86
N LYS A 219 19.40 -13.35 -12.47
CA LYS A 219 18.47 -14.41 -12.07
C LYS A 219 17.52 -14.83 -13.18
N LYS A 220 17.68 -14.22 -14.35
CA LYS A 220 16.87 -14.53 -15.52
C LYS A 220 15.37 -14.59 -15.18
N LEU A 221 14.83 -13.46 -14.72
CA LEU A 221 13.43 -13.34 -14.35
C LEU A 221 12.86 -12.06 -14.96
N ASN A 222 11.55 -12.05 -15.18
CA ASN A 222 10.90 -10.85 -15.74
C ASN A 222 10.97 -9.73 -14.70
N LEU A 223 10.96 -8.50 -15.17
CA LEU A 223 11.05 -7.35 -14.29
C LEU A 223 9.89 -6.39 -14.45
N PHE A 224 9.03 -6.34 -13.43
CA PHE A 224 7.89 -5.44 -13.44
C PHE A 224 8.15 -4.23 -12.55
N LEU A 225 7.89 -3.03 -13.08
CA LEU A 225 8.03 -1.81 -12.29
C LEU A 225 6.59 -1.35 -12.07
N SER A 226 6.15 -1.20 -10.83
CA SER A 226 4.80 -0.76 -10.59
C SER A 226 4.82 0.70 -10.19
N THR A 227 3.71 1.39 -10.45
CA THR A 227 3.65 2.82 -10.16
C THR A 227 2.20 3.28 -10.20
N LYS A 228 1.96 4.56 -9.91
CA LYS A 228 0.62 5.09 -9.95
C LYS A 228 0.65 6.42 -10.73
N ASN A 229 1.32 6.40 -11.87
CA ASN A 229 1.45 7.59 -12.71
C ASN A 229 0.13 8.24 -13.13
N THR A 230 -0.94 7.46 -13.27
CA THR A 230 -2.21 8.08 -13.64
C THR A 230 -2.55 9.17 -12.63
N ILE A 231 -2.10 8.99 -11.39
CA ILE A 231 -2.39 9.98 -10.35
C ILE A 231 -1.23 10.96 -10.13
N LEU A 232 -0.03 10.44 -9.95
CA LEU A 232 1.15 11.28 -9.76
C LEU A 232 1.88 11.15 -11.09
N LYS A 233 1.40 11.93 -12.05
CA LYS A 233 1.92 11.93 -13.42
C LYS A 233 3.39 12.33 -13.53
N LYS A 234 3.77 13.39 -12.83
CA LYS A 234 5.16 13.83 -12.88
C LYS A 234 6.06 12.95 -12.02
N TYR A 235 5.68 12.79 -10.75
CA TYR A 235 6.45 12.01 -9.78
C TYR A 235 6.64 10.54 -10.17
N ASP A 236 5.54 9.81 -10.26
CA ASP A 236 5.59 8.40 -10.65
C ASP A 236 6.00 8.28 -12.10
N GLY A 237 5.68 9.30 -12.88
CA GLY A 237 6.03 9.31 -14.28
C GLY A 237 7.53 9.20 -14.46
N ARG A 238 8.26 9.97 -13.66
CA ARG A 238 9.71 9.97 -13.72
C ARG A 238 10.26 8.56 -13.55
N PHE A 239 9.71 7.83 -12.58
CA PHE A 239 10.17 6.47 -12.34
C PHE A 239 9.95 5.62 -13.58
N LYS A 240 8.78 5.78 -14.18
CA LYS A 240 8.41 5.03 -15.38
C LYS A 240 9.34 5.38 -16.53
N ASP A 241 9.62 6.67 -16.68
CA ASP A 241 10.48 7.14 -17.75
C ASP A 241 11.93 6.68 -17.60
N ILE A 242 12.59 7.10 -16.52
CA ILE A 242 13.98 6.72 -16.30
C ILE A 242 14.16 5.21 -16.43
N PHE A 243 13.16 4.45 -15.97
CA PHE A 243 13.25 3.00 -16.08
C PHE A 243 13.30 2.59 -17.54
N GLN A 244 12.36 3.07 -18.33
CA GLN A 244 12.31 2.76 -19.75
C GLN A 244 13.55 3.24 -20.46
N GLU A 245 13.97 4.46 -20.15
CA GLU A 245 15.18 5.04 -20.75
C GLU A 245 16.36 4.12 -20.53
N VAL A 246 16.55 3.66 -19.29
CA VAL A 246 17.66 2.77 -18.97
C VAL A 246 17.54 1.42 -19.69
N TYR A 247 16.31 0.90 -19.74
CA TYR A 247 16.06 -0.38 -20.37
C TYR A 247 16.65 -0.42 -21.77
N GLU A 248 16.05 0.35 -22.68
CA GLU A 248 16.49 0.43 -24.06
C GLU A 248 17.93 0.95 -24.16
N ALA A 249 18.34 1.78 -23.20
CA ALA A 249 19.68 2.36 -23.22
C ALA A 249 20.82 1.37 -22.96
N GLN A 250 20.53 0.19 -22.41
CA GLN A 250 21.59 -0.78 -22.17
C GLN A 250 21.21 -2.12 -21.56
N TYR A 251 19.96 -2.54 -21.74
CA TYR A 251 19.51 -3.83 -21.21
C TYR A 251 18.60 -4.60 -22.16
N LYS A 252 17.68 -3.87 -22.81
CA LYS A 252 16.73 -4.47 -23.75
C LYS A 252 17.40 -5.48 -24.67
N SER A 253 18.71 -5.31 -24.85
CA SER A 253 19.50 -6.20 -25.70
C SER A 253 19.57 -7.58 -25.03
N LYS A 254 20.19 -7.60 -23.87
CA LYS A 254 20.39 -8.80 -23.07
C LYS A 254 19.07 -9.44 -22.64
N PHE A 255 18.02 -8.63 -22.55
CA PHE A 255 16.70 -9.11 -22.15
C PHE A 255 16.09 -9.98 -23.26
N GLU A 256 15.93 -9.39 -24.45
CA GLU A 256 15.35 -10.11 -25.58
C GLU A 256 16.20 -11.34 -25.86
N GLN A 257 17.50 -11.22 -25.56
CA GLN A 257 18.44 -12.31 -25.75
C GLN A 257 18.14 -13.45 -24.78
N LEU A 258 17.80 -13.11 -23.54
CA LEU A 258 17.50 -14.10 -22.51
C LEU A 258 16.05 -14.57 -22.51
N GLY A 259 15.15 -13.78 -23.10
CA GLY A 259 13.75 -14.15 -23.15
C GLY A 259 12.93 -13.62 -21.99
N ILE A 260 13.43 -12.56 -21.38
CA ILE A 260 12.77 -11.93 -20.24
C ILE A 260 12.21 -10.59 -20.69
N HIS A 261 11.12 -10.15 -20.08
CA HIS A 261 10.54 -8.88 -20.47
C HIS A 261 10.29 -7.92 -19.31
N TYR A 262 10.85 -6.71 -19.42
CA TYR A 262 10.63 -5.70 -18.40
C TYR A 262 9.22 -5.18 -18.73
N GLU A 263 8.67 -4.32 -17.90
CA GLU A 263 7.34 -3.76 -18.14
C GLU A 263 6.78 -3.00 -16.94
N HIS A 264 6.27 -1.80 -17.20
CA HIS A 264 5.67 -0.98 -16.15
C HIS A 264 4.17 -1.21 -16.16
N ARG A 265 3.60 -1.34 -14.97
CA ARG A 265 2.16 -1.54 -14.82
C ARG A 265 1.68 -0.63 -13.68
N LEU A 266 0.36 -0.47 -13.56
CA LEU A 266 -0.16 0.35 -12.48
C LEU A 266 -0.11 -0.55 -11.23
N ILE A 267 0.30 0.04 -10.10
CA ILE A 267 0.41 -0.71 -8.85
C ILE A 267 -0.81 -1.62 -8.67
N ASP A 268 -2.01 -1.05 -8.80
CA ASP A 268 -3.28 -1.76 -8.65
C ASP A 268 -3.27 -3.05 -9.44
N ASP A 269 -2.74 -2.97 -10.65
CA ASP A 269 -2.71 -4.11 -11.53
C ASP A 269 -1.67 -5.14 -11.03
N MET A 270 -0.44 -4.68 -10.86
CA MET A 270 0.63 -5.57 -10.41
C MET A 270 0.30 -6.36 -9.15
N VAL A 271 -0.25 -5.72 -8.14
CA VAL A 271 -0.55 -6.46 -6.91
C VAL A 271 -1.57 -7.55 -7.16
N ALA A 272 -2.53 -7.26 -8.04
CA ALA A 272 -3.59 -8.20 -8.39
C ALA A 272 -3.02 -9.34 -9.25
N GLN A 273 -2.19 -8.99 -10.25
CA GLN A 273 -1.56 -9.98 -11.09
C GLN A 273 -0.82 -10.94 -10.16
N MET A 274 0.10 -10.35 -9.38
CA MET A 274 0.93 -11.07 -8.40
C MET A 274 0.13 -12.07 -7.58
N ILE A 275 -0.90 -11.59 -6.89
CA ILE A 275 -1.71 -12.47 -6.08
C ILE A 275 -2.23 -13.71 -6.82
N LYS A 276 -2.65 -13.55 -8.07
CA LYS A 276 -3.18 -14.70 -8.81
C LYS A 276 -2.13 -15.43 -9.65
N SER A 277 -0.90 -14.93 -9.64
CA SER A 277 0.16 -15.56 -10.41
C SER A 277 0.69 -16.82 -9.75
N LYS A 278 1.69 -17.41 -10.40
CA LYS A 278 2.34 -18.62 -9.89
C LYS A 278 3.66 -18.17 -9.27
N GLY A 279 3.93 -16.87 -9.39
CA GLY A 279 5.16 -16.31 -8.86
C GLY A 279 6.22 -16.43 -9.94
N GLY A 280 7.48 -16.28 -9.56
CA GLY A 280 8.56 -16.41 -10.53
C GLY A 280 8.89 -15.14 -11.26
N PHE A 281 8.86 -14.01 -10.55
CA PHE A 281 9.19 -12.73 -11.16
C PHE A 281 9.71 -11.72 -10.15
N ILE A 282 10.25 -10.61 -10.67
CA ILE A 282 10.79 -9.56 -9.83
C ILE A 282 9.96 -8.30 -9.96
N MET A 283 9.47 -7.81 -8.81
CA MET A 283 8.65 -6.60 -8.74
C MET A 283 9.46 -5.42 -8.20
N ALA A 284 9.96 -4.58 -9.09
CA ALA A 284 10.71 -3.41 -8.63
C ALA A 284 9.61 -2.46 -8.16
N LEU A 285 9.66 -2.09 -6.89
CA LEU A 285 8.66 -1.21 -6.32
C LEU A 285 9.26 0.03 -5.69
N LYS A 286 8.44 1.07 -5.58
CA LYS A 286 8.88 2.29 -4.94
C LYS A 286 9.03 1.94 -3.44
N ASN A 287 9.92 2.66 -2.78
CA ASN A 287 10.22 2.48 -1.36
C ASN A 287 9.01 2.10 -0.48
N TYR A 288 8.03 2.99 -0.36
CA TYR A 288 6.86 2.70 0.47
C TYR A 288 6.14 1.43 0.03
N ASP A 289 6.05 1.21 -1.29
CA ASP A 289 5.40 0.02 -1.81
C ASP A 289 6.23 -1.23 -1.50
N GLY A 290 7.54 -1.12 -1.74
CA GLY A 290 8.43 -2.23 -1.47
C GLY A 290 8.26 -2.71 -0.04
N ASP A 291 8.14 -1.75 0.87
CA ASP A 291 7.94 -2.06 2.29
C ASP A 291 6.68 -2.89 2.46
N VAL A 292 5.52 -2.29 2.25
CA VAL A 292 4.25 -2.99 2.41
C VAL A 292 4.06 -4.29 1.63
N GLN A 293 4.48 -4.32 0.37
CA GLN A 293 4.30 -5.55 -0.43
C GLN A 293 5.15 -6.72 0.05
N SER A 294 6.40 -6.44 0.42
CA SER A 294 7.28 -7.50 0.87
C SER A 294 6.74 -8.28 2.06
N ASP A 295 5.87 -7.65 2.85
CA ASP A 295 5.26 -8.33 3.99
C ASP A 295 4.16 -9.26 3.50
N ILE A 296 3.39 -8.74 2.54
CA ILE A 296 2.32 -9.49 1.92
C ILE A 296 2.97 -10.74 1.30
N VAL A 297 3.99 -10.52 0.48
CA VAL A 297 4.70 -11.60 -0.17
C VAL A 297 5.30 -12.60 0.83
N ALA A 298 5.97 -12.08 1.86
CA ALA A 298 6.59 -12.95 2.83
C ALA A 298 5.54 -13.78 3.57
N GLN A 299 4.45 -13.14 3.98
CA GLN A 299 3.39 -13.86 4.69
C GLN A 299 2.70 -14.85 3.74
N GLY A 300 2.61 -14.44 2.46
CA GLY A 300 1.99 -15.27 1.46
C GLY A 300 2.73 -16.59 1.24
N PHE A 301 4.05 -16.53 1.29
CA PHE A 301 4.83 -17.75 1.11
C PHE A 301 4.94 -18.62 2.35
N GLY A 302 4.49 -18.12 3.49
CA GLY A 302 4.59 -18.91 4.71
C GLY A 302 4.54 -18.12 6.01
N SER A 303 5.57 -17.31 6.25
CA SER A 303 5.61 -16.47 7.44
C SER A 303 6.68 -15.41 7.29
N LEU A 304 6.45 -14.28 7.95
CA LEU A 304 7.39 -13.18 7.89
C LEU A 304 8.81 -13.65 8.25
N GLY A 305 8.88 -14.70 9.07
CA GLY A 305 10.17 -15.24 9.48
C GLY A 305 10.99 -15.88 8.36
N LEU A 306 10.35 -16.27 7.26
CA LEU A 306 11.05 -16.89 6.14
C LEU A 306 11.25 -15.96 4.95
N MET A 307 12.00 -14.88 5.17
CA MET A 307 12.31 -13.91 4.13
C MET A 307 13.61 -13.13 4.38
N THR A 308 14.48 -13.12 3.38
CA THR A 308 15.75 -12.41 3.50
C THR A 308 15.65 -11.00 2.94
N SER A 309 16.44 -10.10 3.51
CA SER A 309 16.48 -8.71 3.09
C SER A 309 17.90 -8.17 3.12
N ILE A 310 18.39 -7.70 1.99
CA ILE A 310 19.73 -7.17 1.93
C ILE A 310 19.80 -5.91 1.06
N LEU A 311 20.49 -4.90 1.55
CA LEU A 311 20.63 -3.66 0.82
C LEU A 311 21.88 -3.68 -0.06
N VAL A 312 21.73 -3.29 -1.31
CA VAL A 312 22.85 -3.27 -2.23
C VAL A 312 23.00 -1.86 -2.76
N THR A 313 24.11 -1.19 -2.41
CA THR A 313 24.31 0.17 -2.89
C THR A 313 24.46 0.14 -4.41
N PRO A 314 24.24 1.27 -5.08
CA PRO A 314 24.36 1.32 -6.54
C PRO A 314 25.70 0.75 -7.02
N ASP A 315 26.74 0.92 -6.21
CA ASP A 315 28.07 0.43 -6.53
C ASP A 315 28.05 -1.08 -6.71
N GLY A 316 27.53 -1.76 -5.71
CA GLY A 316 27.50 -3.20 -5.75
C GLY A 316 28.68 -3.64 -4.92
N LYS A 317 29.16 -2.72 -4.07
CA LYS A 317 30.30 -2.97 -3.20
C LYS A 317 30.03 -2.60 -1.73
N THR A 318 28.77 -2.32 -1.42
CA THR A 318 28.35 -1.99 -0.06
C THR A 318 27.04 -2.72 0.21
N PHE A 319 26.96 -3.45 1.32
CA PHE A 319 25.78 -4.23 1.66
C PHE A 319 25.33 -4.16 3.12
N GLU A 320 24.04 -4.45 3.33
CA GLU A 320 23.44 -4.47 4.66
C GLU A 320 22.39 -5.58 4.68
N SER A 321 22.73 -6.68 5.32
CA SER A 321 21.84 -7.83 5.43
C SER A 321 20.98 -7.62 6.70
N GLU A 322 19.72 -8.06 6.66
CA GLU A 322 18.81 -7.90 7.81
C GLU A 322 17.62 -8.83 7.63
N ALA A 323 16.85 -9.01 8.68
CA ALA A 323 15.65 -9.83 8.55
C ALA A 323 14.64 -8.80 8.04
N ALA A 324 13.59 -9.24 7.37
CA ALA A 324 12.61 -8.28 6.86
C ALA A 324 11.57 -7.87 7.88
N HIS A 325 11.47 -8.64 8.97
CA HIS A 325 10.49 -8.36 10.04
C HIS A 325 11.01 -7.42 11.15
N GLY A 326 10.09 -7.04 12.03
CA GLY A 326 10.41 -6.16 13.15
C GLY A 326 10.92 -6.90 14.38
N THR A 327 10.89 -6.22 15.53
CA THR A 327 11.41 -6.78 16.78
C THR A 327 10.50 -7.80 17.46
N VAL A 328 9.29 -7.95 16.92
CA VAL A 328 8.33 -8.93 17.42
C VAL A 328 7.86 -8.69 18.85
N THR A 329 7.40 -7.47 19.12
CA THR A 329 6.94 -7.05 20.44
C THR A 329 5.93 -7.97 21.12
N ARG A 330 4.87 -8.35 20.42
CA ARG A 330 3.87 -9.24 21.02
C ARG A 330 4.53 -10.46 21.64
N HIS A 331 5.55 -11.00 20.98
CA HIS A 331 6.23 -12.16 21.53
C HIS A 331 7.14 -11.71 22.66
N TYR A 332 7.87 -10.62 22.44
CA TYR A 332 8.76 -10.12 23.48
C TYR A 332 7.98 -9.92 24.77
N ARG A 333 6.74 -9.45 24.65
CA ARG A 333 5.89 -9.22 25.80
C ARG A 333 5.68 -10.50 26.60
N LYS A 334 5.45 -11.61 25.90
CA LYS A 334 5.25 -12.89 26.56
C LYS A 334 6.52 -13.24 27.34
N TYR A 335 7.67 -13.15 26.67
CA TYR A 335 8.97 -13.43 27.28
C TYR A 335 9.18 -12.63 28.56
N GLN A 336 8.79 -11.35 28.51
CA GLN A 336 8.97 -10.47 29.65
C GLN A 336 8.33 -10.99 30.92
N LYS A 337 7.24 -11.74 30.78
CA LYS A 337 6.60 -12.25 31.96
C LYS A 337 6.75 -13.75 32.15
N GLY A 338 7.97 -14.22 31.95
CA GLY A 338 8.28 -15.64 32.12
C GLY A 338 7.45 -16.66 31.36
N GLU A 339 6.86 -16.28 30.23
CA GLU A 339 6.08 -17.22 29.44
C GLU A 339 6.93 -17.75 28.30
N GLU A 340 6.52 -18.88 27.72
CA GLU A 340 7.29 -19.47 26.65
C GLU A 340 7.11 -18.72 25.33
N THR A 341 8.07 -18.91 24.43
CA THR A 341 8.08 -18.22 23.15
C THR A 341 8.33 -19.13 21.97
N SER A 342 7.79 -18.73 20.82
CA SER A 342 7.96 -19.50 19.62
C SER A 342 8.14 -18.51 18.47
N THR A 343 9.24 -17.78 18.52
CA THR A 343 9.52 -16.82 17.46
C THR A 343 10.44 -17.49 16.46
N ASN A 344 10.17 -17.28 15.18
CA ASN A 344 10.96 -17.85 14.10
C ASN A 344 12.30 -17.08 13.99
N SER A 345 13.41 -17.81 14.05
CA SER A 345 14.77 -17.23 13.97
C SER A 345 15.45 -17.35 12.61
N ILE A 346 14.83 -18.10 11.71
CA ILE A 346 15.40 -18.30 10.37
C ILE A 346 15.76 -17.00 9.67
N ALA A 347 14.86 -16.02 9.69
CA ALA A 347 15.17 -14.75 9.05
C ALA A 347 16.46 -14.21 9.65
N SER A 348 16.47 -14.10 10.98
CA SER A 348 17.65 -13.59 11.68
C SER A 348 18.92 -14.33 11.26
N ILE A 349 18.92 -15.65 11.35
CA ILE A 349 20.10 -16.42 10.97
C ILE A 349 20.55 -16.09 9.54
N PHE A 350 19.62 -16.05 8.59
CA PHE A 350 20.00 -15.72 7.20
C PHE A 350 20.53 -14.30 7.09
N ALA A 351 20.08 -13.42 7.98
CA ALA A 351 20.58 -12.06 7.95
C ALA A 351 22.09 -12.19 8.16
N TRP A 352 22.46 -13.10 9.06
CA TRP A 352 23.88 -13.32 9.33
C TRP A 352 24.56 -13.99 8.13
N SER A 353 24.09 -15.18 7.75
CA SER A 353 24.67 -15.90 6.62
C SER A 353 24.78 -15.05 5.34
N ARG A 354 23.68 -14.42 4.95
CA ARG A 354 23.71 -13.61 3.73
C ARG A 354 24.75 -12.51 3.84
N GLY A 355 25.04 -12.08 5.06
CA GLY A 355 26.03 -11.02 5.25
C GLY A 355 27.45 -11.58 5.16
N LEU A 356 27.63 -12.79 5.69
CA LEU A 356 28.92 -13.44 5.66
C LEU A 356 29.20 -13.74 4.19
N LEU A 357 28.23 -14.34 3.52
CA LEU A 357 28.35 -14.65 2.10
C LEU A 357 28.80 -13.40 1.35
N LYS A 358 28.08 -12.30 1.55
CA LYS A 358 28.45 -11.06 0.87
C LYS A 358 29.86 -10.63 1.23
N ARG A 359 30.26 -10.86 2.48
CA ARG A 359 31.60 -10.49 2.89
C ARG A 359 32.58 -11.32 2.08
N GLY A 360 32.27 -12.61 1.95
CA GLY A 360 33.13 -13.52 1.21
C GLY A 360 33.34 -13.18 -0.26
N GLU A 361 32.28 -12.89 -1.00
CA GLU A 361 32.41 -12.55 -2.40
C GLU A 361 33.22 -11.29 -2.59
N LEU A 362 33.54 -10.62 -1.50
CA LEU A 362 34.31 -9.38 -1.57
C LEU A 362 35.77 -9.56 -1.14
N ASP A 363 36.04 -10.60 -0.38
CA ASP A 363 37.40 -10.88 0.09
C ASP A 363 37.90 -12.19 -0.49
N ASN A 364 37.21 -12.67 -1.52
CA ASN A 364 37.55 -13.93 -2.17
C ASN A 364 37.97 -14.91 -1.09
N THR A 365 37.02 -15.22 -0.22
CA THR A 365 37.24 -16.14 0.89
C THR A 365 36.27 -17.30 0.77
N PRO A 366 36.46 -18.15 -0.25
CA PRO A 366 35.60 -19.32 -0.48
C PRO A 366 35.35 -20.14 0.78
N ALA A 367 36.27 -20.08 1.74
CA ALA A 367 36.12 -20.82 2.99
C ALA A 367 34.87 -20.34 3.74
N LEU A 368 34.67 -19.01 3.76
CA LEU A 368 33.54 -18.41 4.44
C LEU A 368 32.26 -18.75 3.68
N CYS A 369 32.25 -18.43 2.39
CA CYS A 369 31.11 -18.70 1.53
C CYS A 369 30.64 -20.13 1.74
N LYS A 370 31.55 -21.01 2.12
CA LYS A 370 31.20 -22.40 2.38
C LYS A 370 30.45 -22.52 3.70
N PHE A 371 30.94 -21.81 4.71
CA PHE A 371 30.29 -21.85 6.03
C PHE A 371 28.88 -21.33 5.90
N ALA A 372 28.72 -20.21 5.21
CA ALA A 372 27.41 -19.60 5.03
C ALA A 372 26.42 -20.65 4.56
N ASN A 373 26.65 -21.19 3.37
CA ASN A 373 25.77 -22.20 2.79
C ASN A 373 25.48 -23.38 3.72
N ILE A 374 26.46 -23.80 4.50
CA ILE A 374 26.24 -24.92 5.40
C ILE A 374 25.36 -24.48 6.56
N LEU A 375 25.46 -23.19 6.90
CA LEU A 375 24.69 -22.60 7.98
C LEU A 375 23.22 -22.58 7.54
N GLU A 376 23.01 -22.09 6.32
CA GLU A 376 21.67 -22.02 5.73
C GLU A 376 21.12 -23.43 5.66
N SER A 377 21.92 -24.32 5.08
CA SER A 377 21.57 -25.71 4.93
C SER A 377 20.99 -26.28 6.22
N ALA A 378 21.80 -26.25 7.27
CA ALA A 378 21.40 -26.77 8.58
C ALA A 378 20.19 -26.03 9.18
N THR A 379 20.13 -24.73 8.95
CA THR A 379 19.01 -23.97 9.49
C THR A 379 17.71 -24.50 8.88
N LEU A 380 17.73 -24.70 7.57
CA LEU A 380 16.56 -25.18 6.85
C LEU A 380 16.26 -26.68 7.02
N ASN A 381 17.28 -27.51 7.05
CA ASN A 381 17.05 -28.94 7.23
C ASN A 381 16.53 -29.26 8.64
N THR A 382 16.63 -28.32 9.56
CA THR A 382 16.14 -28.55 10.91
C THR A 382 14.61 -28.65 10.82
N VAL A 383 14.07 -27.98 9.80
CA VAL A 383 12.64 -27.97 9.55
C VAL A 383 12.34 -29.00 8.46
N GLN A 384 13.06 -28.89 7.36
CA GLN A 384 12.90 -29.79 6.22
C GLN A 384 13.12 -31.26 6.57
N GLN A 385 14.23 -31.57 7.22
CA GLN A 385 14.57 -32.95 7.60
C GLN A 385 14.07 -33.40 8.95
N ASP A 386 14.68 -32.86 10.00
CA ASP A 386 14.35 -33.24 11.38
C ASP A 386 12.97 -32.81 11.86
N GLY A 387 12.30 -31.97 11.10
CA GLY A 387 10.97 -31.52 11.46
C GLY A 387 10.86 -30.73 12.74
N ILE A 388 11.82 -29.84 12.97
CA ILE A 388 11.79 -29.03 14.17
C ILE A 388 11.51 -27.63 13.71
N MET A 389 10.39 -27.09 14.19
CA MET A 389 10.00 -25.74 13.78
C MET A 389 9.25 -24.97 14.86
N THR A 390 9.13 -23.67 14.63
CA THR A 390 8.44 -22.78 15.53
C THR A 390 6.95 -22.72 15.16
N LYS A 391 6.12 -22.33 16.13
CA LYS A 391 4.67 -22.25 15.96
C LYS A 391 4.11 -21.66 14.66
N ASP A 392 4.75 -20.64 14.10
CA ASP A 392 4.23 -20.08 12.87
C ASP A 392 4.31 -21.11 11.76
N LEU A 393 5.42 -21.84 11.66
CA LEU A 393 5.55 -22.84 10.60
C LEU A 393 4.70 -24.08 10.89
N ALA A 394 4.34 -24.30 12.15
CA ALA A 394 3.50 -25.45 12.49
C ALA A 394 2.12 -25.17 11.93
N LEU A 395 1.58 -23.99 12.30
CA LEU A 395 0.24 -23.57 11.85
C LEU A 395 0.19 -23.47 10.34
N ALA A 396 1.34 -23.20 9.72
CA ALA A 396 1.40 -23.12 8.27
C ALA A 396 1.04 -24.53 7.78
N CYS A 397 1.61 -25.54 8.45
CA CYS A 397 1.36 -26.94 8.14
C CYS A 397 -0.06 -27.33 8.56
N GLY A 398 -0.68 -26.52 9.41
CA GLY A 398 -2.02 -26.81 9.85
C GLY A 398 -2.18 -27.57 11.16
N ASN A 399 -1.21 -27.46 12.07
CA ASN A 399 -1.32 -28.18 13.33
C ASN A 399 -1.29 -27.22 14.51
N ASN A 400 -2.43 -27.08 15.17
CA ASN A 400 -2.57 -26.19 16.32
C ASN A 400 -1.94 -26.84 17.54
N GLU A 401 -1.96 -28.17 17.56
CA GLU A 401 -1.41 -28.96 18.65
C GLU A 401 -0.07 -28.42 19.14
N ARG A 402 0.01 -28.16 20.44
CA ARG A 402 1.22 -27.63 21.02
C ARG A 402 2.45 -28.45 20.61
N SER A 403 2.29 -29.77 20.60
CA SER A 403 3.39 -30.68 20.26
C SER A 403 3.95 -30.58 18.83
N ALA A 404 3.42 -29.69 18.01
CA ALA A 404 3.88 -29.56 16.62
C ALA A 404 5.05 -28.62 16.43
N TYR A 405 5.25 -27.71 17.39
CA TYR A 405 6.34 -26.73 17.32
C TYR A 405 7.14 -26.68 18.61
N VAL A 406 8.30 -26.04 18.54
CA VAL A 406 9.16 -25.92 19.71
C VAL A 406 9.47 -24.46 19.97
N THR A 407 9.89 -24.17 21.19
CA THR A 407 10.21 -22.82 21.62
C THR A 407 11.31 -22.14 20.79
N THR A 408 11.43 -20.83 20.95
CA THR A 408 12.43 -20.03 20.27
C THR A 408 13.83 -20.59 20.51
N GLU A 409 14.12 -20.82 21.79
CA GLU A 409 15.41 -21.36 22.22
C GLU A 409 15.53 -22.79 21.74
N GLU A 410 14.46 -23.57 21.88
CA GLU A 410 14.50 -24.95 21.43
C GLU A 410 14.89 -25.05 19.94
N PHE A 411 14.21 -24.31 19.07
CA PHE A 411 14.50 -24.34 17.65
C PHE A 411 15.95 -23.97 17.41
N LEU A 412 16.38 -22.88 18.04
CA LEU A 412 17.75 -22.43 17.90
C LEU A 412 18.77 -23.49 18.32
N ASP A 413 18.52 -24.23 19.39
CA ASP A 413 19.47 -25.26 19.80
C ASP A 413 19.58 -26.37 18.76
N ALA A 414 18.45 -26.70 18.15
CA ALA A 414 18.38 -27.71 17.10
C ALA A 414 19.22 -27.29 15.90
N VAL A 415 19.14 -26.01 15.53
CA VAL A 415 19.95 -25.55 14.41
C VAL A 415 21.41 -25.66 14.82
N GLU A 416 21.70 -25.39 16.10
CA GLU A 416 23.08 -25.49 16.56
C GLU A 416 23.57 -26.92 16.44
N LYS A 417 22.79 -27.85 16.99
CA LYS A 417 23.15 -29.27 16.96
C LYS A 417 23.35 -29.77 15.53
N ARG A 418 22.39 -29.49 14.65
CA ARG A 418 22.50 -29.92 13.27
C ARG A 418 23.62 -29.19 12.54
N LEU A 419 23.97 -28.00 13.01
CA LEU A 419 25.04 -27.26 12.37
C LEU A 419 26.32 -28.06 12.58
N GLN A 420 26.55 -28.49 13.81
CA GLN A 420 27.73 -29.27 14.14
C GLN A 420 27.87 -30.44 13.17
N LYS A 421 26.83 -31.27 13.11
CA LYS A 421 26.82 -32.43 12.22
C LYS A 421 27.28 -32.11 10.81
N GLU A 422 26.43 -31.41 10.05
CA GLU A 422 26.72 -31.05 8.67
C GLU A 422 28.07 -30.36 8.43
N ILE A 423 28.80 -30.05 9.48
CA ILE A 423 30.11 -29.40 9.32
C ILE A 423 31.24 -30.41 9.23
N LYS A 424 31.01 -31.60 9.78
CA LYS A 424 32.02 -32.65 9.74
C LYS A 424 32.34 -33.06 8.30
N SER A 425 31.46 -32.69 7.38
CA SER A 425 31.64 -33.01 5.97
C SER A 425 32.19 -31.80 5.20
N PHE B 16 -44.76 -7.11 -16.77
CA PHE B 16 -46.01 -6.38 -17.18
C PHE B 16 -46.28 -5.13 -16.34
N SER B 17 -45.43 -4.89 -15.34
CA SER B 17 -45.57 -3.73 -14.46
C SER B 17 -44.20 -3.17 -14.08
N LYS B 18 -44.12 -1.86 -13.87
CA LYS B 18 -42.86 -1.22 -13.51
C LYS B 18 -42.89 -0.50 -12.17
N ILE B 19 -41.79 -0.64 -11.42
CA ILE B 19 -41.62 -0.03 -10.12
C ILE B 19 -41.24 1.43 -10.30
N LYS B 20 -41.98 2.33 -9.69
CA LYS B 20 -41.68 3.74 -9.83
C LYS B 20 -40.65 4.18 -8.81
N VAL B 21 -39.50 4.63 -9.29
CA VAL B 21 -38.42 5.09 -8.43
C VAL B 21 -38.65 6.56 -8.12
N LYS B 22 -38.74 6.89 -6.83
CA LYS B 22 -39.01 8.25 -6.38
C LYS B 22 -38.05 9.30 -6.94
N GLN B 23 -36.94 9.54 -6.25
CA GLN B 23 -35.97 10.54 -6.71
C GLN B 23 -35.13 10.07 -7.90
N PRO B 24 -34.49 11.02 -8.60
CA PRO B 24 -33.66 10.63 -9.75
C PRO B 24 -32.27 10.10 -9.40
N VAL B 25 -31.80 9.17 -10.23
CA VAL B 25 -30.49 8.56 -10.04
C VAL B 25 -29.54 9.20 -11.03
N VAL B 26 -28.34 9.54 -10.58
CA VAL B 26 -27.37 10.12 -11.50
C VAL B 26 -26.55 8.98 -12.10
N GLU B 27 -26.39 8.99 -13.42
CA GLU B 27 -25.62 7.96 -14.10
C GLU B 27 -24.42 8.56 -14.80
N LEU B 28 -23.25 7.97 -14.59
CA LEU B 28 -22.00 8.45 -15.23
C LEU B 28 -21.44 7.33 -16.11
N ASP B 29 -21.54 7.51 -17.43
CA ASP B 29 -21.07 6.48 -18.36
C ASP B 29 -19.55 6.49 -18.49
N GLY B 30 -18.97 5.31 -18.69
CA GLY B 30 -17.53 5.20 -18.80
C GLY B 30 -16.91 4.84 -20.14
N ASP B 31 -15.81 4.10 -20.12
CA ASP B 31 -15.10 3.72 -21.33
C ASP B 31 -14.86 2.23 -21.48
N GLU B 32 -14.33 1.92 -22.66
CA GLU B 32 -13.95 0.59 -23.06
C GLU B 32 -14.91 -0.55 -22.73
N MET B 33 -14.37 -1.65 -22.25
CA MET B 33 -15.15 -2.85 -21.93
C MET B 33 -16.35 -2.61 -21.01
N THR B 34 -16.10 -1.85 -19.97
CA THR B 34 -17.11 -1.53 -18.98
C THR B 34 -18.26 -0.67 -19.53
N ARG B 35 -18.05 0.03 -20.66
CA ARG B 35 -19.14 0.85 -21.24
C ARG B 35 -20.10 -0.08 -22.00
N ILE B 36 -19.55 -1.13 -22.57
CA ILE B 36 -20.32 -2.11 -23.30
C ILE B 36 -21.24 -2.82 -22.29
N ILE B 37 -20.63 -3.30 -21.21
CA ILE B 37 -21.34 -4.03 -20.18
C ILE B 37 -22.42 -3.19 -19.51
N TRP B 38 -22.08 -1.94 -19.25
CA TRP B 38 -22.98 -1.00 -18.61
C TRP B 38 -24.30 -0.94 -19.36
N ASP B 39 -24.24 -0.47 -20.60
CA ASP B 39 -25.42 -0.32 -21.44
C ASP B 39 -26.26 -1.57 -21.45
N LYS B 40 -25.65 -2.70 -21.79
CA LYS B 40 -26.37 -3.94 -21.81
C LYS B 40 -27.05 -4.19 -20.47
N ILE B 41 -26.44 -3.72 -19.39
CA ILE B 41 -27.05 -3.92 -18.09
C ILE B 41 -28.32 -3.10 -17.95
N LYS B 42 -28.26 -1.80 -18.17
CA LYS B 42 -29.45 -1.00 -18.02
C LYS B 42 -30.52 -1.22 -19.09
N LYS B 43 -30.22 -2.04 -20.07
CA LYS B 43 -31.18 -2.31 -21.14
C LYS B 43 -32.03 -3.54 -20.85
N LYS B 44 -31.38 -4.61 -20.41
CA LYS B 44 -32.07 -5.86 -20.11
C LYS B 44 -32.36 -6.06 -18.61
N LEU B 45 -31.48 -5.54 -17.76
CA LEU B 45 -31.63 -5.74 -16.32
C LEU B 45 -32.26 -4.63 -15.48
N ILE B 46 -32.22 -3.39 -15.94
CA ILE B 46 -32.76 -2.30 -15.13
C ILE B 46 -33.97 -1.56 -15.71
N LEU B 47 -33.80 -0.93 -16.87
CA LEU B 47 -34.91 -0.18 -17.48
C LEU B 47 -36.23 -0.94 -17.66
N PRO B 48 -36.18 -2.21 -18.08
CA PRO B 48 -37.40 -3.00 -18.27
C PRO B 48 -38.25 -3.14 -17.00
N TYR B 49 -37.63 -2.93 -15.83
CA TYR B 49 -38.34 -3.09 -14.59
C TYR B 49 -38.54 -1.86 -13.76
N LEU B 50 -37.88 -0.77 -14.11
CA LEU B 50 -38.02 0.44 -13.31
C LEU B 50 -38.43 1.66 -14.11
N ASP B 51 -39.14 2.55 -13.45
CA ASP B 51 -39.60 3.79 -14.03
C ASP B 51 -38.73 4.88 -13.40
N VAL B 52 -37.44 4.83 -13.75
CA VAL B 52 -36.47 5.77 -13.20
C VAL B 52 -36.13 6.92 -14.14
N ASP B 53 -35.86 8.08 -13.55
CA ASP B 53 -35.45 9.26 -14.30
C ASP B 53 -33.93 9.30 -14.17
N LEU B 54 -33.24 8.77 -15.18
CA LEU B 54 -31.80 8.76 -15.17
C LEU B 54 -31.29 10.09 -15.72
N LYS B 55 -30.44 10.76 -14.95
CA LYS B 55 -29.84 12.01 -15.40
C LYS B 55 -28.47 11.56 -15.93
N TYR B 56 -28.38 11.41 -17.25
CA TYR B 56 -27.16 10.95 -17.94
C TYR B 56 -26.00 11.96 -17.99
N TYR B 57 -24.80 11.42 -17.81
CA TYR B 57 -23.56 12.18 -17.85
C TYR B 57 -22.57 11.22 -18.48
N ASP B 58 -22.09 11.56 -19.66
CA ASP B 58 -21.14 10.68 -20.32
C ASP B 58 -19.75 11.06 -19.85
N LEU B 59 -19.05 10.13 -19.20
CA LEU B 59 -17.71 10.43 -18.73
C LEU B 59 -16.66 9.65 -19.52
N SER B 60 -16.95 9.41 -20.80
CA SER B 60 -16.02 8.73 -21.70
C SER B 60 -14.84 9.69 -21.93
N VAL B 61 -13.70 9.17 -22.35
CA VAL B 61 -12.56 10.06 -22.56
C VAL B 61 -12.92 11.19 -23.56
N GLU B 62 -13.50 10.79 -24.70
CA GLU B 62 -13.89 11.74 -25.75
C GLU B 62 -14.84 12.80 -25.21
N SER B 63 -15.76 12.38 -24.34
CA SER B 63 -16.71 13.33 -23.74
C SER B 63 -15.97 14.31 -22.82
N ARG B 64 -15.14 13.76 -21.92
CA ARG B 64 -14.38 14.59 -21.00
C ARG B 64 -13.44 15.54 -21.76
N ASP B 65 -12.77 14.99 -22.76
CA ASP B 65 -11.86 15.77 -23.58
C ASP B 65 -12.57 16.98 -24.21
N ALA B 66 -13.62 16.70 -24.98
CA ALA B 66 -14.39 17.75 -25.64
C ALA B 66 -14.94 18.76 -24.65
N THR B 67 -15.36 18.26 -23.50
CA THR B 67 -15.96 19.10 -22.48
C THR B 67 -14.90 19.73 -21.57
N SER B 68 -13.64 19.35 -21.81
CA SER B 68 -12.52 19.84 -21.02
C SER B 68 -12.71 19.46 -19.55
N ASP B 69 -13.05 18.19 -19.35
CA ASP B 69 -13.27 17.59 -18.04
C ASP B 69 -14.40 18.22 -17.24
N LYS B 70 -14.95 19.34 -17.74
CA LYS B 70 -16.04 20.05 -17.06
C LYS B 70 -17.21 19.16 -16.67
N ILE B 71 -17.56 18.21 -17.54
CA ILE B 71 -18.67 17.31 -17.31
C ILE B 71 -18.51 16.56 -15.97
N THR B 72 -17.30 16.13 -15.67
CA THR B 72 -17.02 15.42 -14.42
C THR B 72 -17.42 16.32 -13.25
N GLN B 73 -17.13 17.61 -13.37
CA GLN B 73 -17.50 18.59 -12.35
C GLN B 73 -19.02 18.53 -12.20
N ASP B 74 -19.72 18.60 -13.34
CA ASP B 74 -21.18 18.59 -13.36
C ASP B 74 -21.74 17.30 -12.78
N ALA B 75 -21.19 16.16 -13.18
CA ALA B 75 -21.67 14.89 -12.69
C ALA B 75 -21.59 14.84 -11.17
N ALA B 76 -20.39 15.08 -10.65
CA ALA B 76 -20.17 15.06 -9.21
C ALA B 76 -21.13 15.98 -8.48
N GLU B 77 -21.39 17.15 -9.03
CA GLU B 77 -22.31 18.07 -8.39
C GLU B 77 -23.76 17.65 -8.58
N ALA B 78 -23.99 16.73 -9.50
CA ALA B 78 -25.35 16.22 -9.71
C ALA B 78 -25.59 15.24 -8.56
N ILE B 79 -24.61 14.36 -8.33
CA ILE B 79 -24.69 13.37 -7.25
C ILE B 79 -24.94 14.05 -5.90
N LYS B 80 -24.20 15.11 -5.65
CA LYS B 80 -24.32 15.86 -4.40
C LYS B 80 -25.78 16.31 -4.27
N LYS B 81 -26.34 16.77 -5.38
CA LYS B 81 -27.71 17.26 -5.39
C LYS B 81 -28.78 16.19 -5.13
N TYR B 82 -28.79 15.17 -5.96
CA TYR B 82 -29.79 14.11 -5.87
C TYR B 82 -29.55 12.98 -4.88
N GLY B 83 -28.32 12.86 -4.37
CA GLY B 83 -28.05 11.83 -3.39
C GLY B 83 -27.47 10.48 -3.80
N VAL B 84 -27.81 9.98 -4.98
CA VAL B 84 -27.26 8.69 -5.38
C VAL B 84 -26.65 8.76 -6.76
N GLY B 85 -25.53 8.06 -6.94
CA GLY B 85 -24.85 8.05 -8.22
C GLY B 85 -24.33 6.67 -8.56
N ILE B 86 -24.47 6.28 -9.82
CA ILE B 86 -23.99 4.99 -10.27
C ILE B 86 -22.96 5.26 -11.38
N LYS B 87 -21.68 5.08 -11.06
CA LYS B 87 -20.60 5.34 -12.03
C LYS B 87 -19.97 4.14 -12.71
N CYS B 88 -19.73 4.30 -14.00
CA CYS B 88 -19.11 3.28 -14.83
C CYS B 88 -17.58 3.49 -14.88
N ALA B 89 -16.82 2.42 -15.08
CA ALA B 89 -15.37 2.53 -15.14
C ALA B 89 -14.96 3.56 -16.19
N THR B 90 -13.89 4.31 -15.91
CA THR B 90 -13.39 5.35 -16.81
C THR B 90 -11.89 5.34 -17.04
N ILE B 91 -11.47 5.70 -18.25
CA ILE B 91 -10.04 5.77 -18.57
C ILE B 91 -9.41 7.02 -17.96
N THR B 92 -8.38 6.83 -17.14
CA THR B 92 -7.68 7.99 -16.57
C THR B 92 -6.50 8.20 -17.50
N PRO B 93 -6.46 9.33 -18.22
CA PRO B 93 -5.40 9.67 -19.17
C PRO B 93 -3.96 9.81 -18.68
N ASP B 94 -3.10 8.98 -19.27
CA ASP B 94 -1.67 8.98 -19.01
C ASP B 94 -1.06 9.16 -20.40
N GLU B 95 0.04 9.88 -20.50
CA GLU B 95 0.70 10.14 -21.79
C GLU B 95 0.23 9.23 -22.94
N ALA B 96 0.37 7.91 -22.78
CA ALA B 96 -0.05 6.99 -23.82
C ALA B 96 -1.50 7.25 -24.26
N ARG B 97 -2.41 7.36 -23.29
CA ARG B 97 -3.82 7.64 -23.55
C ARG B 97 -3.96 8.89 -24.41
N VAL B 98 -3.30 9.96 -24.01
CA VAL B 98 -3.36 11.22 -24.75
C VAL B 98 -3.10 10.98 -26.23
N LYS B 99 -2.09 10.17 -26.53
CA LYS B 99 -1.77 9.85 -27.90
C LYS B 99 -2.95 9.12 -28.53
N GLU B 100 -3.35 8.03 -27.89
CA GLU B 100 -4.47 7.20 -28.34
C GLU B 100 -5.72 7.97 -28.76
N PHE B 101 -6.25 8.80 -27.86
CA PHE B 101 -7.44 9.57 -28.18
C PHE B 101 -7.12 10.99 -28.55
N ASN B 102 -5.84 11.25 -28.81
CA ASN B 102 -5.41 12.59 -29.18
C ASN B 102 -6.09 13.62 -28.29
N LEU B 103 -5.92 13.47 -26.98
CA LEU B 103 -6.57 14.38 -26.06
C LEU B 103 -5.91 15.76 -26.00
N HIS B 104 -6.67 16.72 -25.51
CA HIS B 104 -6.21 18.09 -25.36
C HIS B 104 -5.18 18.10 -24.24
N LYS B 105 -5.62 17.82 -23.03
CA LYS B 105 -4.73 17.73 -21.86
C LYS B 105 -4.70 16.28 -21.42
N MET B 106 -3.88 15.98 -20.43
CA MET B 106 -3.82 14.64 -19.89
C MET B 106 -4.64 14.75 -18.61
N TRP B 107 -5.95 14.70 -18.78
CA TRP B 107 -6.92 14.87 -17.70
C TRP B 107 -6.79 14.06 -16.40
N LYS B 108 -7.19 14.68 -15.30
CA LYS B 108 -7.14 14.03 -13.99
C LYS B 108 -8.24 12.99 -13.85
N SER B 109 -7.91 11.87 -13.23
CA SER B 109 -8.88 10.81 -12.99
C SER B 109 -10.18 11.45 -12.54
N PRO B 110 -11.30 11.15 -13.23
CA PRO B 110 -12.57 11.74 -12.83
C PRO B 110 -12.99 11.24 -11.44
N ASN B 111 -12.50 10.06 -11.09
CA ASN B 111 -12.78 9.44 -9.80
C ASN B 111 -12.18 10.32 -8.69
N GLY B 112 -10.99 10.85 -8.94
CA GLY B 112 -10.35 11.71 -7.97
C GLY B 112 -11.12 13.00 -7.80
N THR B 113 -11.62 13.54 -8.91
CA THR B 113 -12.40 14.78 -8.90
C THR B 113 -13.72 14.59 -8.15
N ILE B 114 -14.44 13.52 -8.49
CA ILE B 114 -15.72 13.24 -7.86
C ILE B 114 -15.51 13.03 -6.36
N ARG B 115 -14.65 12.05 -6.03
CA ARG B 115 -14.33 11.73 -4.64
C ARG B 115 -13.89 12.96 -3.85
N ASN B 116 -13.05 13.80 -4.44
CA ASN B 116 -12.61 14.98 -3.72
C ASN B 116 -13.78 15.95 -3.52
N ILE B 117 -14.72 15.96 -4.47
CA ILE B 117 -15.88 16.84 -4.38
C ILE B 117 -16.88 16.34 -3.35
N LEU B 118 -17.08 15.03 -3.29
CA LEU B 118 -18.04 14.44 -2.36
C LEU B 118 -17.46 14.15 -0.98
N GLY B 119 -16.21 13.67 -0.95
CA GLY B 119 -15.59 13.33 0.31
C GLY B 119 -16.18 12.03 0.85
N GLY B 120 -15.79 11.67 2.07
CA GLY B 120 -16.31 10.46 2.67
C GLY B 120 -15.37 9.26 2.58
N THR B 121 -15.93 8.08 2.83
CA THR B 121 -15.17 6.84 2.77
C THR B 121 -15.73 5.98 1.66
N VAL B 122 -14.87 5.15 1.08
CA VAL B 122 -15.27 4.25 0.02
C VAL B 122 -15.23 2.83 0.58
N PHE B 123 -16.39 2.25 0.82
CA PHE B 123 -16.45 0.90 1.35
C PHE B 123 -16.42 -0.16 0.27
N ARG B 124 -15.42 -1.05 0.36
CA ARG B 124 -15.24 -2.11 -0.61
C ARG B 124 -15.15 -3.48 0.01
N GLU B 125 -15.83 -4.44 -0.60
CA GLU B 125 -15.79 -5.81 -0.12
C GLU B 125 -16.18 -6.78 -1.23
N PRO B 126 -15.60 -7.99 -1.19
CA PRO B 126 -15.90 -9.00 -2.22
C PRO B 126 -17.33 -9.55 -2.15
N ILE B 127 -17.76 -10.07 -3.29
CA ILE B 127 -19.07 -10.69 -3.44
C ILE B 127 -18.73 -12.17 -3.43
N VAL B 128 -19.08 -12.86 -2.35
CA VAL B 128 -18.76 -14.28 -2.23
C VAL B 128 -19.76 -15.23 -2.87
N ILE B 129 -19.27 -16.04 -3.80
CA ILE B 129 -20.07 -17.04 -4.49
C ILE B 129 -19.49 -18.37 -4.00
N PRO B 130 -20.19 -19.01 -3.05
CA PRO B 130 -19.75 -20.29 -2.47
C PRO B 130 -19.14 -21.28 -3.47
N ARG B 131 -19.86 -21.54 -4.56
CA ARG B 131 -19.40 -22.47 -5.58
C ARG B 131 -17.99 -22.14 -6.08
N ILE B 132 -17.52 -20.92 -5.82
CA ILE B 132 -16.20 -20.53 -6.31
C ILE B 132 -15.08 -20.59 -5.26
N PRO B 133 -13.95 -21.22 -5.63
CA PRO B 133 -12.80 -21.32 -4.71
C PRO B 133 -12.28 -19.92 -4.43
N ARG B 134 -11.15 -19.84 -3.73
CA ARG B 134 -10.56 -18.55 -3.41
C ARG B 134 -9.04 -18.66 -3.46
N LEU B 135 -8.39 -17.65 -4.05
CA LEU B 135 -6.94 -17.63 -4.19
C LEU B 135 -6.22 -17.73 -2.83
N VAL B 136 -6.88 -17.19 -1.80
CA VAL B 136 -6.39 -17.23 -0.42
C VAL B 136 -7.42 -18.04 0.34
N PRO B 137 -7.35 -19.37 0.21
CA PRO B 137 -8.20 -20.41 0.80
C PRO B 137 -8.62 -20.22 2.26
N ARG B 138 -7.69 -19.83 3.11
CA ARG B 138 -7.99 -19.65 4.53
C ARG B 138 -9.04 -18.58 4.76
N TRP B 139 -9.28 -17.75 3.74
CA TRP B 139 -10.29 -16.69 3.84
C TRP B 139 -11.68 -17.29 3.65
N GLU B 140 -12.53 -17.11 4.66
CA GLU B 140 -13.89 -17.65 4.59
C GLU B 140 -14.98 -16.60 4.83
N LYS B 141 -14.65 -15.56 5.60
CA LYS B 141 -15.60 -14.50 5.90
C LYS B 141 -15.13 -13.19 5.25
N PRO B 142 -16.04 -12.46 4.58
CA PRO B 142 -15.75 -11.19 3.89
C PRO B 142 -14.84 -10.22 4.63
N ILE B 143 -13.95 -9.55 3.89
CA ILE B 143 -13.07 -8.52 4.44
C ILE B 143 -13.51 -7.22 3.81
N ILE B 144 -13.77 -6.22 4.64
CA ILE B 144 -14.20 -4.93 4.15
C ILE B 144 -13.07 -3.88 4.18
N ILE B 145 -12.92 -3.11 3.11
CA ILE B 145 -11.90 -2.08 3.11
C ILE B 145 -12.59 -0.74 3.23
N GLY B 146 -12.20 0.06 4.22
CA GLY B 146 -12.78 1.38 4.39
C GLY B 146 -11.75 2.42 3.96
N ARG B 147 -11.66 2.62 2.64
CA ARG B 147 -10.71 3.56 2.07
C ARG B 147 -11.15 5.02 2.26
N HIS B 148 -10.27 5.82 2.85
CA HIS B 148 -10.56 7.24 3.03
C HIS B 148 -10.55 7.77 1.60
N ALA B 149 -11.54 8.58 1.24
CA ALA B 149 -11.62 9.06 -0.12
C ALA B 149 -11.06 10.44 -0.40
N HIS B 150 -11.01 11.27 0.64
CA HIS B 150 -10.60 12.65 0.51
C HIS B 150 -9.27 13.19 0.02
N GLY B 151 -8.17 12.93 0.73
CA GLY B 151 -6.94 13.54 0.26
C GLY B 151 -5.72 12.73 -0.10
N ASP B 152 -4.62 13.10 0.54
CA ASP B 152 -3.33 12.45 0.35
C ASP B 152 -2.84 12.63 -1.08
N GLN B 153 -2.38 11.56 -1.74
CA GLN B 153 -1.87 11.71 -3.09
C GLN B 153 -2.87 11.82 -4.25
N TYR B 154 -4.15 11.61 -3.97
CA TYR B 154 -5.16 11.73 -5.02
C TYR B 154 -5.63 13.17 -5.07
N LYS B 155 -4.75 14.07 -4.63
CA LYS B 155 -5.05 15.50 -4.61
C LYS B 155 -3.78 16.25 -4.25
N ALA B 156 -2.65 15.64 -4.59
CA ALA B 156 -1.35 16.23 -4.29
C ALA B 156 -0.86 17.21 -5.35
N THR B 157 0.32 17.76 -5.11
CA THR B 157 0.94 18.71 -6.02
C THR B 157 2.33 18.19 -6.37
N ASP B 158 2.42 17.31 -7.37
CA ASP B 158 3.72 16.78 -7.76
C ASP B 158 4.36 17.66 -8.83
N THR B 159 5.68 17.60 -8.95
CA THR B 159 6.41 18.41 -9.93
C THR B 159 7.86 17.98 -10.02
N LEU B 160 8.48 18.15 -11.18
CA LEU B 160 9.87 17.78 -11.32
C LEU B 160 10.75 18.94 -10.87
N ILE B 161 12.01 18.64 -10.57
CA ILE B 161 12.97 19.63 -10.13
C ILE B 161 14.17 19.60 -11.09
N PRO B 162 14.30 20.65 -11.92
CA PRO B 162 15.36 20.82 -12.92
C PRO B 162 16.78 20.55 -12.46
N GLY B 163 17.32 21.41 -11.59
CA GLY B 163 18.67 21.22 -11.10
C GLY B 163 18.80 21.66 -9.66
N PRO B 164 20.02 21.62 -9.11
CA PRO B 164 20.30 22.02 -7.71
C PRO B 164 19.48 23.21 -7.20
N GLY B 165 19.22 23.20 -5.90
CA GLY B 165 18.44 24.27 -5.29
C GLY B 165 17.81 23.78 -4.00
N SER B 166 16.95 24.60 -3.41
CA SER B 166 16.30 24.22 -2.16
C SER B 166 14.83 23.86 -2.36
N LEU B 167 14.37 22.88 -1.60
CA LEU B 167 12.97 22.45 -1.65
C LEU B 167 12.39 22.87 -0.30
N GLU B 168 11.20 23.46 -0.31
CA GLU B 168 10.59 23.90 0.94
C GLU B 168 9.07 23.80 0.93
N LEU B 169 8.51 23.50 2.09
CA LEU B 169 7.07 23.41 2.25
C LEU B 169 6.77 24.63 3.12
N VAL B 170 6.00 25.57 2.60
CA VAL B 170 5.69 26.78 3.35
C VAL B 170 4.22 26.93 3.69
N TYR B 171 3.97 27.36 4.91
CA TYR B 171 2.60 27.56 5.40
C TYR B 171 2.47 28.98 5.91
N LYS B 172 1.39 29.64 5.52
CA LYS B 172 1.15 31.00 5.94
C LYS B 172 -0.29 31.09 6.43
N PRO B 173 -0.47 31.23 7.75
CA PRO B 173 -1.80 31.32 8.35
C PRO B 173 -2.61 32.53 7.86
N SER B 174 -3.92 32.49 8.08
CA SER B 174 -4.78 33.59 7.68
C SER B 174 -4.73 34.64 8.79
N ASP B 175 -4.88 34.17 10.04
CA ASP B 175 -4.86 35.01 11.22
C ASP B 175 -3.60 34.69 12.03
N PRO B 176 -2.46 35.33 11.71
CA PRO B 176 -1.20 35.10 12.42
C PRO B 176 -1.27 35.36 13.93
N THR B 177 -2.45 35.19 14.51
CA THR B 177 -2.65 35.39 15.93
C THR B 177 -2.99 34.09 16.65
N THR B 178 -3.65 33.17 15.92
CA THR B 178 -4.03 31.88 16.48
C THR B 178 -3.01 30.80 16.10
N ALA B 179 -2.16 31.13 15.14
CA ALA B 179 -1.13 30.21 14.67
C ALA B 179 0.03 31.03 14.15
N GLN B 180 1.02 30.36 13.58
CA GLN B 180 2.18 31.06 13.07
C GLN B 180 2.74 30.36 11.85
N PRO B 181 3.49 31.09 11.01
CA PRO B 181 4.08 30.56 9.79
C PRO B 181 5.03 29.39 10.01
N GLN B 182 5.27 28.65 8.92
CA GLN B 182 6.15 27.51 8.94
C GLN B 182 6.88 27.45 7.61
N THR B 183 8.19 27.22 7.66
CA THR B 183 8.99 27.09 6.45
C THR B 183 9.93 25.95 6.79
N LEU B 184 9.47 24.74 6.52
CA LEU B 184 10.24 23.55 6.82
C LEU B 184 11.11 23.16 5.64
N LYS B 185 12.41 23.12 5.86
CA LYS B 185 13.35 22.74 4.82
C LYS B 185 13.09 21.27 4.51
N VAL B 186 12.80 20.98 3.25
CA VAL B 186 12.52 19.61 2.83
C VAL B 186 13.74 18.91 2.25
N TYR B 187 14.51 19.62 1.44
CA TYR B 187 15.69 19.00 0.84
C TYR B 187 16.51 20.02 0.07
N ASP B 188 17.68 19.59 -0.39
CA ASP B 188 18.58 20.42 -1.16
C ASP B 188 19.13 19.58 -2.31
N TYR B 189 18.41 19.56 -3.43
CA TYR B 189 18.83 18.77 -4.58
C TYR B 189 20.20 19.19 -5.12
N LYS B 190 20.98 18.21 -5.56
CA LYS B 190 22.29 18.49 -6.13
C LYS B 190 22.25 17.96 -7.56
N GLY B 191 21.05 17.58 -7.97
CA GLY B 191 20.84 17.05 -9.31
C GLY B 191 19.36 17.17 -9.60
N SER B 192 18.92 16.59 -10.70
CA SER B 192 17.51 16.64 -11.06
C SER B 192 16.74 15.53 -10.35
N GLY B 193 15.43 15.75 -10.18
CA GLY B 193 14.60 14.76 -9.53
C GLY B 193 13.15 15.18 -9.44
N VAL B 194 12.41 14.58 -8.51
CA VAL B 194 11.01 14.91 -8.30
C VAL B 194 10.73 15.37 -6.88
N ALA B 195 9.58 16.01 -6.70
CA ALA B 195 9.15 16.49 -5.41
C ALA B 195 7.64 16.49 -5.44
N MET B 196 7.02 16.76 -4.29
CA MET B 196 5.56 16.80 -4.21
C MET B 196 5.13 17.02 -2.78
N ALA B 197 3.86 17.30 -2.59
CA ALA B 197 3.32 17.52 -1.27
C ALA B 197 1.86 17.13 -1.33
N MET B 198 1.35 16.60 -0.23
CA MET B 198 -0.05 16.23 -0.17
C MET B 198 -0.64 16.75 1.13
N TYR B 199 -1.91 16.48 1.36
CA TYR B 199 -2.52 16.98 2.58
C TYR B 199 -3.80 16.23 2.88
N ASN B 200 -4.40 16.63 3.98
CA ASN B 200 -5.66 16.09 4.45
C ASN B 200 -6.04 16.99 5.58
N THR B 201 -7.30 16.92 6.00
CA THR B 201 -7.78 17.78 7.07
C THR B 201 -8.34 17.01 8.27
N ASP B 202 -8.44 17.68 9.41
CA ASP B 202 -8.97 17.03 10.60
C ASP B 202 -10.43 16.70 10.33
N GLU B 203 -11.13 17.61 9.65
CA GLU B 203 -12.56 17.39 9.37
C GLU B 203 -12.80 16.11 8.59
N SER B 204 -12.01 15.90 7.54
CA SER B 204 -12.15 14.73 6.69
C SER B 204 -11.83 13.43 7.45
N ILE B 205 -10.70 13.42 8.15
CA ILE B 205 -10.28 12.26 8.92
C ILE B 205 -11.34 11.91 9.96
N GLU B 206 -11.89 12.91 10.62
CA GLU B 206 -12.92 12.65 11.63
C GLU B 206 -14.17 11.99 11.05
N GLY B 207 -14.58 12.41 9.85
CA GLY B 207 -15.74 11.82 9.22
C GLY B 207 -15.39 10.39 8.88
N PHE B 208 -14.18 10.23 8.35
CA PHE B 208 -13.63 8.93 7.96
C PHE B 208 -13.76 7.99 9.15
N ALA B 209 -13.33 8.46 10.31
CA ALA B 209 -13.39 7.69 11.54
C ALA B 209 -14.84 7.37 11.90
N HIS B 210 -15.69 8.39 11.94
CA HIS B 210 -17.10 8.18 12.27
C HIS B 210 -17.73 7.14 11.33
N SER B 211 -17.48 7.25 10.03
CA SER B 211 -18.04 6.29 9.08
C SER B 211 -17.52 4.87 9.28
N SER B 212 -16.27 4.76 9.73
CA SER B 212 -15.66 3.45 9.95
C SER B 212 -16.14 2.79 11.23
N PHE B 213 -16.39 3.58 12.27
CA PHE B 213 -16.87 3.03 13.53
C PHE B 213 -18.32 2.63 13.37
N LYS B 214 -19.10 3.42 12.63
CA LYS B 214 -20.50 3.11 12.43
C LYS B 214 -20.66 1.77 11.70
N LEU B 215 -19.95 1.58 10.60
CA LEU B 215 -20.06 0.35 9.84
C LEU B 215 -19.61 -0.87 10.64
N ALA B 216 -18.59 -0.70 11.47
CA ALA B 216 -18.11 -1.81 12.29
C ALA B 216 -19.23 -2.21 13.25
N ILE B 217 -19.94 -1.20 13.74
CA ILE B 217 -21.04 -1.40 14.68
C ILE B 217 -22.28 -1.97 14.00
N ASP B 218 -22.56 -1.47 12.80
CA ASP B 218 -23.70 -1.91 12.04
C ASP B 218 -23.56 -3.36 11.54
N LYS B 219 -22.33 -3.77 11.27
CA LYS B 219 -22.09 -5.12 10.77
C LYS B 219 -21.49 -6.07 11.79
N LYS B 220 -21.38 -5.60 13.03
CA LYS B 220 -20.80 -6.40 14.11
C LYS B 220 -19.47 -7.04 13.72
N LEU B 221 -18.54 -6.20 13.27
CA LEU B 221 -17.20 -6.64 12.86
C LEU B 221 -16.14 -5.80 13.55
N ASN B 222 -14.99 -6.41 13.83
CA ASN B 222 -13.88 -5.70 14.47
C ASN B 222 -13.34 -4.69 13.47
N LEU B 223 -12.76 -3.60 13.99
CA LEU B 223 -12.21 -2.56 13.14
C LEU B 223 -10.72 -2.38 13.35
N PHE B 224 -9.99 -2.29 12.25
CA PHE B 224 -8.54 -2.07 12.29
C PHE B 224 -8.16 -0.86 11.45
N LEU B 225 -7.49 0.11 12.04
CA LEU B 225 -7.03 1.28 11.29
C LEU B 225 -5.56 1.01 11.06
N SER B 226 -5.10 1.01 9.81
CA SER B 226 -3.68 0.79 9.59
C SER B 226 -2.99 2.07 9.14
N THR B 227 -1.81 2.29 9.67
CA THR B 227 -1.08 3.51 9.40
C THR B 227 0.43 3.26 9.34
N LYS B 228 1.20 4.32 9.16
CA LYS B 228 2.65 4.19 9.17
C LYS B 228 3.17 5.30 10.12
N ASN B 229 2.47 5.50 11.23
CA ASN B 229 2.80 6.54 12.18
C ASN B 229 4.22 6.52 12.76
N THR B 230 4.93 5.40 12.63
CA THR B 230 6.29 5.35 13.15
C THR B 230 7.24 6.11 12.22
N ILE B 231 6.74 6.47 11.03
CA ILE B 231 7.55 7.16 10.05
C ILE B 231 6.99 8.57 9.82
N LEU B 232 5.74 8.64 9.41
CA LEU B 232 5.09 9.92 9.21
C LEU B 232 4.47 10.18 10.58
N LYS B 233 5.36 10.45 11.53
CA LYS B 233 5.00 10.66 12.92
C LYS B 233 3.87 11.64 13.16
N LYS B 234 3.93 12.80 12.50
CA LYS B 234 2.90 13.80 12.68
C LYS B 234 1.69 13.55 11.79
N TYR B 235 1.96 13.31 10.50
CA TYR B 235 0.92 13.07 9.51
C TYR B 235 0.02 11.90 9.88
N ASP B 236 0.58 10.71 9.80
CA ASP B 236 -0.15 9.49 10.11
C ASP B 236 -0.61 9.51 11.56
N GLY B 237 0.19 10.16 12.41
CA GLY B 237 -0.16 10.26 13.82
C GLY B 237 -1.50 10.92 14.03
N ARG B 238 -1.84 11.89 13.17
CA ARG B 238 -3.11 12.58 13.27
C ARG B 238 -4.24 11.60 12.99
N PHE B 239 -3.97 10.61 12.12
CA PHE B 239 -4.99 9.62 11.81
C PHE B 239 -5.17 8.69 13.00
N LYS B 240 -4.07 8.16 13.51
CA LYS B 240 -4.17 7.26 14.65
C LYS B 240 -4.86 7.95 15.82
N ASP B 241 -4.47 9.19 16.09
CA ASP B 241 -5.05 9.92 17.22
C ASP B 241 -6.51 10.28 17.07
N ILE B 242 -6.91 10.90 15.96
CA ILE B 242 -8.31 11.25 15.81
C ILE B 242 -9.18 9.99 15.94
N PHE B 243 -8.74 8.89 15.33
CA PHE B 243 -9.52 7.68 15.42
C PHE B 243 -9.73 7.33 16.88
N GLN B 244 -8.63 7.27 17.62
CA GLN B 244 -8.65 6.93 19.05
C GLN B 244 -9.50 7.91 19.86
N GLU B 245 -9.47 9.18 19.49
CA GLU B 245 -10.27 10.20 20.16
C GLU B 245 -11.74 9.91 19.96
N VAL B 246 -12.18 9.86 18.70
CA VAL B 246 -13.57 9.61 18.36
C VAL B 246 -14.09 8.30 18.95
N TYR B 247 -13.27 7.27 18.92
CA TYR B 247 -13.67 5.98 19.46
C TYR B 247 -14.12 6.15 20.90
N GLU B 248 -13.16 6.44 21.78
CA GLU B 248 -13.41 6.63 23.22
C GLU B 248 -14.54 7.63 23.44
N ALA B 249 -14.65 8.58 22.53
CA ALA B 249 -15.68 9.61 22.61
C ALA B 249 -17.10 9.03 22.49
N GLN B 250 -17.33 8.13 21.54
CA GLN B 250 -18.68 7.60 21.41
C GLN B 250 -18.89 6.29 20.68
N TYR B 251 -18.05 5.30 20.92
CA TYR B 251 -18.20 4.00 20.27
C TYR B 251 -17.66 2.90 21.16
N LYS B 252 -16.70 3.25 22.01
CA LYS B 252 -16.10 2.29 22.91
C LYS B 252 -17.17 1.58 23.73
N SER B 253 -18.32 2.23 23.88
CA SER B 253 -19.44 1.67 24.63
C SER B 253 -20.14 0.57 23.83
N LYS B 254 -20.67 0.94 22.68
CA LYS B 254 -21.38 0.02 21.80
C LYS B 254 -20.47 -1.12 21.33
N PHE B 255 -19.17 -0.82 21.22
CA PHE B 255 -18.20 -1.83 20.80
C PHE B 255 -18.04 -2.92 21.84
N GLU B 256 -17.73 -2.53 23.08
CA GLU B 256 -17.54 -3.49 24.16
C GLU B 256 -18.82 -4.28 24.38
N GLN B 257 -19.94 -3.61 24.11
CA GLN B 257 -21.26 -4.21 24.27
C GLN B 257 -21.59 -5.19 23.15
N LEU B 258 -20.91 -5.04 22.01
CA LEU B 258 -21.12 -5.91 20.86
C LEU B 258 -20.11 -7.03 20.77
N GLY B 259 -18.99 -6.88 21.48
CA GLY B 259 -17.97 -7.91 21.45
C GLY B 259 -16.93 -7.68 20.36
N ILE B 260 -16.96 -6.49 19.76
CA ILE B 260 -16.01 -6.14 18.69
C ILE B 260 -14.97 -5.12 19.17
N HIS B 261 -13.74 -5.27 18.71
CA HIS B 261 -12.67 -4.37 19.12
C HIS B 261 -12.15 -3.44 18.00
N TYR B 262 -11.62 -2.29 18.41
CA TYR B 262 -11.01 -1.35 17.49
C TYR B 262 -9.55 -1.34 17.90
N GLU B 263 -8.65 -1.36 16.93
CA GLU B 263 -7.24 -1.39 17.25
C GLU B 263 -6.45 -0.76 16.10
N HIS B 264 -5.43 0.00 16.45
CA HIS B 264 -4.59 0.59 15.42
C HIS B 264 -3.37 -0.32 15.28
N ARG B 265 -2.89 -0.49 14.06
CA ARG B 265 -1.74 -1.34 13.82
C ARG B 265 -0.90 -0.66 12.75
N LEU B 266 0.33 -1.13 12.58
CA LEU B 266 1.16 -0.57 11.53
C LEU B 266 0.73 -1.31 10.26
N ILE B 267 0.68 -0.59 9.14
CA ILE B 267 0.26 -1.19 7.88
C ILE B 267 1.01 -2.51 7.60
N ASP B 268 2.28 -2.57 7.97
CA ASP B 268 3.11 -3.76 7.75
C ASP B 268 2.47 -4.98 8.40
N ASP B 269 2.22 -4.84 9.70
CA ASP B 269 1.63 -5.90 10.49
C ASP B 269 0.25 -6.28 9.96
N MET B 270 -0.60 -5.27 9.75
CA MET B 270 -1.95 -5.51 9.23
C MET B 270 -2.01 -6.27 7.90
N VAL B 271 -1.35 -5.80 6.84
CA VAL B 271 -1.47 -6.55 5.59
C VAL B 271 -1.03 -8.01 5.77
N ALA B 272 -0.10 -8.26 6.68
CA ALA B 272 0.36 -9.63 6.92
C ALA B 272 -0.67 -10.39 7.75
N GLN B 273 -1.21 -9.73 8.78
CA GLN B 273 -2.24 -10.33 9.63
C GLN B 273 -3.42 -10.80 8.77
N MET B 274 -3.70 -10.02 7.75
CA MET B 274 -4.79 -10.27 6.80
C MET B 274 -4.49 -11.43 5.88
N ILE B 275 -3.33 -11.39 5.22
CA ILE B 275 -2.98 -12.48 4.33
C ILE B 275 -3.10 -13.84 5.00
N LYS B 276 -2.89 -13.92 6.31
CA LYS B 276 -2.97 -15.21 6.98
C LYS B 276 -4.23 -15.45 7.81
N SER B 277 -5.21 -14.57 7.70
CA SER B 277 -6.45 -14.70 8.46
C SER B 277 -7.51 -15.48 7.71
N LYS B 278 -8.70 -15.52 8.29
CA LYS B 278 -9.85 -16.20 7.71
C LYS B 278 -10.83 -15.10 7.27
N GLY B 279 -10.30 -13.88 7.11
CA GLY B 279 -11.14 -12.76 6.72
C GLY B 279 -12.13 -12.45 7.82
N GLY B 280 -13.11 -11.61 7.54
CA GLY B 280 -14.11 -11.30 8.55
C GLY B 280 -13.87 -10.12 9.48
N PHE B 281 -13.46 -8.99 8.92
CA PHE B 281 -13.22 -7.80 9.73
C PHE B 281 -13.08 -6.60 8.80
N ILE B 282 -13.17 -5.41 9.37
CA ILE B 282 -13.05 -4.19 8.59
C ILE B 282 -11.69 -3.55 8.73
N MET B 283 -11.05 -3.28 7.59
CA MET B 283 -9.77 -2.61 7.54
C MET B 283 -10.00 -1.20 7.03
N ALA B 284 -9.69 -0.22 7.87
CA ALA B 284 -9.80 1.18 7.49
C ALA B 284 -8.39 1.56 7.05
N LEU B 285 -8.28 2.19 5.90
CA LEU B 285 -6.98 2.58 5.38
C LEU B 285 -7.00 3.99 4.82
N LYS B 286 -5.82 4.57 4.68
CA LYS B 286 -5.75 5.90 4.10
C LYS B 286 -6.02 5.68 2.62
N ASN B 287 -6.40 6.74 1.92
CA ASN B 287 -6.71 6.71 0.49
C ASN B 287 -5.86 5.73 -0.31
N TYR B 288 -4.55 5.99 -0.39
CA TYR B 288 -3.65 5.14 -1.15
C TYR B 288 -3.69 3.67 -0.74
N ASP B 289 -3.74 3.39 0.56
CA ASP B 289 -3.78 2.01 1.03
C ASP B 289 -5.14 1.40 0.73
N GLY B 290 -6.19 2.20 0.96
CA GLY B 290 -7.53 1.71 0.66
C GLY B 290 -7.53 1.28 -0.79
N ASP B 291 -6.93 2.12 -1.62
CA ASP B 291 -6.83 1.87 -3.05
C ASP B 291 -6.11 0.55 -3.34
N VAL B 292 -4.82 0.48 -3.01
CA VAL B 292 -4.03 -0.71 -3.28
C VAL B 292 -4.54 -2.01 -2.66
N GLN B 293 -4.72 -2.03 -1.35
CA GLN B 293 -5.17 -3.23 -0.68
C GLN B 293 -6.54 -3.75 -1.12
N SER B 294 -7.46 -2.85 -1.46
CA SER B 294 -8.79 -3.28 -1.90
C SER B 294 -8.62 -4.25 -3.07
N ASP B 295 -7.68 -3.93 -3.97
CA ASP B 295 -7.42 -4.79 -5.12
C ASP B 295 -6.94 -6.15 -4.67
N ILE B 296 -5.98 -6.17 -3.74
CA ILE B 296 -5.47 -7.44 -3.24
C ILE B 296 -6.63 -8.25 -2.66
N VAL B 297 -7.47 -7.63 -1.83
CA VAL B 297 -8.60 -8.36 -1.26
C VAL B 297 -9.44 -8.90 -2.41
N ALA B 298 -9.76 -8.02 -3.37
CA ALA B 298 -10.55 -8.38 -4.53
C ALA B 298 -9.95 -9.62 -5.19
N GLN B 299 -8.81 -9.44 -5.85
CA GLN B 299 -8.14 -10.55 -6.52
C GLN B 299 -8.03 -11.79 -5.63
N GLY B 300 -7.80 -11.55 -4.34
CA GLY B 300 -7.64 -12.63 -3.39
C GLY B 300 -8.86 -13.43 -3.05
N PHE B 301 -10.04 -12.84 -3.19
CA PHE B 301 -11.26 -13.56 -2.89
C PHE B 301 -11.77 -14.33 -4.10
N GLY B 302 -11.25 -14.00 -5.28
CA GLY B 302 -11.66 -14.66 -6.51
C GLY B 302 -11.20 -13.95 -7.78
N SER B 303 -11.68 -12.73 -7.97
CA SER B 303 -11.32 -11.91 -9.12
C SER B 303 -11.85 -10.51 -8.86
N LEU B 304 -11.27 -9.53 -9.52
CA LEU B 304 -11.72 -8.16 -9.36
C LEU B 304 -13.20 -8.05 -9.77
N GLY B 305 -13.67 -9.05 -10.52
CA GLY B 305 -15.06 -9.07 -10.93
C GLY B 305 -16.02 -9.30 -9.78
N LEU B 306 -15.51 -9.70 -8.62
CA LEU B 306 -16.37 -9.95 -7.47
C LEU B 306 -16.19 -9.04 -6.26
N MET B 307 -16.07 -7.74 -6.49
CA MET B 307 -15.93 -6.78 -5.40
C MET B 307 -16.71 -5.48 -5.61
N THR B 308 -17.63 -5.21 -4.69
CA THR B 308 -18.45 -4.01 -4.74
C THR B 308 -17.69 -2.81 -4.17
N SER B 309 -18.09 -1.62 -4.58
CA SER B 309 -17.46 -0.39 -4.13
C SER B 309 -18.51 0.72 -4.08
N ILE B 310 -18.52 1.46 -2.99
CA ILE B 310 -19.48 2.53 -2.85
C ILE B 310 -18.97 3.61 -1.90
N LEU B 311 -18.98 4.84 -2.36
CA LEU B 311 -18.52 5.95 -1.54
C LEU B 311 -19.70 6.46 -0.71
N VAL B 312 -19.45 6.74 0.56
CA VAL B 312 -20.48 7.27 1.43
C VAL B 312 -19.95 8.57 2.04
N THR B 313 -20.78 9.60 2.08
CA THR B 313 -20.34 10.87 2.67
C THR B 313 -20.57 10.82 4.17
N PRO B 314 -19.81 11.63 4.95
CA PRO B 314 -19.98 11.62 6.41
C PRO B 314 -21.44 11.86 6.78
N ASP B 315 -22.13 12.65 5.95
CA ASP B 315 -23.56 12.94 6.13
C ASP B 315 -24.22 11.59 6.39
N GLY B 316 -24.16 10.75 5.36
CA GLY B 316 -24.77 9.45 5.42
C GLY B 316 -25.95 9.56 4.48
N LYS B 317 -26.03 10.70 3.80
CA LYS B 317 -27.12 10.98 2.87
C LYS B 317 -26.68 11.20 1.42
N THR B 318 -25.48 10.73 1.07
CA THR B 318 -24.96 10.85 -0.29
C THR B 318 -24.17 9.59 -0.65
N PHE B 319 -24.44 9.02 -1.83
CA PHE B 319 -23.74 7.80 -2.23
C PHE B 319 -23.28 7.82 -3.68
N GLU B 320 -22.26 7.02 -3.95
CA GLU B 320 -21.69 6.91 -5.29
C GLU B 320 -21.33 5.45 -5.50
N SER B 321 -22.15 4.72 -6.25
CA SER B 321 -21.87 3.32 -6.46
C SER B 321 -20.97 3.09 -7.67
N GLU B 322 -20.15 2.06 -7.62
CA GLU B 322 -19.23 1.78 -8.73
C GLU B 322 -18.62 0.41 -8.53
N ALA B 323 -17.98 -0.11 -9.56
CA ALA B 323 -17.33 -1.40 -9.45
C ALA B 323 -15.94 -1.05 -8.97
N ALA B 324 -15.27 -2.01 -8.32
CA ALA B 324 -13.91 -1.81 -7.79
C ALA B 324 -12.84 -1.77 -8.89
N HIS B 325 -13.04 -2.54 -9.95
CA HIS B 325 -12.09 -2.61 -11.06
C HIS B 325 -12.13 -1.45 -12.03
N GLY B 326 -11.36 -1.57 -13.11
CA GLY B 326 -11.27 -0.56 -14.14
C GLY B 326 -12.01 -0.93 -15.42
N THR B 327 -11.63 -0.32 -16.54
CA THR B 327 -12.30 -0.56 -17.83
C THR B 327 -11.95 -1.88 -18.50
N VAL B 328 -11.16 -2.71 -17.83
CA VAL B 328 -10.76 -4.00 -18.39
C VAL B 328 -10.20 -3.92 -19.82
N THR B 329 -9.52 -2.81 -20.10
CA THR B 329 -8.88 -2.56 -21.38
C THR B 329 -8.37 -3.80 -22.10
N ARG B 330 -7.62 -4.63 -21.39
CA ARG B 330 -7.06 -5.82 -22.01
C ARG B 330 -8.14 -6.66 -22.69
N HIS B 331 -9.33 -6.68 -22.11
CA HIS B 331 -10.42 -7.45 -22.69
C HIS B 331 -11.07 -6.67 -23.81
N TYR B 332 -11.12 -5.35 -23.64
CA TYR B 332 -11.69 -4.44 -24.64
C TYR B 332 -10.89 -4.58 -25.93
N ARG B 333 -9.56 -4.71 -25.81
CA ARG B 333 -8.70 -4.85 -26.98
C ARG B 333 -9.11 -6.06 -27.81
N LYS B 334 -9.46 -7.15 -27.15
CA LYS B 334 -9.90 -8.35 -27.87
C LYS B 334 -11.21 -8.05 -28.60
N TYR B 335 -12.14 -7.39 -27.92
CA TYR B 335 -13.42 -7.03 -28.49
C TYR B 335 -13.26 -6.17 -29.74
N GLN B 336 -12.19 -5.38 -29.79
CA GLN B 336 -11.96 -4.51 -30.94
C GLN B 336 -11.69 -5.32 -32.20
N LYS B 337 -11.03 -6.46 -32.06
CA LYS B 337 -10.74 -7.30 -33.22
C LYS B 337 -11.58 -8.56 -33.28
N GLY B 338 -12.91 -8.35 -33.31
CA GLY B 338 -13.86 -9.44 -33.40
C GLY B 338 -13.66 -10.69 -32.56
N GLU B 339 -12.76 -10.63 -31.58
CA GLU B 339 -12.50 -11.78 -30.72
C GLU B 339 -13.52 -11.84 -29.58
N GLU B 340 -13.83 -13.04 -29.10
CA GLU B 340 -14.81 -13.21 -28.04
C GLU B 340 -14.27 -12.83 -26.65
N THR B 341 -15.17 -12.28 -25.82
CA THR B 341 -14.81 -11.82 -24.49
C THR B 341 -15.51 -12.57 -23.35
N SER B 342 -14.84 -12.65 -22.19
CA SER B 342 -15.42 -13.29 -21.02
C SER B 342 -15.16 -12.43 -19.78
N THR B 343 -15.63 -11.20 -19.85
CA THR B 343 -15.49 -10.22 -18.78
C THR B 343 -16.60 -10.35 -17.74
N ASN B 344 -16.22 -10.45 -16.48
CA ASN B 344 -17.23 -10.57 -15.43
C ASN B 344 -18.00 -9.25 -15.24
N SER B 345 -19.32 -9.33 -15.35
CA SER B 345 -20.17 -8.16 -15.21
C SER B 345 -20.87 -8.08 -13.85
N ILE B 346 -20.62 -9.07 -12.99
CA ILE B 346 -21.21 -9.11 -11.66
C ILE B 346 -20.98 -7.84 -10.81
N ALA B 347 -19.78 -7.28 -10.83
CA ALA B 347 -19.53 -6.08 -10.05
C ALA B 347 -20.32 -4.92 -10.61
N SER B 348 -20.44 -4.88 -11.94
CA SER B 348 -21.17 -3.81 -12.62
C SER B 348 -22.65 -3.89 -12.30
N ILE B 349 -23.19 -5.10 -12.25
CA ILE B 349 -24.60 -5.29 -11.94
C ILE B 349 -24.82 -4.79 -10.52
N PHE B 350 -23.92 -5.19 -9.60
CA PHE B 350 -24.02 -4.77 -8.21
C PHE B 350 -23.80 -3.30 -8.07
N ALA B 351 -23.03 -2.72 -8.98
CA ALA B 351 -22.80 -1.30 -8.93
C ALA B 351 -24.18 -0.65 -9.08
N TRP B 352 -25.03 -1.24 -9.94
CA TRP B 352 -26.38 -0.71 -10.15
C TRP B 352 -27.30 -1.01 -8.97
N SER B 353 -27.33 -2.29 -8.56
CA SER B 353 -28.18 -2.73 -7.48
C SER B 353 -27.93 -2.01 -6.15
N ARG B 354 -26.67 -1.87 -5.78
CA ARG B 354 -26.32 -1.19 -4.54
C ARG B 354 -26.68 0.29 -4.66
N GLY B 355 -26.58 0.83 -5.86
CA GLY B 355 -26.94 2.22 -6.07
C GLY B 355 -28.44 2.33 -5.90
N LEU B 356 -29.16 1.39 -6.52
CA LEU B 356 -30.62 1.35 -6.43
C LEU B 356 -31.08 1.08 -5.01
N LEU B 357 -30.26 0.35 -4.26
CA LEU B 357 -30.61 0.06 -2.87
C LEU B 357 -30.60 1.32 -2.03
N LYS B 358 -29.51 2.09 -2.08
CA LYS B 358 -29.43 3.32 -1.30
C LYS B 358 -30.50 4.27 -1.76
N ARG B 359 -30.85 4.20 -3.04
CA ARG B 359 -31.90 5.06 -3.59
C ARG B 359 -33.18 4.76 -2.83
N GLY B 360 -33.51 3.48 -2.75
CA GLY B 360 -34.71 3.02 -2.07
C GLY B 360 -34.79 3.35 -0.58
N GLU B 361 -33.71 3.10 0.15
CA GLU B 361 -33.72 3.42 1.58
C GLU B 361 -33.97 4.92 1.74
N LEU B 362 -33.29 5.74 0.94
CA LEU B 362 -33.46 7.18 1.04
C LEU B 362 -34.88 7.66 0.74
N ASP B 363 -35.61 6.98 -0.15
CA ASP B 363 -36.97 7.40 -0.51
C ASP B 363 -38.08 6.56 0.12
N ASN B 364 -37.68 5.48 0.80
CA ASN B 364 -38.65 4.57 1.37
C ASN B 364 -39.48 4.04 0.20
N THR B 365 -38.84 3.19 -0.60
CA THR B 365 -39.48 2.58 -1.74
C THR B 365 -39.02 1.13 -1.71
N PRO B 366 -39.54 0.35 -0.76
CA PRO B 366 -39.17 -1.05 -0.63
C PRO B 366 -39.30 -1.84 -1.93
N ALA B 367 -40.19 -1.40 -2.82
CA ALA B 367 -40.34 -2.09 -4.09
C ALA B 367 -38.97 -2.06 -4.78
N LEU B 368 -38.29 -0.92 -4.66
CA LEU B 368 -36.96 -0.73 -5.26
C LEU B 368 -35.91 -1.63 -4.61
N CYS B 369 -35.86 -1.61 -3.28
CA CYS B 369 -34.90 -2.42 -2.53
C CYS B 369 -35.08 -3.91 -2.83
N LYS B 370 -36.33 -4.36 -2.90
CA LYS B 370 -36.63 -5.77 -3.19
C LYS B 370 -36.11 -6.17 -4.56
N PHE B 371 -36.40 -5.35 -5.55
CA PHE B 371 -35.95 -5.59 -6.90
C PHE B 371 -34.43 -5.79 -6.91
N ALA B 372 -33.75 -4.90 -6.19
CA ALA B 372 -32.30 -4.91 -6.09
C ALA B 372 -31.79 -6.24 -5.56
N ASN B 373 -32.37 -6.72 -4.46
CA ASN B 373 -31.95 -7.98 -3.89
C ASN B 373 -32.25 -9.12 -4.86
N ILE B 374 -33.28 -8.95 -5.68
CA ILE B 374 -33.65 -9.98 -6.65
C ILE B 374 -32.60 -9.94 -7.77
N LEU B 375 -32.26 -8.73 -8.21
CA LEU B 375 -31.27 -8.55 -9.25
C LEU B 375 -30.01 -9.29 -8.80
N GLU B 376 -29.61 -9.00 -7.55
CA GLU B 376 -28.42 -9.59 -6.94
C GLU B 376 -28.52 -11.09 -6.77
N SER B 377 -29.63 -11.52 -6.20
CA SER B 377 -29.89 -12.93 -5.95
C SER B 377 -29.86 -13.72 -7.26
N ALA B 378 -30.44 -13.14 -8.31
CA ALA B 378 -30.46 -13.78 -9.62
C ALA B 378 -29.08 -13.75 -10.28
N THR B 379 -28.37 -12.65 -10.11
CA THR B 379 -27.05 -12.53 -10.71
C THR B 379 -26.14 -13.60 -10.14
N LEU B 380 -26.12 -13.73 -8.81
CA LEU B 380 -25.25 -14.71 -8.15
C LEU B 380 -25.66 -16.16 -8.36
N ASN B 381 -26.96 -16.42 -8.33
CA ASN B 381 -27.46 -17.78 -8.52
C ASN B 381 -27.19 -18.31 -9.93
N THR B 382 -27.07 -17.41 -10.90
CA THR B 382 -26.82 -17.86 -12.26
C THR B 382 -25.47 -18.59 -12.26
N VAL B 383 -24.65 -18.29 -11.25
CA VAL B 383 -23.34 -18.91 -11.10
C VAL B 383 -23.41 -20.01 -10.07
N GLN B 384 -23.92 -19.64 -8.90
CA GLN B 384 -24.06 -20.56 -7.78
C GLN B 384 -24.90 -21.77 -8.15
N GLN B 385 -26.06 -21.52 -8.75
CA GLN B 385 -27.00 -22.57 -9.14
C GLN B 385 -26.78 -23.16 -10.52
N ASP B 386 -27.12 -22.37 -11.54
CA ASP B 386 -27.01 -22.79 -12.94
C ASP B 386 -25.58 -23.05 -13.40
N GLY B 387 -24.60 -22.55 -12.66
CA GLY B 387 -23.23 -22.76 -13.03
C GLY B 387 -22.79 -22.06 -14.30
N ILE B 388 -23.43 -20.95 -14.62
CA ILE B 388 -23.06 -20.18 -15.82
C ILE B 388 -22.16 -19.03 -15.34
N MET B 389 -20.88 -19.11 -15.65
CA MET B 389 -19.93 -18.10 -15.21
C MET B 389 -18.95 -17.73 -16.31
N THR B 390 -18.32 -16.56 -16.18
CA THR B 390 -17.34 -16.12 -17.14
C THR B 390 -15.98 -16.75 -16.85
N LYS B 391 -15.03 -16.59 -17.77
CA LYS B 391 -13.71 -17.19 -17.62
C LYS B 391 -13.00 -16.93 -16.30
N ASP B 392 -13.10 -15.70 -15.81
CA ASP B 392 -12.45 -15.37 -14.55
C ASP B 392 -12.89 -16.31 -13.43
N LEU B 393 -14.20 -16.49 -13.25
CA LEU B 393 -14.67 -17.37 -12.21
C LEU B 393 -14.41 -18.84 -12.54
N ALA B 394 -14.32 -19.14 -13.84
CA ALA B 394 -14.08 -20.52 -14.27
C ALA B 394 -12.67 -20.97 -13.89
N LEU B 395 -11.70 -20.09 -14.03
CA LEU B 395 -10.32 -20.42 -13.68
C LEU B 395 -10.15 -20.60 -12.17
N ALA B 396 -11.10 -20.07 -11.41
CA ALA B 396 -11.07 -20.18 -9.95
C ALA B 396 -11.42 -21.61 -9.55
N CYS B 397 -12.35 -22.22 -10.27
CA CYS B 397 -12.78 -23.60 -10.00
C CYS B 397 -11.78 -24.64 -10.50
N GLY B 398 -10.83 -24.21 -11.34
CA GLY B 398 -9.82 -25.11 -11.86
C GLY B 398 -10.13 -25.73 -13.21
N ASN B 399 -10.70 -24.93 -14.12
CA ASN B 399 -11.05 -25.43 -15.45
C ASN B 399 -10.55 -24.51 -16.56
N ASN B 400 -9.42 -24.85 -17.17
CA ASN B 400 -8.84 -24.06 -18.27
C ASN B 400 -9.63 -24.29 -19.54
N GLU B 401 -10.39 -25.38 -19.56
CA GLU B 401 -11.23 -25.77 -20.67
C GLU B 401 -12.11 -24.60 -21.14
N ARG B 402 -12.22 -24.42 -22.45
CA ARG B 402 -13.03 -23.33 -22.99
C ARG B 402 -14.50 -23.60 -22.70
N SER B 403 -14.89 -24.86 -22.73
CA SER B 403 -16.28 -25.26 -22.49
C SER B 403 -16.74 -25.03 -21.05
N ALA B 404 -15.86 -24.46 -20.24
CA ALA B 404 -16.16 -24.22 -18.82
C ALA B 404 -16.82 -22.88 -18.53
N TYR B 405 -16.69 -21.92 -19.45
CA TYR B 405 -17.29 -20.61 -19.23
C TYR B 405 -18.05 -20.12 -20.44
N VAL B 406 -18.75 -19.00 -20.27
CA VAL B 406 -19.53 -18.38 -21.32
C VAL B 406 -19.01 -16.97 -21.58
N THR B 407 -19.42 -16.37 -22.70
CA THR B 407 -18.98 -15.04 -23.08
C THR B 407 -19.52 -13.93 -22.19
N THR B 408 -19.11 -12.70 -22.48
CA THR B 408 -19.52 -11.52 -21.75
C THR B 408 -21.02 -11.26 -21.97
N GLU B 409 -21.51 -11.59 -23.16
CA GLU B 409 -22.92 -11.38 -23.48
C GLU B 409 -23.76 -12.58 -23.11
N GLU B 410 -23.19 -13.77 -23.24
CA GLU B 410 -23.92 -14.98 -22.89
C GLU B 410 -24.27 -14.91 -21.40
N PHE B 411 -23.28 -14.56 -20.58
CA PHE B 411 -23.50 -14.45 -19.14
C PHE B 411 -24.63 -13.47 -18.84
N LEU B 412 -24.48 -12.25 -19.32
CA LEU B 412 -25.48 -11.22 -19.11
C LEU B 412 -26.88 -11.65 -19.52
N ASP B 413 -26.96 -12.52 -20.52
CA ASP B 413 -28.26 -13.00 -21.00
C ASP B 413 -28.81 -14.01 -20.01
N ALA B 414 -27.92 -14.82 -19.43
CA ALA B 414 -28.35 -15.82 -18.47
C ALA B 414 -28.92 -15.12 -17.24
N VAL B 415 -28.31 -13.98 -16.89
CA VAL B 415 -28.77 -13.22 -15.73
C VAL B 415 -30.13 -12.65 -16.11
N GLU B 416 -30.25 -12.18 -17.35
CA GLU B 416 -31.52 -11.63 -17.82
C GLU B 416 -32.63 -12.67 -17.67
N LYS B 417 -32.38 -13.85 -18.23
CA LYS B 417 -33.34 -14.94 -18.19
C LYS B 417 -33.75 -15.32 -16.77
N ARG B 418 -32.77 -15.59 -15.91
CA ARG B 418 -33.08 -15.97 -14.54
C ARG B 418 -33.76 -14.87 -13.75
N LEU B 419 -33.53 -13.62 -14.15
CA LEU B 419 -34.15 -12.50 -13.45
C LEU B 419 -35.63 -12.59 -13.73
N GLN B 420 -35.98 -12.74 -15.01
CA GLN B 420 -37.37 -12.84 -15.46
C GLN B 420 -38.14 -13.95 -14.72
N LYS B 421 -37.47 -15.07 -14.47
CA LYS B 421 -38.10 -16.18 -13.77
C LYS B 421 -38.30 -15.76 -12.32
N GLU B 422 -37.22 -15.35 -11.66
CA GLU B 422 -37.26 -14.93 -10.27
C GLU B 422 -38.09 -13.67 -9.98
N ILE B 423 -38.81 -13.18 -10.98
CA ILE B 423 -39.64 -11.99 -10.79
C ILE B 423 -41.11 -12.39 -10.85
N LYS B 424 -41.36 -13.66 -11.15
CA LYS B 424 -42.73 -14.20 -11.22
C LYS B 424 -43.17 -14.62 -9.82
N SER B 425 -42.20 -14.64 -8.91
CA SER B 425 -42.45 -14.98 -7.52
C SER B 425 -42.26 -13.72 -6.68
N PHE C 16 -60.32 8.78 -98.44
CA PHE C 16 -61.43 8.33 -99.33
C PHE C 16 -62.13 7.06 -98.84
N SER C 17 -61.61 6.46 -97.77
CA SER C 17 -62.20 5.25 -97.19
C SER C 17 -62.15 5.35 -95.67
N LYS C 18 -63.24 4.95 -95.02
CA LYS C 18 -63.32 5.01 -93.56
C LYS C 18 -63.23 3.64 -92.89
N ILE C 19 -62.44 3.58 -91.82
CA ILE C 19 -62.25 2.33 -91.07
C ILE C 19 -63.43 2.05 -90.15
N LYS C 20 -64.08 0.91 -90.33
CA LYS C 20 -65.21 0.57 -89.50
C LYS C 20 -64.73 0.08 -88.14
N VAL C 21 -65.45 0.47 -87.09
CA VAL C 21 -65.11 0.05 -85.75
C VAL C 21 -66.21 -0.89 -85.30
N LYS C 22 -65.83 -2.14 -85.07
CA LYS C 22 -66.78 -3.17 -84.65
C LYS C 22 -67.70 -2.71 -83.53
N GLN C 23 -67.21 -2.78 -82.29
CA GLN C 23 -67.98 -2.36 -81.13
C GLN C 23 -67.96 -0.85 -80.90
N PRO C 24 -69.09 -0.30 -80.39
CA PRO C 24 -69.21 1.13 -80.13
C PRO C 24 -68.30 1.67 -79.03
N VAL C 25 -67.88 2.93 -79.19
CA VAL C 25 -67.00 3.60 -78.24
C VAL C 25 -67.75 4.67 -77.44
N VAL C 26 -67.84 4.45 -76.13
CA VAL C 26 -68.51 5.39 -75.22
C VAL C 26 -67.70 6.69 -75.11
N GLU C 27 -68.37 7.83 -75.31
CA GLU C 27 -67.72 9.12 -75.25
C GLU C 27 -68.32 10.07 -74.23
N LEU C 28 -67.47 10.58 -73.32
CA LEU C 28 -67.92 11.50 -72.30
C LEU C 28 -67.41 12.90 -72.63
N ASP C 29 -68.31 13.81 -72.99
CA ASP C 29 -67.86 15.17 -73.29
C ASP C 29 -67.71 15.92 -71.95
N GLY C 30 -66.90 16.99 -71.97
CA GLY C 30 -66.63 17.75 -70.75
C GLY C 30 -66.67 19.27 -70.76
N ASP C 31 -65.83 19.89 -69.94
CA ASP C 31 -65.88 21.34 -69.81
C ASP C 31 -64.80 22.26 -70.34
N GLU C 32 -65.14 23.53 -70.32
CA GLU C 32 -64.26 24.63 -70.71
C GLU C 32 -63.31 24.39 -71.89
N MET C 33 -62.03 24.72 -71.69
CA MET C 33 -61.03 24.59 -72.75
C MET C 33 -60.88 23.17 -73.33
N THR C 34 -60.93 22.15 -72.49
CA THR C 34 -60.81 20.80 -73.00
C THR C 34 -62.02 20.38 -73.83
N ARG C 35 -63.18 20.99 -73.62
CA ARG C 35 -64.37 20.67 -74.40
C ARG C 35 -64.15 21.19 -75.82
N ILE C 36 -63.67 22.42 -75.91
CA ILE C 36 -63.39 23.02 -77.20
C ILE C 36 -62.37 22.16 -77.96
N ILE C 37 -61.23 21.91 -77.33
CA ILE C 37 -60.19 21.11 -77.94
C ILE C 37 -60.75 19.76 -78.37
N TRP C 38 -61.62 19.20 -77.55
CA TRP C 38 -62.22 17.89 -77.80
C TRP C 38 -63.09 17.82 -79.07
N ASP C 39 -63.78 18.91 -79.38
CA ASP C 39 -64.65 18.96 -80.53
C ASP C 39 -63.83 18.90 -81.83
N LYS C 40 -62.82 19.75 -81.92
CA LYS C 40 -61.97 19.80 -83.09
C LYS C 40 -61.20 18.50 -83.29
N ILE C 41 -60.82 17.88 -82.18
CA ILE C 41 -60.10 16.62 -82.28
C ILE C 41 -60.97 15.59 -82.96
N LYS C 42 -62.28 15.65 -82.79
CA LYS C 42 -63.09 14.65 -83.45
C LYS C 42 -63.68 15.09 -84.78
N LYS C 43 -63.79 16.39 -84.99
CA LYS C 43 -64.32 16.91 -86.24
C LYS C 43 -63.26 16.76 -87.33
N LYS C 44 -62.00 17.03 -86.97
CA LYS C 44 -60.89 16.99 -87.90
C LYS C 44 -60.00 15.75 -87.89
N LEU C 45 -59.92 15.05 -86.76
CA LEU C 45 -59.04 13.88 -86.70
C LEU C 45 -59.69 12.53 -86.50
N ILE C 46 -60.95 12.49 -86.09
CA ILE C 46 -61.55 11.19 -85.85
C ILE C 46 -62.71 10.80 -86.77
N LEU C 47 -63.69 11.70 -86.94
CA LEU C 47 -64.84 11.38 -87.78
C LEU C 47 -64.54 11.14 -89.26
N PRO C 48 -63.67 11.97 -89.87
CA PRO C 48 -63.36 11.77 -91.28
C PRO C 48 -62.81 10.37 -91.59
N TYR C 49 -62.07 9.80 -90.65
CA TYR C 49 -61.46 8.50 -90.87
C TYR C 49 -62.11 7.29 -90.22
N LEU C 50 -63.24 7.45 -89.55
CA LEU C 50 -63.82 6.29 -88.91
C LEU C 50 -65.34 6.20 -88.92
N ASP C 51 -65.85 5.04 -89.31
CA ASP C 51 -67.29 4.82 -89.26
C ASP C 51 -67.36 4.22 -87.87
N VAL C 52 -67.71 5.06 -86.92
CA VAL C 52 -67.78 4.65 -85.52
C VAL C 52 -69.11 4.96 -84.88
N ASP C 53 -69.52 4.08 -83.98
CA ASP C 53 -70.75 4.29 -83.26
C ASP C 53 -70.34 4.89 -81.91
N LEU C 54 -70.50 6.21 -81.80
CA LEU C 54 -70.15 6.93 -80.58
C LEU C 54 -71.34 7.17 -79.65
N LYS C 55 -71.34 6.48 -78.51
CA LYS C 55 -72.40 6.59 -77.50
C LYS C 55 -72.18 7.83 -76.64
N TYR C 56 -72.43 9.01 -77.22
CA TYR C 56 -72.27 10.31 -76.56
C TYR C 56 -72.98 10.47 -75.21
N TYR C 57 -72.24 11.07 -74.28
CA TYR C 57 -72.71 11.37 -72.95
C TYR C 57 -72.10 12.71 -72.59
N ASP C 58 -72.89 13.76 -72.68
CA ASP C 58 -72.39 15.09 -72.37
C ASP C 58 -72.24 15.23 -70.84
N LEU C 59 -71.01 15.27 -70.33
CA LEU C 59 -70.81 15.39 -68.89
C LEU C 59 -70.31 16.78 -68.46
N SER C 60 -70.82 17.83 -69.09
CA SER C 60 -70.42 19.18 -68.73
C SER C 60 -71.13 19.49 -67.42
N VAL C 61 -70.81 20.59 -66.75
CA VAL C 61 -71.51 20.86 -65.51
C VAL C 61 -72.99 21.07 -65.83
N GLU C 62 -73.28 21.94 -66.80
CA GLU C 62 -74.66 22.24 -67.16
C GLU C 62 -75.47 20.99 -67.43
N SER C 63 -74.83 19.94 -67.92
CA SER C 63 -75.52 18.70 -68.21
C SER C 63 -75.72 17.93 -66.91
N ARG C 64 -74.63 17.72 -66.19
CA ARG C 64 -74.67 17.00 -64.91
C ARG C 64 -75.66 17.64 -63.90
N ASP C 65 -75.71 18.97 -63.87
CA ASP C 65 -76.59 19.68 -62.95
C ASP C 65 -78.05 19.42 -63.28
N ALA C 66 -78.45 19.80 -64.49
CA ALA C 66 -79.82 19.62 -64.94
C ALA C 66 -80.22 18.16 -64.86
N THR C 67 -79.25 17.26 -65.05
CA THR C 67 -79.52 15.83 -65.03
C THR C 67 -79.36 15.28 -63.60
N SER C 68 -79.07 16.17 -62.65
CA SER C 68 -78.85 15.79 -61.26
C SER C 68 -77.74 14.74 -61.12
N ASP C 69 -76.72 14.88 -61.97
CA ASP C 69 -75.55 14.01 -62.04
C ASP C 69 -75.83 12.55 -62.35
N LYS C 70 -76.99 12.27 -62.94
CA LYS C 70 -77.32 10.89 -63.29
C LYS C 70 -76.62 10.50 -64.59
N ILE C 71 -76.38 11.48 -65.46
CA ILE C 71 -75.73 11.21 -66.72
C ILE C 71 -74.33 10.68 -66.47
N THR C 72 -73.76 11.04 -65.33
CA THR C 72 -72.43 10.57 -64.95
C THR C 72 -72.56 9.10 -64.59
N GLN C 73 -73.65 8.77 -63.92
CA GLN C 73 -73.93 7.40 -63.53
C GLN C 73 -74.12 6.56 -64.79
N ASP C 74 -74.86 7.10 -65.75
CA ASP C 74 -75.11 6.37 -66.98
C ASP C 74 -73.83 6.09 -67.75
N ALA C 75 -73.06 7.14 -68.00
CA ALA C 75 -71.81 7.00 -68.74
C ALA C 75 -70.92 5.91 -68.14
N ALA C 76 -70.79 5.90 -66.81
CA ALA C 76 -69.96 4.89 -66.16
C ALA C 76 -70.41 3.49 -66.54
N GLU C 77 -71.71 3.26 -66.42
CA GLU C 77 -72.28 1.96 -66.74
C GLU C 77 -72.18 1.64 -68.25
N ALA C 78 -72.34 2.68 -69.07
CA ALA C 78 -72.22 2.50 -70.51
C ALA C 78 -70.84 1.95 -70.81
N ILE C 79 -69.82 2.53 -70.19
CA ILE C 79 -68.44 2.10 -70.40
C ILE C 79 -68.29 0.67 -69.91
N LYS C 80 -68.90 0.38 -68.77
CA LYS C 80 -68.86 -0.96 -68.18
C LYS C 80 -69.42 -1.95 -69.21
N LYS C 81 -70.50 -1.54 -69.86
CA LYS C 81 -71.15 -2.36 -70.88
C LYS C 81 -70.32 -2.57 -72.15
N TYR C 82 -70.09 -1.48 -72.90
CA TYR C 82 -69.36 -1.57 -74.15
C TYR C 82 -67.82 -1.76 -74.13
N GLY C 83 -67.22 -1.74 -72.94
CA GLY C 83 -65.78 -1.97 -72.85
C GLY C 83 -64.77 -0.83 -72.91
N VAL C 84 -65.00 0.19 -73.74
CA VAL C 84 -64.04 1.28 -73.84
C VAL C 84 -64.63 2.68 -73.82
N GLY C 85 -64.24 3.44 -72.79
CA GLY C 85 -64.72 4.81 -72.66
C GLY C 85 -63.61 5.82 -72.88
N ILE C 86 -63.97 6.97 -73.46
CA ILE C 86 -63.03 8.05 -73.74
C ILE C 86 -63.56 9.38 -73.14
N LYS C 87 -62.96 9.84 -72.05
CA LYS C 87 -63.43 11.04 -71.36
C LYS C 87 -62.66 12.36 -71.50
N CYS C 88 -63.43 13.44 -71.62
CA CYS C 88 -62.90 14.79 -71.71
C CYS C 88 -62.82 15.32 -70.27
N ALA C 89 -61.88 16.22 -70.00
CA ALA C 89 -61.71 16.77 -68.66
C ALA C 89 -63.01 17.45 -68.20
N THR C 90 -63.33 17.29 -66.92
CA THR C 90 -64.56 17.87 -66.38
C THR C 90 -64.43 18.63 -65.07
N ILE C 91 -65.17 19.73 -64.98
CA ILE C 91 -65.23 20.57 -63.78
C ILE C 91 -65.77 19.84 -62.54
N THR C 92 -65.02 19.78 -61.45
CA THR C 92 -65.60 19.19 -60.24
C THR C 92 -66.00 20.41 -59.44
N PRO C 93 -67.31 20.65 -59.30
CA PRO C 93 -67.77 21.83 -58.54
C PRO C 93 -67.39 21.98 -57.07
N ASP C 94 -67.07 23.23 -56.73
CA ASP C 94 -66.72 23.62 -55.38
C ASP C 94 -67.59 24.85 -55.16
N GLU C 95 -67.74 25.28 -53.92
CA GLU C 95 -68.55 26.45 -53.63
C GLU C 95 -68.53 27.51 -54.76
N ALA C 96 -67.33 27.91 -55.21
CA ALA C 96 -67.19 28.92 -56.26
C ALA C 96 -67.85 28.54 -57.57
N ARG C 97 -67.76 27.26 -57.95
CA ARG C 97 -68.38 26.76 -59.17
C ARG C 97 -69.89 26.95 -59.09
N VAL C 98 -70.46 26.46 -57.98
CA VAL C 98 -71.89 26.56 -57.71
C VAL C 98 -72.36 27.97 -57.98
N LYS C 99 -71.65 28.94 -57.44
CA LYS C 99 -72.02 30.34 -57.63
C LYS C 99 -71.87 30.79 -59.08
N GLU C 100 -70.94 30.18 -59.81
CA GLU C 100 -70.68 30.54 -61.21
C GLU C 100 -71.77 30.08 -62.16
N PHE C 101 -72.01 28.77 -62.17
CA PHE C 101 -72.99 28.19 -63.04
C PHE C 101 -74.37 28.14 -62.39
N ASN C 102 -74.45 28.54 -61.12
CA ASN C 102 -75.72 28.55 -60.41
C ASN C 102 -76.22 27.10 -60.23
N LEU C 103 -75.35 26.23 -59.75
CA LEU C 103 -75.68 24.83 -59.58
C LEU C 103 -76.69 24.54 -58.49
N HIS C 104 -77.41 23.43 -58.64
CA HIS C 104 -78.40 23.02 -57.65
C HIS C 104 -77.63 22.48 -56.44
N LYS C 105 -76.59 21.71 -56.71
CA LYS C 105 -75.74 21.14 -55.65
C LYS C 105 -74.27 21.31 -56.06
N MET C 106 -73.37 20.87 -55.17
CA MET C 106 -71.94 20.92 -55.43
C MET C 106 -71.66 19.45 -55.70
N TRP C 107 -71.93 19.04 -56.92
CA TRP C 107 -71.78 17.64 -57.31
C TRP C 107 -70.39 17.12 -57.07
N LYS C 108 -70.26 15.80 -56.99
CA LYS C 108 -68.98 15.16 -56.78
C LYS C 108 -68.28 15.01 -58.13
N SER C 109 -66.95 14.97 -58.11
CA SER C 109 -66.16 14.81 -59.32
C SER C 109 -66.66 13.59 -60.08
N PRO C 110 -67.07 13.79 -61.35
CA PRO C 110 -67.54 12.60 -62.07
C PRO C 110 -66.42 11.58 -62.17
N ASN C 111 -65.17 12.04 -62.16
CA ASN C 111 -64.01 11.14 -62.23
C ASN C 111 -64.01 10.22 -61.01
N GLY C 112 -64.36 10.74 -59.84
CA GLY C 112 -64.41 9.90 -58.66
C GLY C 112 -65.52 8.88 -58.77
N THR C 113 -66.64 9.32 -59.32
CA THR C 113 -67.80 8.47 -59.52
C THR C 113 -67.47 7.34 -60.48
N ILE C 114 -67.08 7.69 -61.71
CA ILE C 114 -66.75 6.68 -62.70
C ILE C 114 -65.74 5.69 -62.14
N ARG C 115 -64.59 6.18 -61.68
CA ARG C 115 -63.54 5.34 -61.13
C ARG C 115 -64.04 4.45 -60.00
N ASN C 116 -65.04 4.93 -59.26
CA ASN C 116 -65.55 4.12 -58.18
C ASN C 116 -66.43 2.99 -58.69
N ILE C 117 -67.06 3.20 -59.85
CA ILE C 117 -67.91 2.20 -60.47
C ILE C 117 -67.10 1.17 -61.27
N LEU C 118 -66.16 1.64 -62.08
CA LEU C 118 -65.36 0.74 -62.89
C LEU C 118 -64.30 0.00 -62.07
N GLY C 119 -63.58 0.76 -61.23
CA GLY C 119 -62.54 0.16 -60.41
C GLY C 119 -61.29 -0.14 -61.23
N GLY C 120 -60.32 -0.83 -60.61
CA GLY C 120 -59.11 -1.17 -61.32
C GLY C 120 -57.94 -0.26 -60.97
N THR C 121 -57.15 0.08 -61.97
CA THR C 121 -55.97 0.91 -61.79
C THR C 121 -55.79 1.90 -62.94
N VAL C 122 -55.45 3.14 -62.62
CA VAL C 122 -55.21 4.13 -63.67
C VAL C 122 -53.69 4.17 -63.91
N PHE C 123 -53.27 3.94 -65.15
CA PHE C 123 -51.85 3.95 -65.51
C PHE C 123 -51.48 5.22 -66.26
N ARG C 124 -50.65 6.05 -65.63
CA ARG C 124 -50.24 7.28 -66.24
C ARG C 124 -48.76 7.28 -66.57
N GLU C 125 -48.41 7.98 -67.64
CA GLU C 125 -47.03 8.11 -68.05
C GLU C 125 -46.91 9.21 -69.07
N PRO C 126 -45.73 9.82 -69.14
CA PRO C 126 -45.44 10.92 -70.05
C PRO C 126 -45.29 10.53 -71.51
N ILE C 127 -45.57 11.50 -72.38
CA ILE C 127 -45.47 11.35 -73.82
C ILE C 127 -44.16 12.01 -74.18
N VAL C 128 -43.20 11.19 -74.58
CA VAL C 128 -41.88 11.71 -74.88
C VAL C 128 -41.67 12.19 -76.29
N ILE C 129 -41.24 13.44 -76.39
CA ILE C 129 -40.95 14.09 -77.65
C ILE C 129 -39.53 14.61 -77.51
N PRO C 130 -38.56 13.85 -78.03
CA PRO C 130 -37.13 14.16 -77.98
C PRO C 130 -36.73 15.64 -78.11
N ARG C 131 -37.31 16.34 -79.06
CA ARG C 131 -36.99 17.75 -79.24
C ARG C 131 -37.32 18.57 -77.98
N ILE C 132 -37.99 17.95 -77.02
CA ILE C 132 -38.38 18.67 -75.81
C ILE C 132 -37.58 18.41 -74.52
N PRO C 133 -36.91 19.47 -74.02
CA PRO C 133 -36.10 19.39 -72.80
C PRO C 133 -37.03 19.06 -71.63
N ARG C 134 -36.48 18.48 -70.58
CA ARG C 134 -37.30 18.15 -69.44
C ARG C 134 -36.91 19.03 -68.27
N LEU C 135 -37.85 19.28 -67.36
CA LEU C 135 -37.60 20.12 -66.20
C LEU C 135 -36.72 19.38 -65.18
N VAL C 136 -36.70 18.07 -65.28
CA VAL C 136 -35.88 17.24 -64.42
C VAL C 136 -35.05 16.49 -65.45
N PRO C 137 -34.02 17.17 -66.01
CA PRO C 137 -33.07 16.72 -67.01
C PRO C 137 -32.61 15.28 -66.88
N ARG C 138 -32.06 14.96 -65.71
CA ARG C 138 -31.54 13.64 -65.45
C ARG C 138 -32.51 12.54 -65.87
N TRP C 139 -33.81 12.85 -65.85
CA TRP C 139 -34.82 11.87 -66.24
C TRP C 139 -34.68 11.63 -67.74
N GLU C 140 -34.39 10.39 -68.12
CA GLU C 140 -34.25 10.09 -69.54
C GLU C 140 -35.18 8.97 -70.00
N LYS C 141 -35.55 8.07 -69.09
CA LYS C 141 -36.46 7.00 -69.45
C LYS C 141 -37.81 7.24 -68.75
N PRO C 142 -38.93 6.95 -69.44
CA PRO C 142 -40.29 7.13 -68.93
C PRO C 142 -40.57 6.56 -67.53
N ILE C 143 -41.39 7.28 -66.76
CA ILE C 143 -41.80 6.86 -65.41
C ILE C 143 -43.30 6.60 -65.42
N ILE C 144 -43.73 5.40 -65.07
CA ILE C 144 -45.14 5.07 -65.07
C ILE C 144 -45.75 5.06 -63.67
N ILE C 145 -46.91 5.69 -63.54
CA ILE C 145 -47.62 5.73 -62.27
C ILE C 145 -48.81 4.77 -62.32
N GLY C 146 -48.83 3.81 -61.42
CA GLY C 146 -49.93 2.87 -61.34
C GLY C 146 -50.76 3.36 -60.17
N ARG C 147 -51.78 4.17 -60.47
CA ARG C 147 -52.63 4.75 -59.45
C ARG C 147 -53.84 3.90 -59.07
N HIS C 148 -53.96 3.58 -57.80
CA HIS C 148 -55.11 2.80 -57.36
C HIS C 148 -56.32 3.70 -57.53
N ALA C 149 -57.20 3.32 -58.46
CA ALA C 149 -58.38 4.13 -58.75
C ALA C 149 -59.53 3.95 -57.77
N HIS C 150 -59.47 2.89 -56.96
CA HIS C 150 -60.59 2.60 -56.07
C HIS C 150 -61.13 3.55 -55.01
N GLY C 151 -60.56 3.52 -53.81
CA GLY C 151 -61.12 4.34 -52.75
C GLY C 151 -60.29 5.35 -52.01
N ASP C 152 -60.09 5.12 -50.72
CA ASP C 152 -59.34 6.02 -49.85
C ASP C 152 -60.11 7.34 -49.85
N GLN C 153 -59.41 8.47 -49.78
CA GLN C 153 -60.08 9.77 -49.75
C GLN C 153 -60.81 10.14 -51.04
N TYR C 154 -61.09 9.17 -51.90
CA TYR C 154 -61.80 9.50 -53.13
C TYR C 154 -63.21 8.90 -53.14
N LYS C 155 -63.60 8.37 -51.99
CA LYS C 155 -64.92 7.77 -51.76
C LYS C 155 -65.10 7.80 -50.24
N ALA C 156 -64.62 8.88 -49.63
CA ALA C 156 -64.66 9.02 -48.18
C ALA C 156 -65.83 9.81 -47.60
N THR C 157 -65.88 9.82 -46.28
CA THR C 157 -66.92 10.50 -45.52
C THR C 157 -66.29 11.61 -44.67
N ASP C 158 -66.57 12.87 -45.01
CA ASP C 158 -66.04 13.97 -44.24
C ASP C 158 -67.16 14.89 -43.79
N THR C 159 -66.94 15.60 -42.69
CA THR C 159 -67.93 16.51 -42.14
C THR C 159 -67.29 17.46 -41.13
N LEU C 160 -67.99 18.54 -40.78
CA LEU C 160 -67.49 19.49 -39.80
C LEU C 160 -67.93 19.03 -38.40
N ILE C 161 -67.25 19.52 -37.37
CA ILE C 161 -67.59 19.20 -35.99
C ILE C 161 -67.82 20.57 -35.33
N PRO C 162 -69.08 20.88 -35.01
CA PRO C 162 -69.56 22.14 -34.38
C PRO C 162 -68.80 22.60 -33.13
N GLY C 163 -68.58 21.66 -32.21
CA GLY C 163 -67.89 21.96 -30.97
C GLY C 163 -67.54 20.69 -30.21
N PRO C 164 -67.09 20.80 -28.95
CA PRO C 164 -66.70 19.69 -28.07
C PRO C 164 -67.55 18.43 -28.24
N GLY C 165 -66.92 17.26 -28.12
CA GLY C 165 -67.65 16.02 -28.26
C GLY C 165 -66.76 14.87 -28.70
N SER C 166 -67.20 13.63 -28.49
CA SER C 166 -66.39 12.48 -28.87
C SER C 166 -66.52 12.16 -30.37
N LEU C 167 -65.61 11.31 -30.85
CA LEU C 167 -65.58 10.89 -32.24
C LEU C 167 -65.10 9.43 -32.24
N GLU C 168 -65.97 8.51 -32.65
CA GLU C 168 -65.64 7.08 -32.66
C GLU C 168 -65.81 6.45 -34.03
N LEU C 169 -65.05 5.39 -34.27
CA LEU C 169 -65.10 4.68 -35.54
C LEU C 169 -65.76 3.35 -35.22
N VAL C 170 -67.03 3.21 -35.61
CA VAL C 170 -67.77 2.00 -35.30
C VAL C 170 -67.91 0.97 -36.40
N TYR C 171 -67.65 -0.29 -36.04
CA TYR C 171 -67.75 -1.41 -36.97
C TYR C 171 -68.76 -2.41 -36.43
N LYS C 172 -69.74 -2.75 -37.27
CA LYS C 172 -70.78 -3.70 -36.88
C LYS C 172 -70.89 -4.80 -37.94
N PRO C 173 -70.33 -5.98 -37.64
CA PRO C 173 -70.37 -7.11 -38.59
C PRO C 173 -71.77 -7.62 -38.88
N SER C 174 -71.96 -8.12 -40.10
CA SER C 174 -73.26 -8.64 -40.50
C SER C 174 -73.50 -9.90 -39.69
N ASP C 175 -72.48 -10.76 -39.64
CA ASP C 175 -72.54 -12.03 -38.93
C ASP C 175 -71.59 -12.00 -37.71
N PRO C 176 -72.12 -11.63 -36.52
CA PRO C 176 -71.37 -11.53 -35.26
C PRO C 176 -70.70 -12.83 -34.79
N THR C 177 -70.58 -13.79 -35.70
CA THR C 177 -69.95 -15.07 -35.38
C THR C 177 -68.53 -15.10 -35.96
N THR C 178 -68.40 -14.65 -37.20
CA THR C 178 -67.12 -14.61 -37.91
C THR C 178 -66.21 -13.53 -37.34
N ALA C 179 -66.77 -12.34 -37.14
CA ALA C 179 -66.01 -11.21 -36.63
C ALA C 179 -66.62 -10.70 -35.32
N GLN C 180 -66.18 -9.53 -34.90
CA GLN C 180 -66.66 -8.91 -33.67
C GLN C 180 -66.64 -7.39 -33.80
N PRO C 181 -67.72 -6.72 -33.38
CA PRO C 181 -67.83 -5.25 -33.46
C PRO C 181 -66.56 -4.51 -33.07
N GLN C 182 -66.51 -3.22 -33.40
CA GLN C 182 -65.35 -2.39 -33.10
C GLN C 182 -65.71 -0.94 -32.93
N THR C 183 -65.58 -0.41 -31.73
CA THR C 183 -65.85 1.01 -31.52
C THR C 183 -64.56 1.65 -31.05
N LEU C 184 -63.72 2.03 -32.02
CA LEU C 184 -62.44 2.63 -31.74
C LEU C 184 -62.55 4.15 -31.58
N LYS C 185 -61.92 4.67 -30.52
CA LYS C 185 -61.93 6.09 -30.22
C LYS C 185 -60.96 6.85 -31.11
N VAL C 186 -61.49 7.76 -31.93
CA VAL C 186 -60.63 8.53 -32.81
C VAL C 186 -60.12 9.75 -32.11
N TYR C 187 -61.00 10.43 -31.38
CA TYR C 187 -60.59 11.64 -30.70
C TYR C 187 -61.72 12.32 -29.93
N ASP C 188 -61.35 13.09 -28.91
CA ASP C 188 -62.31 13.84 -28.13
C ASP C 188 -62.04 15.31 -28.37
N TYR C 189 -62.81 15.91 -29.26
CA TYR C 189 -62.63 17.33 -29.57
C TYR C 189 -62.87 18.15 -28.32
N LYS C 190 -62.64 19.45 -28.42
CA LYS C 190 -62.83 20.37 -27.31
C LYS C 190 -63.07 21.72 -27.94
N GLY C 191 -63.36 21.68 -29.23
CA GLY C 191 -63.63 22.88 -29.98
C GLY C 191 -64.01 22.48 -31.39
N SER C 192 -64.32 23.47 -32.23
CA SER C 192 -64.67 23.18 -33.61
C SER C 192 -63.45 22.62 -34.36
N GLY C 193 -63.72 21.67 -35.24
CA GLY C 193 -62.68 21.04 -36.03
C GLY C 193 -63.32 20.31 -37.20
N VAL C 194 -62.69 19.24 -37.69
CA VAL C 194 -63.24 18.47 -38.80
C VAL C 194 -62.89 17.00 -38.59
N ALA C 195 -63.54 16.13 -39.35
CA ALA C 195 -63.29 14.70 -39.26
C ALA C 195 -63.57 14.01 -40.60
N MET C 196 -63.05 12.81 -40.77
CA MET C 196 -63.29 12.09 -42.01
C MET C 196 -62.94 10.64 -41.81
N ALA C 197 -63.50 9.78 -42.63
CA ALA C 197 -63.20 8.37 -42.53
C ALA C 197 -63.14 7.87 -43.97
N MET C 198 -62.29 6.89 -44.22
CA MET C 198 -62.15 6.34 -45.55
C MET C 198 -61.88 4.86 -45.40
N TYR C 199 -61.96 4.14 -46.50
CA TYR C 199 -61.76 2.71 -46.42
C TYR C 199 -61.16 2.20 -47.72
N ASN C 200 -61.05 0.89 -47.80
CA ASN C 200 -60.56 0.21 -48.99
C ASN C 200 -60.77 -1.28 -48.71
N THR C 201 -61.00 -2.04 -49.77
CA THR C 201 -61.24 -3.47 -49.62
C THR C 201 -60.03 -4.33 -49.99
N ASP C 202 -59.91 -5.48 -49.34
CA ASP C 202 -58.80 -6.39 -49.61
C ASP C 202 -58.87 -6.91 -51.04
N GLU C 203 -60.08 -6.86 -51.61
CA GLU C 203 -60.33 -7.31 -52.97
C GLU C 203 -59.84 -6.24 -53.94
N SER C 204 -60.13 -4.99 -53.60
CA SER C 204 -59.69 -3.89 -54.44
C SER C 204 -58.16 -3.87 -54.46
N ILE C 205 -57.54 -3.98 -53.29
CA ILE C 205 -56.09 -3.97 -53.22
C ILE C 205 -55.46 -5.11 -54.00
N GLU C 206 -56.10 -6.28 -54.03
CA GLU C 206 -55.54 -7.39 -54.78
C GLU C 206 -55.53 -7.03 -56.28
N GLY C 207 -56.64 -6.46 -56.76
CA GLY C 207 -56.72 -6.09 -58.16
C GLY C 207 -55.59 -5.14 -58.51
N PHE C 208 -55.44 -4.14 -57.66
CA PHE C 208 -54.39 -3.13 -57.80
C PHE C 208 -53.03 -3.83 -57.91
N ALA C 209 -52.73 -4.66 -56.93
CA ALA C 209 -51.47 -5.39 -56.88
C ALA C 209 -51.25 -6.23 -58.13
N HIS C 210 -52.29 -6.94 -58.57
CA HIS C 210 -52.16 -7.78 -59.77
C HIS C 210 -51.92 -6.98 -61.05
N SER C 211 -52.71 -5.93 -61.26
CA SER C 211 -52.54 -5.11 -62.45
C SER C 211 -51.14 -4.52 -62.47
N SER C 212 -50.64 -4.22 -61.27
CA SER C 212 -49.31 -3.63 -61.08
C SER C 212 -48.17 -4.57 -61.44
N PHE C 213 -48.30 -5.84 -61.04
CA PHE C 213 -47.27 -6.82 -61.34
C PHE C 213 -47.32 -7.21 -62.82
N LYS C 214 -48.52 -7.32 -63.39
CA LYS C 214 -48.66 -7.70 -64.80
C LYS C 214 -47.99 -6.69 -65.72
N LEU C 215 -48.10 -5.41 -65.40
CA LEU C 215 -47.51 -4.36 -66.23
C LEU C 215 -45.98 -4.33 -66.11
N ALA C 216 -45.47 -4.56 -64.91
CA ALA C 216 -44.02 -4.53 -64.65
C ALA C 216 -43.31 -5.65 -65.41
N ILE C 217 -44.05 -6.71 -65.70
CA ILE C 217 -43.53 -7.85 -66.46
C ILE C 217 -43.73 -7.50 -67.94
N ASP C 218 -44.94 -7.05 -68.26
CA ASP C 218 -45.32 -6.66 -69.61
C ASP C 218 -44.32 -5.69 -70.24
N LYS C 219 -43.96 -4.66 -69.49
CA LYS C 219 -43.02 -3.66 -69.99
C LYS C 219 -41.58 -3.92 -69.51
N LYS C 220 -41.42 -4.92 -68.66
CA LYS C 220 -40.11 -5.31 -68.14
C LYS C 220 -39.33 -4.19 -67.44
N LEU C 221 -39.96 -3.62 -66.41
CA LEU C 221 -39.39 -2.54 -65.60
C LEU C 221 -39.54 -2.89 -64.13
N ASN C 222 -38.72 -2.27 -63.29
CA ASN C 222 -38.81 -2.50 -61.85
C ASN C 222 -40.09 -1.89 -61.26
N LEU C 223 -40.66 -2.57 -60.27
CA LEU C 223 -41.89 -2.11 -59.62
C LEU C 223 -41.57 -1.59 -58.23
N PHE C 224 -42.30 -0.56 -57.81
CA PHE C 224 -42.11 0.04 -56.47
C PHE C 224 -43.44 0.44 -55.86
N LEU C 225 -43.81 -0.21 -54.75
CA LEU C 225 -45.03 0.16 -54.05
C LEU C 225 -44.60 1.18 -52.99
N SER C 226 -45.21 2.35 -52.98
CA SER C 226 -44.86 3.33 -51.97
C SER C 226 -45.99 3.52 -51.01
N THR C 227 -45.63 3.53 -49.74
CA THR C 227 -46.59 3.62 -48.65
C THR C 227 -46.03 4.36 -47.45
N LYS C 228 -46.91 4.69 -46.50
CA LYS C 228 -46.53 5.38 -45.27
C LYS C 228 -46.91 4.43 -44.13
N ASN C 229 -46.57 3.16 -44.31
CA ASN C 229 -46.90 2.12 -43.34
C ASN C 229 -46.18 2.18 -42.02
N THR C 230 -45.64 3.34 -41.67
CA THR C 230 -44.96 3.44 -40.38
C THR C 230 -45.81 4.34 -39.49
N ILE C 231 -46.82 4.95 -40.11
CA ILE C 231 -47.75 5.83 -39.40
C ILE C 231 -49.08 5.10 -39.37
N LEU C 232 -49.62 4.83 -40.55
CA LEU C 232 -50.87 4.09 -40.69
C LEU C 232 -50.41 2.64 -40.80
N LYS C 233 -49.94 2.12 -39.67
CA LYS C 233 -49.42 0.75 -39.60
C LYS C 233 -50.37 -0.34 -40.04
N LYS C 234 -51.67 -0.15 -39.82
CA LYS C 234 -52.65 -1.16 -40.20
C LYS C 234 -53.18 -0.96 -41.61
N TYR C 235 -53.49 0.29 -41.95
CA TYR C 235 -54.04 0.64 -43.26
C TYR C 235 -53.05 0.36 -44.40
N ASP C 236 -51.97 1.14 -44.43
CA ASP C 236 -50.94 1.00 -45.46
C ASP C 236 -50.19 -0.31 -45.36
N GLY C 237 -50.20 -0.90 -44.17
CA GLY C 237 -49.52 -2.16 -43.99
C GLY C 237 -50.28 -3.23 -44.74
N ARG C 238 -51.58 -3.01 -44.91
CA ARG C 238 -52.38 -3.99 -45.62
C ARG C 238 -51.97 -3.98 -47.08
N PHE C 239 -51.65 -2.79 -47.59
CA PHE C 239 -51.22 -2.68 -48.97
C PHE C 239 -49.91 -3.45 -49.11
N LYS C 240 -48.93 -3.05 -48.32
CA LYS C 240 -47.63 -3.72 -48.37
C LYS C 240 -47.78 -5.24 -48.22
N ASP C 241 -48.56 -5.67 -47.24
CA ASP C 241 -48.77 -7.10 -47.01
C ASP C 241 -49.39 -7.82 -48.19
N ILE C 242 -50.56 -7.36 -48.64
CA ILE C 242 -51.21 -8.00 -49.77
C ILE C 242 -50.30 -7.97 -50.98
N PHE C 243 -49.56 -6.87 -51.15
CA PHE C 243 -48.65 -6.76 -52.28
C PHE C 243 -47.55 -7.82 -52.12
N GLN C 244 -47.08 -7.98 -50.89
CA GLN C 244 -46.03 -8.95 -50.59
C GLN C 244 -46.53 -10.38 -50.74
N GLU C 245 -47.77 -10.62 -50.32
CA GLU C 245 -48.37 -11.94 -50.42
C GLU C 245 -48.55 -12.32 -51.90
N VAL C 246 -49.20 -11.46 -52.66
CA VAL C 246 -49.44 -11.71 -54.09
C VAL C 246 -48.16 -11.89 -54.88
N TYR C 247 -47.11 -11.16 -54.51
CA TYR C 247 -45.84 -11.24 -55.21
C TYR C 247 -45.26 -12.65 -55.19
N GLU C 248 -44.94 -13.14 -53.99
CA GLU C 248 -44.38 -14.47 -53.83
C GLU C 248 -45.31 -15.53 -54.37
N ALA C 249 -46.61 -15.27 -54.27
CA ALA C 249 -47.62 -16.21 -54.75
C ALA C 249 -47.54 -16.49 -56.26
N GLN C 250 -47.41 -15.46 -57.08
CA GLN C 250 -47.34 -15.74 -58.52
C GLN C 250 -46.65 -14.74 -59.46
N TYR C 251 -45.60 -14.06 -58.97
CA TYR C 251 -44.88 -13.13 -59.83
C TYR C 251 -43.39 -13.12 -59.54
N LYS C 252 -43.01 -13.39 -58.29
CA LYS C 252 -41.60 -13.40 -57.91
C LYS C 252 -40.81 -14.25 -58.89
N SER C 253 -41.47 -15.29 -59.38
CA SER C 253 -40.88 -16.20 -60.35
C SER C 253 -40.51 -15.46 -61.62
N LYS C 254 -41.52 -15.09 -62.40
CA LYS C 254 -41.33 -14.39 -63.66
C LYS C 254 -40.50 -13.12 -63.47
N PHE C 255 -40.51 -12.57 -62.27
CA PHE C 255 -39.74 -11.36 -61.98
C PHE C 255 -38.24 -11.64 -61.97
N GLU C 256 -37.81 -12.53 -61.08
CA GLU C 256 -36.39 -12.88 -60.96
C GLU C 256 -35.91 -13.41 -62.30
N GLN C 257 -36.82 -14.05 -63.01
CA GLN C 257 -36.57 -14.64 -64.31
C GLN C 257 -36.25 -13.53 -65.33
N LEU C 258 -37.01 -12.45 -65.31
CA LEU C 258 -36.81 -11.32 -66.22
C LEU C 258 -35.69 -10.38 -65.77
N GLY C 259 -35.42 -10.33 -64.47
CA GLY C 259 -34.36 -9.47 -63.99
C GLY C 259 -34.86 -8.14 -63.47
N ILE C 260 -36.10 -8.13 -63.00
CA ILE C 260 -36.72 -6.92 -62.47
C ILE C 260 -37.08 -7.21 -61.02
N HIS C 261 -37.16 -6.17 -60.19
CA HIS C 261 -37.48 -6.41 -58.78
C HIS C 261 -38.63 -5.57 -58.24
N TYR C 262 -39.43 -6.20 -57.39
CA TYR C 262 -40.53 -5.51 -56.73
C TYR C 262 -39.90 -5.06 -55.42
N GLU C 263 -40.48 -4.06 -54.78
CA GLU C 263 -39.92 -3.58 -53.53
C GLU C 263 -40.78 -2.48 -52.93
N HIS C 264 -41.05 -2.60 -51.63
CA HIS C 264 -41.84 -1.60 -50.94
C HIS C 264 -40.93 -0.57 -50.29
N ARG C 265 -41.28 0.70 -50.43
CA ARG C 265 -40.50 1.81 -49.86
C ARG C 265 -41.46 2.82 -49.22
N LEU C 266 -40.92 3.70 -48.38
CA LEU C 266 -41.75 4.72 -47.76
C LEU C 266 -41.88 5.82 -48.82
N ILE C 267 -43.09 6.36 -48.95
CA ILE C 267 -43.38 7.38 -49.94
C ILE C 267 -42.28 8.45 -49.96
N ASP C 268 -41.80 8.83 -48.77
CA ASP C 268 -40.74 9.85 -48.59
C ASP C 268 -39.50 9.52 -49.39
N ASP C 269 -39.01 8.32 -49.14
CA ASP C 269 -37.82 7.79 -49.79
C ASP C 269 -38.09 7.72 -51.29
N MET C 270 -39.13 7.00 -51.68
CA MET C 270 -39.47 6.85 -53.08
C MET C 270 -39.55 8.13 -53.89
N VAL C 271 -40.19 9.18 -53.38
CA VAL C 271 -40.28 10.36 -54.21
C VAL C 271 -38.97 11.11 -54.35
N ALA C 272 -38.10 10.97 -53.34
CA ALA C 272 -36.80 11.64 -53.37
C ALA C 272 -35.94 10.86 -54.37
N GLN C 273 -36.08 9.54 -54.32
CA GLN C 273 -35.39 8.65 -55.23
C GLN C 273 -35.82 9.03 -56.65
N MET C 274 -37.13 9.01 -56.87
CA MET C 274 -37.72 9.34 -58.16
C MET C 274 -37.15 10.61 -58.73
N ILE C 275 -37.24 11.69 -57.98
CA ILE C 275 -36.72 12.95 -58.46
C ILE C 275 -35.26 12.86 -58.90
N LYS C 276 -34.46 12.01 -58.26
CA LYS C 276 -33.06 11.92 -58.62
C LYS C 276 -32.67 10.80 -59.57
N SER C 277 -33.64 9.98 -59.98
CA SER C 277 -33.36 8.87 -60.88
C SER C 277 -33.21 9.35 -62.33
N LYS C 278 -33.16 8.40 -63.25
CA LYS C 278 -33.07 8.73 -64.67
C LYS C 278 -34.39 8.29 -65.29
N GLY C 279 -35.28 7.80 -64.43
CA GLY C 279 -36.59 7.35 -64.88
C GLY C 279 -36.59 5.87 -65.16
N GLY C 280 -37.48 5.42 -66.03
CA GLY C 280 -37.54 4.02 -66.39
C GLY C 280 -37.95 3.00 -65.34
N PHE C 281 -39.06 3.28 -64.65
CA PHE C 281 -39.57 2.35 -63.66
C PHE C 281 -41.04 2.61 -63.41
N ILE C 282 -41.68 1.71 -62.68
CA ILE C 282 -43.10 1.85 -62.40
C ILE C 282 -43.30 2.09 -60.92
N MET C 283 -44.16 3.06 -60.61
CA MET C 283 -44.44 3.42 -59.23
C MET C 283 -45.86 3.12 -58.86
N ALA C 284 -46.08 2.07 -58.08
CA ALA C 284 -47.43 1.74 -57.62
C ALA C 284 -47.72 2.71 -56.50
N LEU C 285 -48.87 3.38 -56.54
CA LEU C 285 -49.25 4.35 -55.52
C LEU C 285 -50.71 4.29 -55.07
N LYS C 286 -50.96 4.67 -53.82
CA LYS C 286 -52.32 4.68 -53.31
C LYS C 286 -53.05 5.75 -54.10
N ASN C 287 -54.37 5.67 -54.13
CA ASN C 287 -55.17 6.61 -54.90
C ASN C 287 -54.66 8.08 -54.84
N TYR C 288 -54.62 8.63 -53.63
CA TYR C 288 -54.18 10.00 -53.46
C TYR C 288 -52.74 10.27 -53.93
N ASP C 289 -51.83 9.34 -53.66
CA ASP C 289 -50.44 9.54 -54.04
C ASP C 289 -50.30 9.47 -55.54
N GLY C 290 -50.96 8.47 -56.12
CA GLY C 290 -50.92 8.30 -57.57
C GLY C 290 -51.44 9.56 -58.23
N ASP C 291 -52.50 10.11 -57.65
CA ASP C 291 -53.08 11.31 -58.19
C ASP C 291 -52.02 12.44 -58.22
N VAL C 292 -51.57 12.85 -57.04
CA VAL C 292 -50.59 13.93 -56.89
C VAL C 292 -49.26 13.73 -57.61
N GLN C 293 -48.62 12.58 -57.42
CA GLN C 293 -47.32 12.32 -58.05
C GLN C 293 -47.40 12.41 -59.56
N SER C 294 -48.45 11.83 -60.12
CA SER C 294 -48.62 11.81 -61.57
C SER C 294 -48.52 13.20 -62.15
N ASP C 295 -49.01 14.22 -61.45
CA ASP C 295 -48.93 15.57 -62.00
C ASP C 295 -47.50 16.12 -61.90
N ILE C 296 -46.76 15.63 -60.91
CA ILE C 296 -45.36 16.03 -60.70
C ILE C 296 -44.58 15.41 -61.86
N VAL C 297 -44.82 14.13 -62.10
CA VAL C 297 -44.16 13.42 -63.18
C VAL C 297 -44.44 14.12 -64.51
N ALA C 298 -45.72 14.34 -64.82
CA ALA C 298 -46.10 14.99 -66.06
C ALA C 298 -45.38 16.32 -66.24
N GLN C 299 -45.55 17.22 -65.28
CA GLN C 299 -44.91 18.53 -65.34
C GLN C 299 -43.38 18.35 -65.45
N GLY C 300 -42.86 17.36 -64.73
CA GLY C 300 -41.44 17.10 -64.73
C GLY C 300 -40.86 16.76 -66.09
N PHE C 301 -41.51 15.84 -66.81
CA PHE C 301 -41.01 15.47 -68.12
C PHE C 301 -41.19 16.53 -69.20
N GLY C 302 -41.86 17.63 -68.87
CA GLY C 302 -42.06 18.67 -69.87
C GLY C 302 -43.34 19.48 -69.70
N SER C 303 -44.46 18.78 -69.52
CA SER C 303 -45.74 19.46 -69.32
C SER C 303 -46.90 18.49 -69.13
N LEU C 304 -48.02 19.03 -68.62
CA LEU C 304 -49.21 18.25 -68.35
C LEU C 304 -49.96 17.85 -69.62
N GLY C 305 -49.68 18.57 -70.70
CA GLY C 305 -50.31 18.26 -71.97
C GLY C 305 -49.66 17.06 -72.62
N LEU C 306 -48.63 16.53 -71.97
CA LEU C 306 -47.89 15.38 -72.49
C LEU C 306 -47.88 14.19 -71.55
N MET C 307 -49.05 13.65 -71.26
CA MET C 307 -49.14 12.49 -70.38
C MET C 307 -50.41 11.70 -70.68
N THR C 308 -50.27 10.39 -70.75
CA THR C 308 -51.42 9.55 -71.01
C THR C 308 -51.90 8.99 -69.68
N SER C 309 -53.18 8.71 -69.59
CA SER C 309 -53.79 8.14 -68.39
C SER C 309 -54.93 7.24 -68.85
N ILE C 310 -54.86 5.98 -68.47
CA ILE C 310 -55.89 5.05 -68.87
C ILE C 310 -56.27 4.14 -67.70
N LEU C 311 -57.57 4.04 -67.42
CA LEU C 311 -58.05 3.18 -66.35
C LEU C 311 -58.23 1.76 -66.87
N VAL C 312 -57.72 0.79 -66.12
CA VAL C 312 -57.84 -0.61 -66.50
C VAL C 312 -58.45 -1.40 -65.36
N THR C 313 -59.64 -1.97 -65.59
CA THR C 313 -60.33 -2.76 -64.57
C THR C 313 -59.58 -4.06 -64.31
N PRO C 314 -59.66 -4.59 -63.07
CA PRO C 314 -58.94 -5.84 -62.78
C PRO C 314 -59.23 -6.88 -63.86
N ASP C 315 -60.41 -6.75 -64.48
CA ASP C 315 -60.85 -7.64 -65.55
C ASP C 315 -59.82 -7.67 -66.66
N GLY C 316 -59.39 -6.50 -67.08
CA GLY C 316 -58.43 -6.41 -68.18
C GLY C 316 -59.26 -6.37 -69.44
N LYS C 317 -60.55 -6.15 -69.26
CA LYS C 317 -61.48 -6.10 -70.37
C LYS C 317 -62.34 -4.83 -70.36
N THR C 318 -61.85 -3.80 -69.66
CA THR C 318 -62.55 -2.51 -69.60
C THR C 318 -61.50 -1.42 -69.49
N PHE C 319 -61.63 -0.37 -70.28
CA PHE C 319 -60.66 0.70 -70.27
C PHE C 319 -61.30 2.08 -70.32
N GLU C 320 -60.70 3.05 -69.62
CA GLU C 320 -61.20 4.42 -69.65
C GLU C 320 -60.02 5.33 -70.02
N SER C 321 -60.05 5.90 -71.22
CA SER C 321 -58.96 6.75 -71.67
C SER C 321 -59.23 8.23 -71.48
N GLU C 322 -58.24 8.96 -70.95
CA GLU C 322 -58.42 10.38 -70.70
C GLU C 322 -57.09 11.08 -70.58
N ALA C 323 -57.13 12.42 -70.63
CA ALA C 323 -55.94 13.24 -70.44
C ALA C 323 -55.79 13.28 -68.91
N ALA C 324 -54.57 13.39 -68.40
CA ALA C 324 -54.38 13.43 -66.95
C ALA C 324 -54.66 14.81 -66.35
N HIS C 325 -54.65 15.84 -67.17
CA HIS C 325 -54.89 17.20 -66.71
C HIS C 325 -56.38 17.59 -66.57
N GLY C 326 -56.60 18.85 -66.23
CA GLY C 326 -57.95 19.37 -66.04
C GLY C 326 -58.60 20.01 -67.25
N THR C 327 -59.42 21.02 -67.01
CA THR C 327 -60.14 21.68 -68.09
C THR C 327 -59.43 22.97 -68.51
N VAL C 328 -58.29 23.22 -67.90
CA VAL C 328 -57.47 24.38 -68.20
C VAL C 328 -58.22 25.69 -68.16
N THR C 329 -58.97 25.87 -67.08
CA THR C 329 -59.76 27.06 -66.84
C THR C 329 -59.00 28.36 -67.10
N ARG C 330 -57.78 28.46 -66.58
CA ARG C 330 -56.99 29.68 -66.79
C ARG C 330 -56.93 30.07 -68.25
N HIS C 331 -56.80 29.07 -69.13
CA HIS C 331 -56.74 29.32 -70.56
C HIS C 331 -58.14 29.54 -71.13
N TYR C 332 -59.14 28.87 -70.56
CA TYR C 332 -60.50 29.06 -71.02
C TYR C 332 -60.93 30.50 -70.78
N ARG C 333 -60.51 31.09 -69.65
CA ARG C 333 -60.86 32.48 -69.35
C ARG C 333 -60.38 33.43 -70.44
N LYS C 334 -59.21 33.15 -70.99
CA LYS C 334 -58.68 33.99 -72.04
C LYS C 334 -59.53 33.84 -73.31
N TYR C 335 -59.89 32.60 -73.61
CA TYR C 335 -60.71 32.29 -74.76
C TYR C 335 -62.03 33.05 -74.64
N GLN C 336 -62.57 33.05 -73.42
CA GLN C 336 -63.82 33.72 -73.12
C GLN C 336 -63.79 35.16 -73.59
N LYS C 337 -62.68 35.86 -73.37
CA LYS C 337 -62.65 37.24 -73.80
C LYS C 337 -61.93 37.47 -75.12
N GLY C 338 -62.08 36.52 -76.03
CA GLY C 338 -61.49 36.64 -77.36
C GLY C 338 -59.98 36.68 -77.49
N GLU C 339 -59.25 36.47 -76.39
CA GLU C 339 -57.80 36.47 -76.45
C GLU C 339 -57.32 35.14 -77.05
N GLU C 340 -56.16 35.15 -77.68
CA GLU C 340 -55.68 33.92 -78.31
C GLU C 340 -55.21 32.91 -77.28
N THR C 341 -55.29 31.64 -77.65
CA THR C 341 -54.94 30.52 -76.78
C THR C 341 -53.85 29.61 -77.33
N SER C 342 -53.16 28.93 -76.42
CA SER C 342 -52.13 27.99 -76.82
C SER C 342 -52.15 26.83 -75.86
N THR C 343 -53.23 26.08 -75.88
CA THR C 343 -53.31 24.94 -74.99
C THR C 343 -52.89 23.68 -75.71
N ASN C 344 -52.02 22.91 -75.09
CA ASN C 344 -51.56 21.67 -75.68
C ASN C 344 -52.74 20.71 -75.84
N SER C 345 -52.90 20.18 -77.07
CA SER C 345 -54.00 19.26 -77.40
C SER C 345 -53.56 17.79 -77.45
N ILE C 346 -52.26 17.55 -77.32
CA ILE C 346 -51.72 16.20 -77.40
C ILE C 346 -52.29 15.15 -76.44
N ALA C 347 -52.37 15.46 -75.16
CA ALA C 347 -52.88 14.51 -74.19
C ALA C 347 -54.32 14.16 -74.56
N SER C 348 -55.06 15.17 -75.00
CA SER C 348 -56.44 14.99 -75.41
C SER C 348 -56.47 13.99 -76.58
N ILE C 349 -55.68 14.29 -77.59
CA ILE C 349 -55.57 13.44 -78.77
C ILE C 349 -55.23 12.00 -78.39
N PHE C 350 -54.23 11.81 -77.51
CA PHE C 350 -53.86 10.44 -77.13
C PHE C 350 -54.94 9.79 -76.32
N ALA C 351 -55.80 10.60 -75.72
CA ALA C 351 -56.89 10.01 -74.95
C ALA C 351 -57.71 9.28 -75.99
N TRP C 352 -57.88 9.89 -77.16
CA TRP C 352 -58.64 9.26 -78.24
C TRP C 352 -57.93 8.04 -78.80
N SER C 353 -56.70 8.24 -79.28
CA SER C 353 -55.93 7.16 -79.87
C SER C 353 -55.79 5.94 -78.97
N ARG C 354 -55.42 6.15 -77.71
CA ARG C 354 -55.26 5.03 -76.78
C ARG C 354 -56.63 4.40 -76.54
N GLY C 355 -57.67 5.20 -76.76
CA GLY C 355 -59.02 4.70 -76.58
C GLY C 355 -59.32 3.79 -77.74
N LEU C 356 -59.11 4.32 -78.94
CA LEU C 356 -59.32 3.55 -80.16
C LEU C 356 -58.45 2.29 -80.11
N LEU C 357 -57.16 2.47 -79.85
CA LEU C 357 -56.22 1.36 -79.78
C LEU C 357 -56.74 0.21 -78.90
N LYS C 358 -57.40 0.54 -77.79
CA LYS C 358 -57.92 -0.52 -76.91
C LYS C 358 -59.18 -1.13 -77.50
N ARG C 359 -59.74 -0.45 -78.50
CA ARG C 359 -60.95 -0.90 -79.20
C ARG C 359 -60.50 -1.94 -80.23
N GLY C 360 -59.43 -1.61 -80.96
CA GLY C 360 -58.89 -2.52 -81.95
C GLY C 360 -58.49 -3.83 -81.32
N GLU C 361 -57.65 -3.78 -80.29
CA GLU C 361 -57.21 -4.99 -79.61
C GLU C 361 -58.39 -5.85 -79.16
N LEU C 362 -59.43 -5.21 -78.65
CA LEU C 362 -60.62 -5.92 -78.19
C LEU C 362 -61.54 -6.46 -79.29
N ASP C 363 -61.49 -5.87 -80.47
CA ASP C 363 -62.33 -6.32 -81.59
C ASP C 363 -61.55 -7.01 -82.72
N ASN C 364 -60.23 -7.05 -82.59
CA ASN C 364 -59.39 -7.66 -83.61
C ASN C 364 -59.51 -6.88 -84.92
N THR C 365 -59.56 -5.55 -84.78
CA THR C 365 -59.68 -4.63 -85.90
C THR C 365 -58.36 -3.93 -86.23
N PRO C 366 -57.32 -4.69 -86.63
CA PRO C 366 -56.00 -4.13 -86.95
C PRO C 366 -55.98 -2.83 -87.76
N ALA C 367 -57.10 -2.50 -88.40
CA ALA C 367 -57.17 -1.26 -89.19
C ALA C 367 -57.32 -0.08 -88.24
N LEU C 368 -58.03 -0.30 -87.14
CA LEU C 368 -58.22 0.75 -86.13
C LEU C 368 -56.85 1.04 -85.53
N CYS C 369 -56.21 -0.02 -85.05
CA CYS C 369 -54.88 0.04 -84.43
C CYS C 369 -53.89 0.79 -85.30
N LYS C 370 -53.94 0.55 -86.61
CA LYS C 370 -53.02 1.22 -87.52
C LYS C 370 -53.41 2.69 -87.62
N PHE C 371 -54.71 2.97 -87.54
CA PHE C 371 -55.15 4.35 -87.60
C PHE C 371 -54.58 5.05 -86.35
N ALA C 372 -54.90 4.46 -85.19
CA ALA C 372 -54.46 4.95 -83.89
C ALA C 372 -52.98 5.34 -83.87
N ASN C 373 -52.12 4.33 -84.01
CA ASN C 373 -50.69 4.58 -84.00
C ASN C 373 -50.29 5.69 -84.97
N ILE C 374 -51.00 5.82 -86.08
CA ILE C 374 -50.70 6.87 -87.06
C ILE C 374 -51.08 8.25 -86.53
N LEU C 375 -52.20 8.31 -85.81
CA LEU C 375 -52.69 9.54 -85.23
C LEU C 375 -51.62 10.06 -84.27
N GLU C 376 -51.13 9.15 -83.42
CA GLU C 376 -50.10 9.50 -82.44
C GLU C 376 -48.85 10.03 -83.14
N SER C 377 -48.36 9.28 -84.12
CA SER C 377 -47.18 9.65 -84.87
C SER C 377 -47.32 11.03 -85.53
N ALA C 378 -48.44 11.26 -86.17
CA ALA C 378 -48.66 12.55 -86.83
C ALA C 378 -48.58 13.68 -85.80
N THR C 379 -49.25 13.45 -84.67
CA THR C 379 -49.29 14.43 -83.61
C THR C 379 -47.89 14.77 -83.13
N LEU C 380 -47.14 13.76 -82.72
CA LEU C 380 -45.78 14.01 -82.25
C LEU C 380 -44.91 14.63 -83.35
N ASN C 381 -44.97 14.08 -84.56
CA ASN C 381 -44.17 14.61 -85.66
C ASN C 381 -44.50 16.04 -86.02
N THR C 382 -45.70 16.47 -85.65
CA THR C 382 -46.07 17.85 -85.93
C THR C 382 -45.16 18.72 -85.05
N VAL C 383 -44.70 18.11 -83.96
CA VAL C 383 -43.82 18.78 -83.00
C VAL C 383 -42.37 18.40 -83.30
N GLN C 384 -42.10 17.10 -83.24
CA GLN C 384 -40.77 16.56 -83.48
C GLN C 384 -40.11 17.05 -84.79
N GLN C 385 -40.78 16.75 -85.91
CA GLN C 385 -40.31 17.11 -87.24
C GLN C 385 -40.47 18.57 -87.59
N ASP C 386 -41.70 18.92 -87.96
CA ASP C 386 -42.03 20.27 -88.40
C ASP C 386 -41.92 21.36 -87.33
N GLY C 387 -41.70 20.95 -86.09
CA GLY C 387 -41.56 21.92 -85.00
C GLY C 387 -42.70 22.88 -84.77
N ILE C 388 -43.92 22.37 -84.80
CA ILE C 388 -45.08 23.21 -84.57
C ILE C 388 -45.54 22.82 -83.17
N MET C 389 -45.48 23.76 -82.24
CA MET C 389 -45.86 23.46 -80.87
C MET C 389 -46.60 24.59 -80.18
N THR C 390 -47.29 24.22 -79.10
CA THR C 390 -48.04 25.19 -78.30
C THR C 390 -47.10 25.78 -77.25
N LYS C 391 -47.37 27.01 -76.84
CA LYS C 391 -46.53 27.69 -75.87
C LYS C 391 -45.94 26.86 -74.74
N ASP C 392 -46.73 25.99 -74.13
CA ASP C 392 -46.20 25.18 -73.05
C ASP C 392 -44.95 24.43 -73.50
N LEU C 393 -44.90 24.03 -74.76
CA LEU C 393 -43.74 23.29 -75.27
C LEU C 393 -42.62 24.25 -75.74
N ALA C 394 -43.00 25.43 -76.21
CA ALA C 394 -42.02 26.40 -76.67
C ALA C 394 -41.14 26.84 -75.50
N LEU C 395 -41.75 26.92 -74.31
CA LEU C 395 -41.02 27.32 -73.10
C LEU C 395 -40.09 26.21 -72.60
N ALA C 396 -40.43 24.95 -72.88
CA ALA C 396 -39.56 23.85 -72.46
C ALA C 396 -38.26 23.96 -73.25
N CYS C 397 -38.39 24.23 -74.55
CA CYS C 397 -37.26 24.37 -75.46
C CYS C 397 -36.48 25.65 -75.14
N GLY C 398 -37.00 26.47 -74.23
CA GLY C 398 -36.34 27.71 -73.87
C GLY C 398 -36.60 28.92 -74.75
N ASN C 399 -37.67 28.89 -75.54
CA ASN C 399 -37.99 30.02 -76.41
C ASN C 399 -39.22 30.77 -75.96
N ASN C 400 -39.00 31.92 -75.33
CA ASN C 400 -40.09 32.76 -74.82
C ASN C 400 -40.62 33.72 -75.88
N GLU C 401 -40.11 33.60 -77.09
CA GLU C 401 -40.53 34.44 -78.21
C GLU C 401 -41.91 34.03 -78.72
N ARG C 402 -42.77 35.02 -78.96
CA ARG C 402 -44.13 34.73 -79.43
C ARG C 402 -44.07 33.83 -80.66
N SER C 403 -43.26 34.21 -81.64
CA SER C 403 -43.14 33.46 -82.88
C SER C 403 -42.86 31.97 -82.70
N ALA C 404 -42.32 31.59 -81.54
CA ALA C 404 -41.97 30.20 -81.29
C ALA C 404 -43.12 29.21 -81.27
N TYR C 405 -44.32 29.66 -80.92
CA TYR C 405 -45.43 28.73 -80.85
C TYR C 405 -46.66 29.11 -81.66
N VAL C 406 -47.57 28.17 -81.80
CA VAL C 406 -48.80 28.37 -82.52
C VAL C 406 -50.01 28.38 -81.56
N THR C 407 -51.16 28.79 -82.05
CA THR C 407 -52.36 28.83 -81.23
C THR C 407 -53.02 27.46 -81.13
N THR C 408 -53.87 27.30 -80.13
CA THR C 408 -54.59 26.06 -79.89
C THR C 408 -55.20 25.56 -81.19
N GLU C 409 -55.80 26.49 -81.93
CA GLU C 409 -56.42 26.22 -83.22
C GLU C 409 -55.40 25.72 -84.25
N GLU C 410 -54.36 26.53 -84.46
CA GLU C 410 -53.29 26.23 -85.42
C GLU C 410 -52.59 24.90 -85.17
N PHE C 411 -52.31 24.57 -83.90
CA PHE C 411 -51.64 23.31 -83.64
C PHE C 411 -52.47 22.14 -84.15
N LEU C 412 -53.76 22.17 -83.86
CA LEU C 412 -54.65 21.11 -84.31
C LEU C 412 -54.75 21.05 -85.83
N ASP C 413 -54.66 22.21 -86.48
CA ASP C 413 -54.73 22.27 -87.94
C ASP C 413 -53.49 21.61 -88.54
N ALA C 414 -52.34 21.93 -87.96
CA ALA C 414 -51.10 21.34 -88.42
C ALA C 414 -51.22 19.84 -88.23
N VAL C 415 -51.68 19.39 -87.07
CA VAL C 415 -51.83 17.95 -86.80
C VAL C 415 -52.80 17.30 -87.78
N GLU C 416 -53.85 18.03 -88.16
CA GLU C 416 -54.81 17.47 -89.11
C GLU C 416 -54.18 17.32 -90.48
N LYS C 417 -53.53 18.39 -90.93
CA LYS C 417 -52.87 18.39 -92.22
C LYS C 417 -51.85 17.27 -92.26
N ARG C 418 -50.98 17.22 -91.26
CA ARG C 418 -49.96 16.20 -91.21
C ARG C 418 -50.55 14.80 -91.06
N LEU C 419 -51.80 14.72 -90.61
CA LEU C 419 -52.43 13.41 -90.46
C LEU C 419 -52.66 12.85 -91.85
N GLN C 420 -53.27 13.68 -92.70
CA GLN C 420 -53.56 13.30 -94.09
C GLN C 420 -52.31 12.76 -94.77
N LYS C 421 -51.24 13.54 -94.73
CA LYS C 421 -49.96 13.16 -95.32
C LYS C 421 -49.57 11.76 -94.89
N GLU C 422 -49.50 11.54 -93.58
CA GLU C 422 -49.13 10.23 -93.05
C GLU C 422 -50.16 9.14 -93.23
N ILE C 423 -51.29 9.48 -93.84
CA ILE C 423 -52.34 8.49 -94.09
C ILE C 423 -52.17 7.88 -95.46
N LYS C 424 -51.58 8.66 -96.37
CA LYS C 424 -51.33 8.21 -97.74
C LYS C 424 -50.24 7.15 -97.77
N SER C 425 -50.04 6.50 -96.63
CA SER C 425 -49.05 5.44 -96.49
C SER C 425 -49.54 4.40 -95.49
N PHE D 16 -10.19 29.00 -26.88
CA PHE D 16 -9.66 29.14 -25.49
C PHE D 16 -10.67 29.78 -24.54
N SER D 17 -11.87 30.08 -25.04
CA SER D 17 -12.93 30.69 -24.22
C SER D 17 -14.31 30.22 -24.67
N LYS D 18 -15.02 29.52 -23.79
CA LYS D 18 -16.34 28.99 -24.13
C LYS D 18 -17.50 29.97 -23.91
N ILE D 19 -18.48 29.92 -24.83
CA ILE D 19 -19.67 30.77 -24.76
C ILE D 19 -20.69 30.09 -23.88
N LYS D 20 -21.10 30.76 -22.82
CA LYS D 20 -22.08 30.19 -21.91
C LYS D 20 -23.48 30.31 -22.48
N VAL D 21 -24.24 29.23 -22.38
CA VAL D 21 -25.60 29.25 -22.87
C VAL D 21 -26.51 29.42 -21.67
N LYS D 22 -27.28 30.50 -21.66
CA LYS D 22 -28.19 30.82 -20.57
C LYS D 22 -29.05 29.60 -20.22
N GLN D 23 -30.24 29.53 -20.79
CA GLN D 23 -31.14 28.42 -20.52
C GLN D 23 -30.60 27.10 -21.05
N PRO D 24 -31.10 25.98 -20.51
CA PRO D 24 -30.63 24.68 -20.98
C PRO D 24 -31.30 24.29 -22.31
N VAL D 25 -30.67 23.38 -23.03
CA VAL D 25 -31.15 22.92 -24.33
C VAL D 25 -31.48 21.44 -24.29
N VAL D 26 -32.67 21.06 -24.74
CA VAL D 26 -33.03 19.65 -24.75
C VAL D 26 -32.44 19.00 -25.98
N GLU D 27 -31.79 17.87 -25.79
CA GLU D 27 -31.18 17.15 -26.91
C GLU D 27 -31.70 15.72 -26.95
N LEU D 28 -32.34 15.36 -28.05
CA LEU D 28 -32.85 14.00 -28.16
C LEU D 28 -31.97 13.21 -29.11
N ASP D 29 -31.22 12.25 -28.58
CA ASP D 29 -30.37 11.46 -29.46
C ASP D 29 -31.26 10.52 -30.27
N GLY D 30 -30.68 9.82 -31.23
CA GLY D 30 -31.45 8.95 -32.07
C GLY D 30 -30.85 7.61 -32.43
N ASP D 31 -30.95 7.25 -33.72
CA ASP D 31 -30.49 5.95 -34.19
C ASP D 31 -29.61 5.88 -35.41
N GLU D 32 -29.13 4.66 -35.66
CA GLU D 32 -28.28 4.29 -36.78
C GLU D 32 -27.29 5.34 -37.28
N MET D 33 -27.21 5.51 -38.60
CA MET D 33 -26.27 6.45 -39.19
C MET D 33 -26.30 7.87 -38.62
N THR D 34 -27.49 8.38 -38.38
CA THR D 34 -27.60 9.73 -37.85
C THR D 34 -27.06 9.79 -36.43
N ARG D 35 -27.24 8.71 -35.66
CA ARG D 35 -26.73 8.68 -34.29
C ARG D 35 -25.19 8.85 -34.33
N ILE D 36 -24.52 8.09 -35.19
CA ILE D 36 -23.08 8.15 -35.34
C ILE D 36 -22.62 9.58 -35.63
N ILE D 37 -23.28 10.21 -36.60
CA ILE D 37 -22.97 11.58 -36.99
C ILE D 37 -23.24 12.56 -35.87
N TRP D 38 -24.35 12.35 -35.19
CA TRP D 38 -24.79 13.20 -34.08
C TRP D 38 -23.71 13.36 -33.04
N ASP D 39 -23.08 12.24 -32.69
CA ASP D 39 -22.03 12.22 -31.68
C ASP D 39 -20.91 13.17 -32.04
N LYS D 40 -20.31 12.91 -33.20
CA LYS D 40 -19.22 13.73 -33.69
C LYS D 40 -19.57 15.21 -33.78
N ILE D 41 -20.84 15.52 -34.03
CA ILE D 41 -21.20 16.92 -34.11
C ILE D 41 -21.11 17.64 -32.77
N LYS D 42 -21.60 17.04 -31.68
CA LYS D 42 -21.53 17.76 -30.40
C LYS D 42 -20.13 17.71 -29.81
N LYS D 43 -19.42 16.61 -30.07
CA LYS D 43 -18.04 16.50 -29.60
C LYS D 43 -17.20 17.58 -30.29
N LYS D 44 -16.94 17.37 -31.57
CA LYS D 44 -16.12 18.28 -32.38
C LYS D 44 -16.63 19.71 -32.64
N LEU D 45 -17.91 19.90 -32.95
CA LEU D 45 -18.36 21.24 -33.29
C LEU D 45 -19.15 22.01 -32.24
N ILE D 46 -19.58 21.36 -31.17
CA ILE D 46 -20.39 22.06 -30.18
C ILE D 46 -19.79 22.26 -28.78
N LEU D 47 -19.51 21.15 -28.10
CA LEU D 47 -18.95 21.15 -26.74
C LEU D 47 -17.66 21.97 -26.55
N PRO D 48 -16.74 21.92 -27.53
CA PRO D 48 -15.50 22.68 -27.41
C PRO D 48 -15.67 24.19 -27.44
N TYR D 49 -16.83 24.69 -27.88
CA TYR D 49 -17.01 26.14 -27.96
C TYR D 49 -18.16 26.64 -27.12
N LEU D 50 -18.93 25.71 -26.57
CA LEU D 50 -20.07 26.09 -25.78
C LEU D 50 -20.17 25.49 -24.39
N ASP D 51 -20.64 26.30 -23.47
CA ASP D 51 -20.85 25.91 -22.09
C ASP D 51 -22.37 25.78 -22.10
N VAL D 52 -22.83 24.60 -22.50
CA VAL D 52 -24.24 24.33 -22.62
C VAL D 52 -24.76 23.27 -21.66
N ASP D 53 -25.98 23.47 -21.19
CA ASP D 53 -26.59 22.51 -20.30
C ASP D 53 -27.53 21.67 -21.16
N LEU D 54 -26.99 20.54 -21.64
CA LEU D 54 -27.74 19.62 -22.49
C LEU D 54 -28.55 18.55 -21.75
N LYS D 55 -29.87 18.70 -21.81
CA LYS D 55 -30.80 17.76 -21.20
C LYS D 55 -30.93 16.56 -22.13
N TYR D 56 -29.99 15.63 -22.01
CA TYR D 56 -29.93 14.45 -22.85
C TYR D 56 -31.02 13.41 -22.77
N TYR D 57 -31.67 13.14 -23.92
CA TYR D 57 -32.72 12.13 -24.01
C TYR D 57 -32.45 11.10 -25.11
N ASP D 58 -31.84 9.99 -24.75
CA ASP D 58 -31.57 8.95 -25.72
C ASP D 58 -32.90 8.41 -26.24
N LEU D 59 -33.14 8.49 -27.56
CA LEU D 59 -34.38 8.00 -28.15
C LEU D 59 -34.17 6.88 -29.15
N SER D 60 -33.08 6.15 -29.04
CA SER D 60 -32.86 5.04 -29.96
C SER D 60 -34.04 4.07 -29.83
N VAL D 61 -34.16 3.08 -30.70
CA VAL D 61 -35.27 2.15 -30.55
C VAL D 61 -35.07 1.46 -29.22
N GLU D 62 -33.84 1.01 -28.98
CA GLU D 62 -33.48 0.32 -27.76
C GLU D 62 -33.83 1.17 -26.55
N SER D 63 -33.49 2.45 -26.58
CA SER D 63 -33.84 3.29 -25.45
C SER D 63 -35.35 3.32 -25.37
N ARG D 64 -36.00 3.81 -26.42
CA ARG D 64 -37.45 3.90 -26.48
C ARG D 64 -38.18 2.59 -26.17
N ASP D 65 -37.59 1.46 -26.57
CA ASP D 65 -38.21 0.17 -26.33
C ASP D 65 -38.24 -0.17 -24.84
N ALA D 66 -37.06 -0.34 -24.26
CA ALA D 66 -36.92 -0.69 -22.84
C ALA D 66 -37.52 0.34 -21.90
N THR D 67 -37.82 1.53 -22.41
CA THR D 67 -38.43 2.58 -21.60
C THR D 67 -39.91 2.65 -21.96
N SER D 68 -40.31 1.75 -22.88
CA SER D 68 -41.69 1.66 -23.37
C SER D 68 -42.24 2.97 -23.92
N ASP D 69 -41.43 3.63 -24.76
CA ASP D 69 -41.76 4.90 -25.40
C ASP D 69 -42.04 6.05 -24.43
N LYS D 70 -41.72 5.83 -23.16
CA LYS D 70 -41.95 6.86 -22.15
C LYS D 70 -40.93 7.97 -22.27
N ILE D 71 -39.70 7.60 -22.61
CA ILE D 71 -38.62 8.56 -22.78
C ILE D 71 -39.04 9.63 -23.78
N THR D 72 -39.68 9.20 -24.86
CA THR D 72 -40.17 10.08 -25.93
C THR D 72 -41.10 11.15 -25.36
N GLN D 73 -42.06 10.71 -24.55
CA GLN D 73 -43.02 11.61 -23.91
C GLN D 73 -42.26 12.65 -23.06
N ASP D 74 -41.32 12.15 -22.25
CA ASP D 74 -40.55 13.02 -21.38
C ASP D 74 -39.78 14.03 -22.20
N ALA D 75 -39.02 13.52 -23.18
CA ALA D 75 -38.23 14.37 -24.07
C ALA D 75 -39.13 15.45 -24.67
N ALA D 76 -40.35 15.06 -25.03
CA ALA D 76 -41.30 15.99 -25.62
C ALA D 76 -41.68 17.13 -24.64
N GLU D 77 -42.18 16.76 -23.46
CA GLU D 77 -42.57 17.76 -22.48
C GLU D 77 -41.37 18.59 -22.04
N ALA D 78 -40.19 17.96 -22.04
CA ALA D 78 -38.96 18.66 -21.68
C ALA D 78 -38.83 19.89 -22.57
N ILE D 79 -38.86 19.65 -23.87
CA ILE D 79 -38.78 20.71 -24.88
C ILE D 79 -39.87 21.73 -24.59
N LYS D 80 -41.08 21.22 -24.36
CA LYS D 80 -42.24 22.05 -24.08
C LYS D 80 -41.87 23.06 -22.99
N LYS D 81 -41.16 22.57 -21.98
CA LYS D 81 -40.76 23.39 -20.85
C LYS D 81 -39.66 24.42 -21.14
N TYR D 82 -38.46 23.94 -21.41
CA TYR D 82 -37.31 24.80 -21.66
C TYR D 82 -37.29 25.72 -22.89
N GLY D 83 -38.06 25.37 -23.92
CA GLY D 83 -38.10 26.23 -25.10
C GLY D 83 -37.43 25.75 -26.38
N VAL D 84 -36.32 25.03 -26.30
CA VAL D 84 -35.65 24.57 -27.51
C VAL D 84 -35.20 23.11 -27.43
N GLY D 85 -35.53 22.36 -28.49
CA GLY D 85 -35.14 20.97 -28.58
C GLY D 85 -34.36 20.80 -29.87
N ILE D 86 -33.53 19.77 -29.90
CA ILE D 86 -32.73 19.47 -31.06
C ILE D 86 -32.78 17.95 -31.16
N LYS D 87 -33.34 17.42 -32.25
CA LYS D 87 -33.51 15.97 -32.41
C LYS D 87 -32.74 15.22 -33.50
N CYS D 88 -32.09 14.13 -33.12
CA CYS D 88 -31.38 13.29 -34.06
C CYS D 88 -32.48 12.44 -34.72
N ALA D 89 -32.23 11.86 -35.89
CA ALA D 89 -33.26 11.07 -36.57
C ALA D 89 -33.50 9.73 -35.89
N THR D 90 -34.79 9.41 -35.65
CA THR D 90 -35.20 8.17 -34.99
C THR D 90 -35.92 7.15 -35.85
N ILE D 91 -35.84 5.89 -35.43
CA ILE D 91 -36.46 4.79 -36.15
C ILE D 91 -37.93 4.57 -35.78
N THR D 92 -38.84 4.76 -36.73
CA THR D 92 -40.25 4.48 -36.47
C THR D 92 -40.31 2.99 -36.78
N PRO D 93 -40.77 2.17 -35.82
CA PRO D 93 -40.84 0.73 -36.05
C PRO D 93 -42.04 0.16 -36.79
N ASP D 94 -41.76 -0.68 -37.77
CA ASP D 94 -42.79 -1.35 -38.54
C ASP D 94 -42.58 -2.84 -38.21
N GLU D 95 -43.39 -3.73 -38.77
CA GLU D 95 -43.21 -5.16 -38.49
C GLU D 95 -41.75 -5.58 -38.72
N ALA D 96 -41.17 -5.09 -39.81
CA ALA D 96 -39.80 -5.43 -40.15
C ALA D 96 -38.81 -5.02 -39.05
N ARG D 97 -39.06 -3.89 -38.40
CA ARG D 97 -38.19 -3.38 -37.33
C ARG D 97 -38.29 -4.22 -36.05
N VAL D 98 -39.51 -4.38 -35.57
CA VAL D 98 -39.77 -5.14 -34.34
C VAL D 98 -38.98 -6.46 -34.32
N LYS D 99 -38.87 -7.12 -35.46
CA LYS D 99 -38.13 -8.36 -35.51
C LYS D 99 -36.64 -8.08 -35.30
N GLU D 100 -36.12 -7.10 -36.03
CA GLU D 100 -34.70 -6.70 -35.96
C GLU D 100 -34.22 -6.45 -34.54
N PHE D 101 -34.80 -5.45 -33.90
CA PHE D 101 -34.42 -5.06 -32.56
C PHE D 101 -35.14 -5.88 -31.50
N ASN D 102 -36.09 -6.71 -31.92
CA ASN D 102 -36.83 -7.56 -30.98
C ASN D 102 -37.65 -6.72 -30.00
N LEU D 103 -38.21 -5.63 -30.50
CA LEU D 103 -39.00 -4.72 -29.69
C LEU D 103 -40.20 -5.40 -29.04
N HIS D 104 -40.77 -4.73 -28.04
CA HIS D 104 -41.93 -5.25 -27.34
C HIS D 104 -43.16 -4.99 -28.20
N LYS D 105 -43.34 -3.73 -28.60
CA LYS D 105 -44.46 -3.33 -29.46
C LYS D 105 -43.91 -2.79 -30.77
N MET D 106 -44.77 -2.14 -31.53
CA MET D 106 -44.41 -1.52 -32.80
C MET D 106 -44.75 -0.06 -32.52
N TRP D 107 -43.98 0.55 -31.62
CA TRP D 107 -44.19 1.92 -31.17
C TRP D 107 -44.46 2.94 -32.27
N LYS D 108 -45.17 4.00 -31.90
CA LYS D 108 -45.49 5.05 -32.85
C LYS D 108 -44.24 5.86 -33.14
N SER D 109 -44.29 6.67 -34.18
CA SER D 109 -43.14 7.49 -34.53
C SER D 109 -42.97 8.58 -33.47
N PRO D 110 -41.76 8.68 -32.87
CA PRO D 110 -41.52 9.71 -31.86
C PRO D 110 -41.75 11.14 -32.38
N ASN D 111 -41.68 11.29 -33.69
CA ASN D 111 -41.91 12.60 -34.30
C ASN D 111 -43.40 12.92 -34.32
N GLY D 112 -44.23 11.88 -34.35
CA GLY D 112 -45.66 12.09 -34.34
C GLY D 112 -46.05 12.45 -32.92
N THR D 113 -45.47 11.71 -31.98
CA THR D 113 -45.73 11.95 -30.57
C THR D 113 -45.35 13.40 -30.21
N ILE D 114 -44.12 13.80 -30.53
CA ILE D 114 -43.63 15.15 -30.22
C ILE D 114 -44.40 16.26 -30.90
N ARG D 115 -44.59 16.12 -32.21
CA ARG D 115 -45.29 17.16 -32.96
C ARG D 115 -46.73 17.35 -32.49
N ASN D 116 -47.36 16.24 -32.08
CA ASN D 116 -48.73 16.26 -31.57
C ASN D 116 -48.77 17.05 -30.25
N ILE D 117 -47.82 16.74 -29.36
CA ILE D 117 -47.72 17.39 -28.06
C ILE D 117 -47.41 18.89 -28.14
N LEU D 118 -46.59 19.30 -29.10
CA LEU D 118 -46.23 20.71 -29.22
C LEU D 118 -47.11 21.47 -30.21
N GLY D 119 -47.56 20.77 -31.25
CA GLY D 119 -48.40 21.37 -32.27
C GLY D 119 -47.74 22.49 -33.07
N GLY D 120 -48.41 22.97 -34.11
CA GLY D 120 -47.87 24.07 -34.89
C GLY D 120 -47.38 23.72 -36.27
N THR D 121 -46.69 24.69 -36.89
CA THR D 121 -46.14 24.56 -38.23
C THR D 121 -44.65 24.19 -38.32
N VAL D 122 -44.33 23.26 -39.22
CA VAL D 122 -42.94 22.85 -39.43
C VAL D 122 -42.50 23.47 -40.76
N PHE D 123 -41.63 24.47 -40.67
CA PHE D 123 -41.11 25.17 -41.83
C PHE D 123 -39.82 24.48 -42.31
N ARG D 124 -39.74 24.22 -43.60
CA ARG D 124 -38.58 23.54 -44.16
C ARG D 124 -38.10 24.14 -45.46
N GLU D 125 -36.78 24.29 -45.59
CA GLU D 125 -36.19 24.80 -46.82
C GLU D 125 -34.81 24.26 -47.04
N PRO D 126 -34.40 24.21 -48.32
CA PRO D 126 -33.08 23.69 -48.67
C PRO D 126 -31.97 24.57 -48.12
N ILE D 127 -30.79 23.96 -48.05
CA ILE D 127 -29.58 24.62 -47.62
C ILE D 127 -28.82 24.78 -48.94
N VAL D 128 -28.67 26.00 -49.40
CA VAL D 128 -28.01 26.27 -50.68
C VAL D 128 -26.49 26.49 -50.68
N ILE D 129 -25.79 25.60 -51.39
CA ILE D 129 -24.34 25.71 -51.55
C ILE D 129 -24.08 26.03 -53.03
N PRO D 130 -23.74 27.29 -53.36
CA PRO D 130 -23.47 27.73 -54.75
C PRO D 130 -22.71 26.74 -55.63
N ARG D 131 -21.64 26.14 -55.10
CA ARG D 131 -20.84 25.18 -55.84
C ARG D 131 -21.66 23.97 -56.23
N ILE D 132 -22.79 23.74 -55.55
CA ILE D 132 -23.62 22.56 -55.85
C ILE D 132 -24.84 22.86 -56.71
N PRO D 133 -24.98 22.15 -57.85
CA PRO D 133 -26.07 22.27 -58.81
C PRO D 133 -27.34 21.59 -58.33
N ARG D 134 -28.48 21.93 -58.92
CA ARG D 134 -29.74 21.33 -58.53
C ARG D 134 -30.23 20.31 -59.52
N LEU D 135 -31.09 19.40 -59.08
CA LEU D 135 -31.65 18.39 -59.97
C LEU D 135 -32.77 19.06 -60.76
N VAL D 136 -33.24 20.19 -60.24
CA VAL D 136 -34.28 20.96 -60.92
C VAL D 136 -33.69 22.34 -61.18
N PRO D 137 -32.87 22.44 -62.23
CA PRO D 137 -32.14 23.60 -62.75
C PRO D 137 -32.88 24.91 -62.71
N ARG D 138 -34.17 24.86 -62.95
CA ARG D 138 -34.98 26.07 -63.00
C ARG D 138 -35.20 26.72 -61.64
N TRP D 139 -35.15 25.93 -60.57
CA TRP D 139 -35.34 26.50 -59.24
C TRP D 139 -34.08 27.31 -59.01
N GLU D 140 -34.21 28.56 -58.59
CA GLU D 140 -33.01 29.35 -58.38
C GLU D 140 -33.14 30.14 -57.09
N LYS D 141 -34.38 30.26 -56.62
CA LYS D 141 -34.69 30.94 -55.37
C LYS D 141 -35.30 29.83 -54.50
N PRO D 142 -34.97 29.80 -53.20
CA PRO D 142 -35.49 28.78 -52.28
C PRO D 142 -37.01 28.65 -52.18
N ILE D 143 -37.48 27.40 -52.02
CA ILE D 143 -38.90 27.10 -51.88
C ILE D 143 -39.14 26.72 -50.42
N ILE D 144 -40.04 27.41 -49.74
CA ILE D 144 -40.27 27.07 -48.34
C ILE D 144 -41.57 26.31 -48.09
N ILE D 145 -41.49 25.28 -47.26
CA ILE D 145 -42.66 24.47 -46.92
C ILE D 145 -43.23 24.69 -45.52
N GLY D 146 -44.47 25.17 -45.46
CA GLY D 146 -45.14 25.36 -44.18
C GLY D 146 -46.02 24.15 -43.98
N ARG D 147 -45.46 23.14 -43.33
CA ARG D 147 -46.16 21.90 -43.07
C ARG D 147 -46.95 21.96 -41.75
N HIS D 148 -48.26 21.77 -41.84
CA HIS D 148 -49.09 21.76 -40.64
C HIS D 148 -48.62 20.53 -39.88
N ALA D 149 -48.27 20.68 -38.61
CA ALA D 149 -47.76 19.54 -37.86
C ALA D 149 -48.71 18.86 -36.89
N HIS D 150 -50.01 19.14 -36.98
CA HIS D 150 -50.91 18.56 -36.00
C HIS D 150 -51.56 17.19 -36.19
N GLY D 151 -52.54 17.07 -37.07
CA GLY D 151 -53.22 15.80 -37.15
C GLY D 151 -53.29 14.97 -38.40
N ASP D 152 -54.40 15.10 -39.13
CA ASP D 152 -54.61 14.33 -40.34
C ASP D 152 -54.11 12.91 -40.08
N GLN D 153 -53.42 12.29 -41.04
CA GLN D 153 -52.98 10.93 -40.82
C GLN D 153 -51.80 10.66 -39.87
N TYR D 154 -51.31 11.67 -39.16
CA TYR D 154 -50.19 11.46 -38.25
C TYR D 154 -50.64 11.29 -36.79
N LYS D 155 -51.96 11.36 -36.58
CA LYS D 155 -52.59 11.20 -35.26
C LYS D 155 -53.96 10.60 -35.60
N ALA D 156 -53.95 9.65 -36.52
CA ALA D 156 -55.16 9.01 -37.00
C ALA D 156 -55.43 7.64 -36.37
N THR D 157 -56.60 7.07 -36.70
CA THR D 157 -57.00 5.76 -36.18
C THR D 157 -57.38 4.87 -37.35
N ASP D 158 -56.67 3.77 -37.52
CA ASP D 158 -56.92 2.83 -38.61
C ASP D 158 -56.98 1.40 -38.06
N THR D 159 -57.66 0.52 -38.78
CA THR D 159 -57.80 -0.86 -38.33
C THR D 159 -58.25 -1.78 -39.45
N LEU D 160 -57.91 -3.06 -39.35
CA LEU D 160 -58.32 -4.02 -40.37
C LEU D 160 -59.80 -4.39 -40.21
N ILE D 161 -60.43 -4.76 -41.32
CA ILE D 161 -61.84 -5.14 -41.33
C ILE D 161 -61.93 -6.63 -41.67
N PRO D 162 -62.45 -7.44 -40.73
CA PRO D 162 -62.62 -8.90 -40.82
C PRO D 162 -63.51 -9.46 -41.93
N GLY D 163 -64.62 -8.78 -42.20
CA GLY D 163 -65.53 -9.25 -43.23
C GLY D 163 -66.69 -8.30 -43.43
N PRO D 164 -67.74 -8.73 -44.13
CA PRO D 164 -68.92 -7.88 -44.36
C PRO D 164 -69.41 -7.27 -43.06
N GLY D 165 -69.82 -6.01 -43.12
CA GLY D 165 -70.30 -5.32 -41.93
C GLY D 165 -70.50 -3.85 -42.22
N SER D 166 -70.88 -3.08 -41.20
CA SER D 166 -71.08 -1.65 -41.37
C SER D 166 -69.92 -0.85 -40.80
N LEU D 167 -69.64 0.31 -41.40
CA LEU D 167 -68.54 1.18 -40.96
C LEU D 167 -69.15 2.56 -40.76
N GLU D 168 -69.17 3.03 -39.52
CA GLU D 168 -69.74 4.35 -39.24
C GLU D 168 -68.85 5.29 -38.47
N LEU D 169 -69.07 6.59 -38.72
CA LEU D 169 -68.32 7.66 -38.09
C LEU D 169 -69.27 8.36 -37.10
N VAL D 170 -69.24 7.89 -35.86
CA VAL D 170 -70.12 8.40 -34.80
C VAL D 170 -69.58 9.60 -34.00
N TYR D 171 -70.41 10.64 -33.89
CA TYR D 171 -70.06 11.82 -33.12
C TYR D 171 -71.11 11.96 -32.00
N LYS D 172 -70.65 12.31 -30.81
CA LYS D 172 -71.52 12.49 -29.65
C LYS D 172 -71.02 13.70 -28.88
N PRO D 173 -71.61 14.89 -29.11
CA PRO D 173 -71.20 16.11 -28.42
C PRO D 173 -71.27 16.04 -26.90
N SER D 174 -70.83 17.10 -26.24
CA SER D 174 -70.83 17.18 -24.79
C SER D 174 -72.14 17.80 -24.31
N ASP D 175 -72.56 18.84 -25.03
CA ASP D 175 -73.79 19.57 -24.72
C ASP D 175 -74.75 19.51 -25.91
N PRO D 176 -75.62 18.49 -25.97
CA PRO D 176 -76.59 18.32 -27.06
C PRO D 176 -77.46 19.55 -27.34
N THR D 177 -77.21 20.64 -26.63
CA THR D 177 -77.96 21.88 -26.81
C THR D 177 -77.41 22.71 -27.96
N THR D 178 -76.10 23.00 -27.90
CA THR D 178 -75.42 23.78 -28.91
C THR D 178 -75.23 22.99 -30.21
N ALA D 179 -75.15 21.66 -30.10
CA ALA D 179 -74.95 20.81 -31.27
C ALA D 179 -75.75 19.51 -31.17
N GLN D 180 -75.82 18.78 -32.29
CA GLN D 180 -76.57 17.54 -32.35
C GLN D 180 -75.71 16.40 -32.88
N PRO D 181 -75.86 15.20 -32.31
CA PRO D 181 -75.10 14.01 -32.71
C PRO D 181 -75.04 13.76 -34.22
N GLN D 182 -74.23 12.78 -34.60
CA GLN D 182 -74.04 12.40 -35.99
C GLN D 182 -73.60 10.95 -36.11
N THR D 183 -74.23 10.23 -37.02
CA THR D 183 -73.83 8.84 -37.23
C THR D 183 -73.79 8.64 -38.73
N LEU D 184 -72.70 9.09 -39.33
CA LEU D 184 -72.51 8.99 -40.77
C LEU D 184 -72.10 7.57 -41.16
N LYS D 185 -72.69 7.08 -42.24
CA LYS D 185 -72.40 5.75 -42.75
C LYS D 185 -71.23 5.91 -43.71
N VAL D 186 -70.11 5.27 -43.40
CA VAL D 186 -68.94 5.39 -44.26
C VAL D 186 -68.91 4.33 -45.34
N TYR D 187 -69.48 3.15 -45.08
CA TYR D 187 -69.46 2.10 -46.08
C TYR D 187 -70.01 0.75 -45.58
N ASP D 188 -70.41 -0.10 -46.52
CA ASP D 188 -70.91 -1.43 -46.18
C ASP D 188 -70.03 -2.49 -46.83
N TYR D 189 -69.07 -3.00 -46.06
CA TYR D 189 -68.15 -4.00 -46.58
C TYR D 189 -68.85 -5.26 -47.07
N LYS D 190 -68.26 -5.88 -48.08
CA LYS D 190 -68.78 -7.09 -48.64
C LYS D 190 -67.58 -8.02 -48.72
N GLY D 191 -66.65 -7.78 -47.82
CA GLY D 191 -65.43 -8.56 -47.74
C GLY D 191 -64.48 -7.86 -46.79
N SER D 192 -63.36 -8.52 -46.50
CA SER D 192 -62.37 -7.96 -45.61
C SER D 192 -61.69 -6.76 -46.28
N GLY D 193 -61.16 -5.85 -45.48
CA GLY D 193 -60.50 -4.68 -46.02
C GLY D 193 -59.80 -3.89 -44.93
N VAL D 194 -59.81 -2.57 -45.04
CA VAL D 194 -59.17 -1.71 -44.06
C VAL D 194 -60.00 -0.45 -43.89
N ALA D 195 -59.86 0.22 -42.75
CA ALA D 195 -60.62 1.43 -42.52
C ALA D 195 -59.79 2.42 -41.72
N MET D 196 -60.21 3.67 -41.69
CA MET D 196 -59.49 4.67 -40.93
C MET D 196 -60.22 5.99 -40.90
N ALA D 197 -59.98 6.76 -39.83
CA ALA D 197 -60.59 8.06 -39.67
C ALA D 197 -59.51 8.96 -39.06
N MET D 198 -59.60 10.26 -39.30
CA MET D 198 -58.64 11.21 -38.77
C MET D 198 -59.33 12.54 -38.48
N TYR D 199 -58.60 13.50 -37.92
CA TYR D 199 -59.23 14.78 -37.57
C TYR D 199 -58.26 15.94 -37.49
N ASN D 200 -58.80 17.09 -37.12
CA ASN D 200 -57.98 18.28 -36.97
C ASN D 200 -58.85 19.41 -36.42
N THR D 201 -58.35 20.09 -35.41
CA THR D 201 -59.08 21.17 -34.79
C THR D 201 -59.05 22.44 -35.60
N ASP D 202 -60.08 23.27 -35.39
CA ASP D 202 -60.20 24.53 -36.08
C ASP D 202 -59.15 25.46 -35.50
N GLU D 203 -58.71 25.14 -34.29
CA GLU D 203 -57.70 25.94 -33.62
C GLU D 203 -56.35 25.69 -34.28
N SER D 204 -55.95 24.41 -34.31
CA SER D 204 -54.70 24.01 -34.91
C SER D 204 -54.63 24.69 -36.27
N ILE D 205 -55.70 24.52 -37.05
CA ILE D 205 -55.75 25.13 -38.37
C ILE D 205 -55.63 26.64 -38.29
N GLU D 206 -56.18 27.23 -37.23
CA GLU D 206 -56.09 28.69 -37.06
C GLU D 206 -54.65 29.12 -36.81
N GLY D 207 -53.91 28.30 -36.07
CA GLY D 207 -52.52 28.61 -35.80
C GLY D 207 -51.70 28.49 -37.07
N PHE D 208 -51.83 27.32 -37.69
CA PHE D 208 -51.14 27.01 -38.94
C PHE D 208 -51.29 28.21 -39.90
N ALA D 209 -52.52 28.65 -40.08
CA ALA D 209 -52.80 29.78 -40.96
C ALA D 209 -52.07 31.05 -40.53
N HIS D 210 -51.93 31.25 -39.22
CA HIS D 210 -51.25 32.45 -38.73
C HIS D 210 -49.74 32.40 -38.94
N SER D 211 -49.11 31.29 -38.53
CA SER D 211 -47.66 31.16 -38.69
C SER D 211 -47.26 31.37 -40.14
N SER D 212 -48.10 30.92 -41.05
CA SER D 212 -47.84 31.03 -42.49
C SER D 212 -47.84 32.45 -43.00
N PHE D 213 -48.90 33.21 -42.69
CA PHE D 213 -48.96 34.60 -43.13
C PHE D 213 -47.80 35.39 -42.50
N LYS D 214 -47.52 35.12 -41.22
CA LYS D 214 -46.42 35.80 -40.52
C LYS D 214 -45.12 35.66 -41.30
N LEU D 215 -44.70 34.41 -41.53
CA LEU D 215 -43.48 34.10 -42.24
C LEU D 215 -43.46 34.67 -43.66
N ALA D 216 -44.57 34.55 -44.38
CA ALA D 216 -44.66 35.07 -45.74
C ALA D 216 -44.27 36.55 -45.73
N ILE D 217 -44.79 37.27 -44.75
CA ILE D 217 -44.50 38.68 -44.58
C ILE D 217 -43.05 38.86 -44.12
N ASP D 218 -42.67 38.11 -43.08
CA ASP D 218 -41.32 38.16 -42.54
C ASP D 218 -40.31 37.95 -43.68
N LYS D 219 -40.60 37.00 -44.59
CA LYS D 219 -39.69 36.73 -45.70
C LYS D 219 -40.04 37.46 -46.98
N LYS D 220 -41.16 38.16 -46.99
CA LYS D 220 -41.60 38.91 -48.17
C LYS D 220 -41.68 37.97 -49.38
N LEU D 221 -42.48 36.92 -49.22
CA LEU D 221 -42.67 35.92 -50.25
C LEU D 221 -44.15 35.62 -50.45
N ASN D 222 -44.52 35.21 -51.67
CA ASN D 222 -45.90 34.87 -51.94
C ASN D 222 -46.25 33.59 -51.17
N LEU D 223 -47.48 33.50 -50.67
CA LEU D 223 -47.91 32.32 -49.92
C LEU D 223 -48.89 31.51 -50.79
N PHE D 224 -48.91 30.20 -50.56
CA PHE D 224 -49.78 29.31 -51.30
C PHE D 224 -50.29 28.20 -50.40
N LEU D 225 -51.61 28.12 -50.24
CA LEU D 225 -52.17 27.03 -49.45
C LEU D 225 -52.75 26.04 -50.46
N SER D 226 -52.31 24.78 -50.37
CA SER D 226 -52.76 23.75 -51.29
C SER D 226 -53.66 22.76 -50.61
N THR D 227 -54.73 22.40 -51.32
CA THR D 227 -55.74 21.54 -50.77
C THR D 227 -56.43 20.71 -51.85
N LYS D 228 -57.23 19.75 -51.40
CA LYS D 228 -58.01 18.90 -52.30
C LYS D 228 -59.48 19.16 -51.88
N ASN D 229 -59.87 20.43 -51.86
CA ASN D 229 -61.21 20.81 -51.44
C ASN D 229 -62.34 20.43 -52.38
N THR D 230 -62.01 20.13 -53.64
CA THR D 230 -63.05 19.73 -54.58
C THR D 230 -63.47 18.28 -54.33
N ILE D 231 -62.67 17.56 -53.56
CA ILE D 231 -62.98 16.16 -53.26
C ILE D 231 -63.42 16.03 -51.81
N LEU D 232 -62.56 16.48 -50.89
CA LEU D 232 -62.87 16.47 -49.45
C LEU D 232 -63.40 17.90 -49.26
N LYS D 233 -64.64 18.12 -49.68
CA LYS D 233 -65.30 19.42 -49.65
C LYS D 233 -65.45 20.05 -48.28
N LYS D 234 -65.66 19.25 -47.25
CA LYS D 234 -65.81 19.81 -45.93
C LYS D 234 -64.46 19.99 -45.22
N TYR D 235 -63.77 18.86 -45.03
CA TYR D 235 -62.48 18.81 -44.34
C TYR D 235 -61.46 19.82 -44.86
N ASP D 236 -61.00 19.62 -46.08
CA ASP D 236 -60.03 20.54 -46.67
C ASP D 236 -60.67 21.92 -46.79
N GLY D 237 -61.98 21.95 -47.02
CA GLY D 237 -62.68 23.21 -47.14
C GLY D 237 -62.46 24.10 -45.93
N ARG D 238 -62.35 23.48 -44.75
CA ARG D 238 -62.13 24.20 -43.51
C ARG D 238 -60.79 24.93 -43.60
N PHE D 239 -59.77 24.21 -44.06
CA PHE D 239 -58.46 24.81 -44.22
C PHE D 239 -58.61 25.99 -45.17
N LYS D 240 -59.19 25.75 -46.33
CA LYS D 240 -59.33 26.83 -47.30
C LYS D 240 -60.03 28.06 -46.74
N ASP D 241 -61.11 27.83 -45.99
CA ASP D 241 -61.86 28.91 -45.40
C ASP D 241 -61.07 29.65 -44.31
N ILE D 242 -60.69 28.93 -43.26
CA ILE D 242 -59.94 29.59 -42.19
C ILE D 242 -58.77 30.43 -42.73
N PHE D 243 -57.97 29.90 -43.65
CA PHE D 243 -56.86 30.71 -44.16
C PHE D 243 -57.35 32.01 -44.79
N GLN D 244 -58.39 31.92 -45.62
CA GLN D 244 -58.93 33.10 -46.30
C GLN D 244 -59.57 34.07 -45.30
N GLU D 245 -60.09 33.53 -44.19
CA GLU D 245 -60.69 34.33 -43.13
C GLU D 245 -59.53 35.08 -42.48
N VAL D 246 -58.68 34.34 -41.77
CA VAL D 246 -57.51 34.88 -41.09
C VAL D 246 -56.77 35.87 -41.98
N TYR D 247 -56.69 35.60 -43.27
CA TYR D 247 -56.01 36.51 -44.17
C TYR D 247 -56.73 37.83 -44.23
N GLU D 248 -57.99 37.80 -44.65
CA GLU D 248 -58.80 39.02 -44.76
C GLU D 248 -58.99 39.66 -43.40
N ALA D 249 -58.84 38.86 -42.35
CA ALA D 249 -58.99 39.37 -41.00
C ALA D 249 -57.81 40.24 -40.55
N GLN D 250 -56.60 39.91 -40.97
CA GLN D 250 -55.47 40.71 -40.52
C GLN D 250 -54.12 40.53 -41.19
N TYR D 251 -54.10 40.26 -42.49
CA TYR D 251 -52.83 40.11 -43.20
C TYR D 251 -52.90 40.61 -44.63
N LYS D 252 -54.09 40.58 -45.21
CA LYS D 252 -54.28 41.04 -46.58
C LYS D 252 -53.70 42.43 -46.74
N SER D 253 -53.76 43.21 -45.67
CA SER D 253 -53.26 44.57 -45.64
C SER D 253 -51.76 44.60 -45.90
N LYS D 254 -51.00 44.10 -44.94
CA LYS D 254 -49.53 44.05 -45.03
C LYS D 254 -49.08 43.40 -46.34
N PHE D 255 -49.79 42.37 -46.77
CA PHE D 255 -49.46 41.65 -48.00
C PHE D 255 -49.45 42.54 -49.25
N GLU D 256 -50.52 43.32 -49.43
CA GLU D 256 -50.63 44.20 -50.59
C GLU D 256 -49.59 45.32 -50.52
N GLN D 257 -49.30 45.72 -49.30
CA GLN D 257 -48.32 46.76 -48.97
C GLN D 257 -46.96 46.31 -49.49
N LEU D 258 -46.66 45.04 -49.22
CA LEU D 258 -45.40 44.39 -49.61
C LEU D 258 -45.34 43.97 -51.07
N GLY D 259 -46.50 43.82 -51.70
CA GLY D 259 -46.55 43.42 -53.09
C GLY D 259 -46.50 41.90 -53.23
N ILE D 260 -46.94 41.21 -52.19
CA ILE D 260 -46.94 39.76 -52.19
C ILE D 260 -48.38 39.27 -52.07
N HIS D 261 -48.71 38.21 -52.79
CA HIS D 261 -50.08 37.72 -52.76
C HIS D 261 -50.25 36.36 -52.13
N TYR D 262 -51.43 36.14 -51.57
CA TYR D 262 -51.79 34.86 -50.99
C TYR D 262 -52.78 34.25 -51.98
N GLU D 263 -52.89 32.93 -52.00
CA GLU D 263 -53.79 32.28 -52.94
C GLU D 263 -53.94 30.78 -52.65
N HIS D 264 -55.18 30.29 -52.59
CA HIS D 264 -55.40 28.86 -52.37
C HIS D 264 -55.36 28.15 -53.72
N ARG D 265 -54.88 26.91 -53.74
CA ARG D 265 -54.80 26.17 -54.99
C ARG D 265 -55.03 24.68 -54.78
N LEU D 266 -55.42 23.99 -55.85
CA LEU D 266 -55.61 22.55 -55.76
C LEU D 266 -54.18 21.99 -55.70
N ILE D 267 -53.95 21.04 -54.79
CA ILE D 267 -52.63 20.45 -54.61
C ILE D 267 -52.03 20.10 -55.97
N ASP D 268 -52.85 19.54 -56.86
CA ASP D 268 -52.44 19.17 -58.22
C ASP D 268 -51.77 20.34 -58.91
N ASP D 269 -52.51 21.43 -59.07
CA ASP D 269 -52.03 22.62 -59.73
C ASP D 269 -50.72 23.04 -59.10
N MET D 270 -50.75 23.20 -57.78
CA MET D 270 -49.58 23.60 -57.02
C MET D 270 -48.30 22.79 -57.27
N VAL D 271 -48.34 21.47 -57.13
CA VAL D 271 -47.11 20.72 -57.32
C VAL D 271 -46.56 20.81 -58.75
N ALA D 272 -47.45 20.99 -59.72
CA ALA D 272 -47.02 21.08 -61.10
C ALA D 272 -46.46 22.48 -61.33
N GLN D 273 -47.11 23.47 -60.71
CA GLN D 273 -46.67 24.84 -60.81
C GLN D 273 -45.27 24.98 -60.17
N MET D 274 -45.09 24.26 -59.06
CA MET D 274 -43.85 24.24 -58.29
C MET D 274 -42.72 23.68 -59.13
N ILE D 275 -42.93 22.47 -59.64
CA ILE D 275 -41.92 21.82 -60.47
C ILE D 275 -41.46 22.65 -61.64
N LYS D 276 -42.32 23.53 -62.16
CA LYS D 276 -41.93 24.32 -63.31
C LYS D 276 -41.62 25.76 -62.97
N SER D 277 -41.64 26.07 -61.69
CA SER D 277 -41.36 27.43 -61.23
C SER D 277 -39.87 27.73 -61.18
N LYS D 278 -39.58 28.95 -60.73
CA LYS D 278 -38.20 29.41 -60.56
C LYS D 278 -37.94 29.41 -59.05
N GLY D 279 -38.89 28.82 -58.30
CA GLY D 279 -38.81 28.76 -56.86
C GLY D 279 -38.99 30.17 -56.33
N GLY D 280 -38.97 30.35 -55.01
CA GLY D 280 -39.09 31.68 -54.45
C GLY D 280 -40.44 32.02 -53.84
N PHE D 281 -41.01 31.07 -53.11
CA PHE D 281 -42.31 31.30 -52.49
C PHE D 281 -42.47 30.31 -51.36
N ILE D 282 -43.56 30.46 -50.60
CA ILE D 282 -43.82 29.55 -49.49
C ILE D 282 -45.03 28.69 -49.82
N MET D 283 -44.96 27.42 -49.48
CA MET D 283 -46.05 26.48 -49.72
C MET D 283 -46.66 25.98 -48.41
N ALA D 284 -47.81 26.53 -48.03
CA ALA D 284 -48.50 26.06 -46.82
C ALA D 284 -49.08 24.73 -47.24
N LEU D 285 -48.91 23.70 -46.41
CA LEU D 285 -49.41 22.39 -46.76
C LEU D 285 -49.88 21.55 -45.58
N LYS D 286 -50.91 20.73 -45.79
CA LYS D 286 -51.43 19.88 -44.74
C LYS D 286 -50.32 18.93 -44.34
N ASN D 287 -50.30 18.56 -43.06
CA ASN D 287 -49.29 17.66 -42.49
C ASN D 287 -48.67 16.69 -43.49
N TYR D 288 -49.51 15.80 -44.03
CA TYR D 288 -49.06 14.77 -44.96
C TYR D 288 -48.42 15.30 -46.24
N ASP D 289 -49.03 16.31 -46.84
CA ASP D 289 -48.51 16.90 -48.07
C ASP D 289 -47.14 17.55 -47.84
N GLY D 290 -47.01 18.25 -46.70
CA GLY D 290 -45.75 18.89 -46.36
C GLY D 290 -44.66 17.86 -46.13
N ASP D 291 -45.03 16.72 -45.56
CA ASP D 291 -44.09 15.64 -45.30
C ASP D 291 -43.50 15.19 -46.65
N VAL D 292 -44.37 14.74 -47.56
CA VAL D 292 -43.97 14.27 -48.89
C VAL D 292 -43.30 15.33 -49.80
N GLN D 293 -43.92 16.49 -49.94
CA GLN D 293 -43.36 17.53 -50.80
C GLN D 293 -42.02 18.10 -50.36
N SER D 294 -41.80 18.20 -49.05
CA SER D 294 -40.53 18.75 -48.56
C SER D 294 -39.38 17.83 -48.97
N ASP D 295 -39.65 16.52 -49.04
CA ASP D 295 -38.64 15.55 -49.46
C ASP D 295 -38.36 15.76 -50.95
N ILE D 296 -39.39 16.17 -51.67
CA ILE D 296 -39.27 16.43 -53.09
C ILE D 296 -38.50 17.71 -53.33
N VAL D 297 -38.78 18.73 -52.50
CA VAL D 297 -38.10 19.99 -52.65
C VAL D 297 -36.62 19.86 -52.29
N ALA D 298 -36.35 19.16 -51.20
CA ALA D 298 -34.97 18.97 -50.75
C ALA D 298 -34.22 18.30 -51.89
N GLN D 299 -34.60 17.07 -52.19
CA GLN D 299 -33.96 16.32 -53.27
C GLN D 299 -33.91 17.10 -54.60
N GLY D 300 -34.91 17.93 -54.84
CA GLY D 300 -34.94 18.70 -56.06
C GLY D 300 -33.83 19.72 -56.10
N PHE D 301 -33.60 20.39 -54.98
CA PHE D 301 -32.54 21.40 -54.89
C PHE D 301 -31.13 20.81 -54.81
N GLY D 302 -31.01 19.55 -54.45
CA GLY D 302 -29.67 18.99 -54.35
C GLY D 302 -29.61 17.63 -53.66
N SER D 303 -30.14 17.56 -52.45
CA SER D 303 -30.15 16.29 -51.73
C SER D 303 -30.81 16.42 -50.38
N LEU D 304 -31.30 15.29 -49.88
CA LEU D 304 -31.94 15.24 -48.58
C LEU D 304 -31.05 15.79 -47.46
N GLY D 305 -29.73 15.74 -47.66
CA GLY D 305 -28.81 16.25 -46.66
C GLY D 305 -28.70 17.77 -46.64
N LEU D 306 -29.36 18.44 -47.56
CA LEU D 306 -29.28 19.88 -47.62
C LEU D 306 -30.60 20.57 -47.33
N MET D 307 -31.11 20.37 -46.12
CA MET D 307 -32.38 21.01 -45.74
C MET D 307 -32.57 21.18 -44.24
N THR D 308 -33.02 22.36 -43.85
CA THR D 308 -33.28 22.66 -42.46
C THR D 308 -34.76 22.37 -42.19
N SER D 309 -35.06 21.96 -40.97
CA SER D 309 -36.42 21.66 -40.54
C SER D 309 -36.54 22.13 -39.11
N ILE D 310 -37.48 23.04 -38.89
CA ILE D 310 -37.70 23.56 -37.55
C ILE D 310 -39.20 23.69 -37.25
N LEU D 311 -39.64 23.08 -36.16
CA LEU D 311 -41.02 23.14 -35.73
C LEU D 311 -41.24 24.37 -34.84
N VAL D 312 -42.14 25.23 -35.26
CA VAL D 312 -42.42 26.44 -34.50
C VAL D 312 -43.86 26.42 -33.99
N THR D 313 -44.02 26.41 -32.67
CA THR D 313 -45.36 26.39 -32.09
C THR D 313 -46.09 27.70 -32.38
N PRO D 314 -47.42 27.73 -32.14
CA PRO D 314 -48.23 28.93 -32.39
C PRO D 314 -47.72 30.15 -31.61
N ASP D 315 -47.37 29.90 -30.34
CA ASP D 315 -46.86 30.92 -29.43
C ASP D 315 -45.79 31.77 -30.10
N GLY D 316 -44.69 31.10 -30.41
CA GLY D 316 -43.55 31.77 -31.02
C GLY D 316 -42.44 31.69 -29.98
N LYS D 317 -42.63 30.78 -29.02
CA LYS D 317 -41.68 30.59 -27.95
C LYS D 317 -41.34 29.12 -27.68
N THR D 318 -41.58 28.25 -28.66
CA THR D 318 -41.25 26.83 -28.50
C THR D 318 -40.80 26.23 -29.83
N PHE D 319 -39.54 25.83 -29.91
CA PHE D 319 -39.01 25.28 -31.16
C PHE D 319 -38.31 23.94 -31.04
N GLU D 320 -38.44 23.13 -32.09
CA GLU D 320 -37.77 21.85 -32.19
C GLU D 320 -37.06 21.93 -33.53
N SER D 321 -35.76 21.73 -33.53
CA SER D 321 -35.00 21.78 -34.77
C SER D 321 -34.52 20.39 -35.05
N GLU D 322 -34.65 19.95 -36.30
CA GLU D 322 -34.24 18.61 -36.70
C GLU D 322 -33.75 18.66 -38.14
N ALA D 323 -33.41 17.49 -38.67
CA ALA D 323 -32.99 17.38 -40.07
C ALA D 323 -34.24 16.75 -40.67
N ALA D 324 -34.63 17.16 -41.86
CA ALA D 324 -35.83 16.60 -42.49
C ALA D 324 -35.69 15.15 -42.96
N HIS D 325 -34.47 14.61 -43.00
CA HIS D 325 -34.30 13.24 -43.45
C HIS D 325 -34.41 12.23 -42.33
N GLY D 326 -34.25 10.97 -42.67
CA GLY D 326 -34.34 9.89 -41.71
C GLY D 326 -33.00 9.39 -41.20
N THR D 327 -32.94 8.16 -40.72
CA THR D 327 -31.71 7.62 -40.16
C THR D 327 -30.69 7.07 -41.17
N VAL D 328 -30.99 7.17 -42.45
CA VAL D 328 -30.06 6.69 -43.46
C VAL D 328 -29.57 5.26 -43.24
N THR D 329 -30.53 4.40 -42.93
CA THR D 329 -30.30 2.98 -42.72
C THR D 329 -29.42 2.35 -43.79
N ARG D 330 -29.78 2.52 -45.06
CA ARG D 330 -29.01 1.92 -46.14
C ARG D 330 -27.52 2.12 -45.97
N HIS D 331 -27.11 3.30 -45.53
CA HIS D 331 -25.70 3.56 -45.33
C HIS D 331 -25.25 2.84 -44.06
N TYR D 332 -26.03 3.01 -42.98
CA TYR D 332 -25.71 2.37 -41.71
C TYR D 332 -25.44 0.90 -41.95
N ARG D 333 -26.18 0.31 -42.89
CA ARG D 333 -25.99 -1.10 -43.22
C ARG D 333 -24.56 -1.33 -43.68
N LYS D 334 -24.06 -0.46 -44.55
CA LYS D 334 -22.69 -0.61 -45.02
C LYS D 334 -21.74 -0.49 -43.83
N TYR D 335 -21.95 0.55 -43.02
CA TYR D 335 -21.14 0.79 -41.83
C TYR D 335 -21.00 -0.48 -40.98
N GLN D 336 -22.15 -1.08 -40.67
CA GLN D 336 -22.23 -2.29 -39.87
C GLN D 336 -21.36 -3.46 -40.35
N LYS D 337 -20.88 -3.39 -41.57
CA LYS D 337 -20.02 -4.46 -42.08
C LYS D 337 -18.70 -3.90 -42.56
N GLY D 338 -18.16 -2.97 -41.78
CA GLY D 338 -16.88 -2.35 -42.07
C GLY D 338 -16.65 -1.82 -43.47
N GLU D 339 -17.62 -1.09 -44.01
CA GLU D 339 -17.48 -0.51 -45.33
C GLU D 339 -17.52 1.00 -45.14
N GLU D 340 -16.78 1.72 -45.95
CA GLU D 340 -16.76 3.16 -45.82
C GLU D 340 -18.09 3.76 -46.23
N THR D 341 -18.47 4.81 -45.49
CA THR D 341 -19.72 5.52 -45.72
C THR D 341 -19.50 6.99 -46.09
N SER D 342 -20.43 7.55 -46.86
CA SER D 342 -20.35 8.93 -47.25
C SER D 342 -21.72 9.56 -47.06
N THR D 343 -22.02 9.89 -45.82
CA THR D 343 -23.31 10.46 -45.44
C THR D 343 -23.23 11.94 -45.09
N ASN D 344 -24.05 12.75 -45.75
CA ASN D 344 -24.06 14.18 -45.54
C ASN D 344 -24.49 14.55 -44.11
N SER D 345 -23.63 15.28 -43.42
CA SER D 345 -23.89 15.69 -42.03
C SER D 345 -24.39 17.11 -41.94
N ILE D 346 -24.48 17.79 -43.07
CA ILE D 346 -24.90 19.18 -43.07
C ILE D 346 -26.26 19.44 -42.46
N ALA D 347 -27.20 18.55 -42.73
CA ALA D 347 -28.54 18.70 -42.20
C ALA D 347 -28.52 18.64 -40.68
N SER D 348 -27.85 17.63 -40.13
CA SER D 348 -27.75 17.49 -38.68
C SER D 348 -27.00 18.68 -38.04
N ILE D 349 -25.95 19.15 -38.70
CA ILE D 349 -25.21 20.31 -38.19
C ILE D 349 -26.15 21.52 -38.13
N PHE D 350 -26.96 21.71 -39.16
CA PHE D 350 -27.89 22.84 -39.19
C PHE D 350 -29.03 22.65 -38.19
N ALA D 351 -29.32 21.40 -37.85
CA ALA D 351 -30.35 21.14 -36.86
C ALA D 351 -29.80 21.87 -35.62
N TRP D 352 -28.61 21.45 -35.20
CA TRP D 352 -27.93 22.05 -34.06
C TRP D 352 -27.86 23.58 -34.17
N SER D 353 -27.18 24.07 -35.20
CA SER D 353 -27.01 25.51 -35.38
C SER D 353 -28.30 26.33 -35.35
N ARG D 354 -29.35 25.83 -36.00
CA ARG D 354 -30.62 26.55 -36.00
C ARG D 354 -31.23 26.45 -34.61
N GLY D 355 -31.03 25.31 -33.95
CA GLY D 355 -31.54 25.15 -32.61
C GLY D 355 -30.87 26.16 -31.70
N LEU D 356 -29.54 26.26 -31.78
CA LEU D 356 -28.80 27.21 -30.96
C LEU D 356 -29.16 28.63 -31.33
N LEU D 357 -29.50 28.87 -32.59
CA LEU D 357 -29.88 30.21 -33.04
C LEU D 357 -31.18 30.66 -32.36
N LYS D 358 -32.06 29.71 -32.10
CA LYS D 358 -33.32 30.02 -31.43
C LYS D 358 -33.01 30.22 -29.95
N ARG D 359 -32.24 29.30 -29.38
CA ARG D 359 -31.84 29.40 -27.97
C ARG D 359 -31.30 30.82 -27.81
N GLY D 360 -30.41 31.21 -28.71
CA GLY D 360 -29.81 32.52 -28.67
C GLY D 360 -30.76 33.70 -28.75
N GLU D 361 -31.75 33.64 -29.65
CA GLU D 361 -32.71 34.74 -29.80
C GLU D 361 -33.70 34.83 -28.63
N LEU D 362 -33.89 33.71 -27.94
CA LEU D 362 -34.81 33.70 -26.81
C LEU D 362 -34.12 34.22 -25.54
N ASP D 363 -32.89 33.79 -25.32
CA ASP D 363 -32.12 34.21 -24.14
C ASP D 363 -31.32 35.48 -24.35
N ASN D 364 -31.36 36.03 -25.56
CA ASN D 364 -30.64 37.25 -25.90
C ASN D 364 -29.12 37.09 -25.67
N THR D 365 -28.56 36.07 -26.28
CA THR D 365 -27.14 35.76 -26.17
C THR D 365 -26.44 35.99 -27.51
N PRO D 366 -26.34 37.26 -27.95
CA PRO D 366 -25.71 37.63 -29.23
C PRO D 366 -24.43 36.87 -29.56
N ALA D 367 -23.86 36.23 -28.55
CA ALA D 367 -22.64 35.46 -28.78
C ALA D 367 -22.99 34.11 -29.35
N LEU D 368 -24.07 33.51 -28.86
CA LEU D 368 -24.51 32.20 -29.32
C LEU D 368 -24.87 32.31 -30.80
N CYS D 369 -25.67 33.32 -31.12
CA CYS D 369 -26.10 33.55 -32.49
C CYS D 369 -24.89 33.55 -33.43
N LYS D 370 -23.90 34.38 -33.11
CA LYS D 370 -22.68 34.49 -33.91
C LYS D 370 -22.01 33.13 -34.11
N PHE D 371 -21.97 32.34 -33.05
CA PHE D 371 -21.38 31.03 -33.13
C PHE D 371 -22.17 30.20 -34.11
N ALA D 372 -23.50 30.22 -33.94
CA ALA D 372 -24.40 29.48 -34.80
C ALA D 372 -24.10 29.82 -36.27
N ASN D 373 -24.03 31.12 -36.57
CA ASN D 373 -23.76 31.59 -37.92
C ASN D 373 -22.42 31.11 -38.44
N ILE D 374 -21.40 31.13 -37.59
CA ILE D 374 -20.09 30.68 -38.04
C ILE D 374 -20.08 29.19 -38.24
N LEU D 375 -20.86 28.48 -37.42
CA LEU D 375 -20.95 27.01 -37.50
C LEU D 375 -21.51 26.67 -38.88
N GLU D 376 -22.50 27.43 -39.30
CA GLU D 376 -23.13 27.23 -40.59
C GLU D 376 -22.16 27.64 -41.70
N SER D 377 -21.59 28.83 -41.54
CA SER D 377 -20.64 29.31 -42.54
C SER D 377 -19.51 28.31 -42.73
N ALA D 378 -18.98 27.79 -41.64
CA ALA D 378 -17.87 26.84 -41.74
C ALA D 378 -18.29 25.53 -42.42
N THR D 379 -19.48 25.06 -42.08
CA THR D 379 -19.97 23.81 -42.65
C THR D 379 -20.12 23.87 -44.16
N LEU D 380 -20.70 24.96 -44.67
CA LEU D 380 -20.88 25.12 -46.11
C LEU D 380 -19.56 25.36 -46.84
N ASN D 381 -18.71 26.24 -46.28
CA ASN D 381 -17.41 26.54 -46.89
C ASN D 381 -16.50 25.32 -47.01
N THR D 382 -16.70 24.31 -46.17
CA THR D 382 -15.89 23.11 -46.27
C THR D 382 -16.18 22.50 -47.65
N VAL D 383 -17.38 22.78 -48.16
CA VAL D 383 -17.82 22.31 -49.48
C VAL D 383 -17.61 23.41 -50.54
N GLN D 384 -18.10 24.61 -50.24
CA GLN D 384 -17.98 25.71 -51.16
C GLN D 384 -16.54 25.98 -51.55
N GLN D 385 -15.74 26.38 -50.57
CA GLN D 385 -14.34 26.72 -50.77
C GLN D 385 -13.33 25.56 -50.81
N ASP D 386 -13.26 24.77 -49.75
CA ASP D 386 -12.28 23.68 -49.71
C ASP D 386 -12.57 22.54 -50.68
N GLY D 387 -13.82 22.41 -51.12
CA GLY D 387 -14.18 21.34 -52.04
C GLY D 387 -14.27 19.96 -51.41
N ILE D 388 -14.53 19.89 -50.11
CA ILE D 388 -14.65 18.60 -49.46
C ILE D 388 -16.13 18.32 -49.22
N MET D 389 -16.64 17.32 -49.92
CA MET D 389 -18.05 16.95 -49.84
C MET D 389 -18.22 15.44 -49.80
N THR D 390 -19.41 15.03 -49.36
CA THR D 390 -19.80 13.64 -49.26
C THR D 390 -20.23 13.19 -50.66
N LYS D 391 -20.41 11.89 -50.84
CA LYS D 391 -20.78 11.32 -52.12
C LYS D 391 -22.04 11.89 -52.77
N ASP D 392 -23.06 12.14 -51.97
CA ASP D 392 -24.33 12.67 -52.48
C ASP D 392 -24.12 13.98 -53.25
N LEU D 393 -23.22 14.82 -52.76
CA LEU D 393 -22.95 16.11 -53.40
C LEU D 393 -22.00 15.96 -54.56
N ALA D 394 -21.21 14.90 -54.58
CA ALA D 394 -20.28 14.69 -55.68
C ALA D 394 -21.11 14.29 -56.89
N LEU D 395 -22.16 13.52 -56.66
CA LEU D 395 -23.02 13.09 -57.74
C LEU D 395 -23.84 14.25 -58.34
N ALA D 396 -24.34 15.15 -57.50
CA ALA D 396 -25.11 16.29 -57.99
C ALA D 396 -24.20 17.15 -58.87
N CYS D 397 -22.90 16.89 -58.77
CA CYS D 397 -21.90 17.62 -59.56
C CYS D 397 -21.71 16.88 -60.89
N GLY D 398 -21.83 15.55 -60.85
CA GLY D 398 -21.66 14.76 -62.05
C GLY D 398 -20.45 13.84 -62.00
N ASN D 399 -19.67 13.91 -60.93
CA ASN D 399 -18.48 13.09 -60.74
C ASN D 399 -18.81 11.76 -60.07
N ASN D 400 -18.76 10.69 -60.84
CA ASN D 400 -19.05 9.35 -60.33
C ASN D 400 -17.77 8.74 -59.77
N GLU D 401 -16.69 9.50 -59.90
CA GLU D 401 -15.36 9.10 -59.44
C GLU D 401 -15.27 9.13 -57.91
N ARG D 402 -14.68 8.07 -57.34
CA ARG D 402 -14.54 7.96 -55.89
C ARG D 402 -13.72 9.11 -55.31
N SER D 403 -12.68 9.52 -56.05
CA SER D 403 -11.81 10.61 -55.63
C SER D 403 -12.52 11.96 -55.57
N ALA D 404 -13.82 11.97 -55.90
CA ALA D 404 -14.59 13.21 -55.90
C ALA D 404 -15.22 13.55 -54.54
N TYR D 405 -15.35 12.55 -53.67
CA TYR D 405 -15.96 12.74 -52.36
C TYR D 405 -15.16 12.09 -51.23
N VAL D 406 -15.43 12.52 -50.00
CA VAL D 406 -14.75 11.95 -48.84
C VAL D 406 -15.68 11.02 -48.07
N THR D 407 -15.30 10.68 -46.85
CA THR D 407 -16.11 9.79 -46.03
C THR D 407 -16.95 10.56 -45.01
N THR D 408 -17.90 9.85 -44.41
CA THR D 408 -18.77 10.44 -43.41
C THR D 408 -17.92 11.16 -42.36
N GLU D 409 -16.92 10.44 -41.86
CA GLU D 409 -16.01 10.94 -40.82
C GLU D 409 -15.11 12.03 -41.38
N GLU D 410 -14.50 11.73 -42.53
CA GLU D 410 -13.62 12.69 -43.17
C GLU D 410 -14.31 14.05 -43.34
N PHE D 411 -15.52 14.05 -43.91
CA PHE D 411 -16.22 15.31 -44.10
C PHE D 411 -16.35 16.09 -42.80
N LEU D 412 -16.64 15.38 -41.71
CA LEU D 412 -16.78 16.05 -40.42
C LEU D 412 -15.45 16.57 -39.87
N ASP D 413 -14.38 15.79 -40.03
CA ASP D 413 -13.06 16.23 -39.55
C ASP D 413 -12.72 17.55 -40.26
N ALA D 414 -13.05 17.61 -41.56
CA ALA D 414 -12.80 18.79 -42.39
C ALA D 414 -13.63 19.97 -41.93
N VAL D 415 -14.87 19.72 -41.51
CA VAL D 415 -15.69 20.82 -41.05
C VAL D 415 -15.12 21.28 -39.72
N GLU D 416 -14.62 20.36 -38.91
CA GLU D 416 -14.05 20.75 -37.63
C GLU D 416 -12.82 21.63 -37.80
N LYS D 417 -11.94 21.26 -38.72
CA LYS D 417 -10.73 22.04 -38.96
C LYS D 417 -11.07 23.44 -39.46
N ARG D 418 -11.99 23.54 -40.42
CA ARG D 418 -12.38 24.83 -40.95
C ARG D 418 -13.10 25.69 -39.88
N LEU D 419 -13.78 25.05 -38.94
CA LEU D 419 -14.50 25.76 -37.88
C LEU D 419 -13.50 26.48 -36.98
N GLN D 420 -12.46 25.77 -36.58
CA GLN D 420 -11.44 26.34 -35.72
C GLN D 420 -10.85 27.59 -36.35
N LYS D 421 -10.67 27.55 -37.65
CA LYS D 421 -10.12 28.68 -38.39
C LYS D 421 -11.12 29.83 -38.42
N GLU D 422 -12.32 29.58 -38.93
CA GLU D 422 -13.32 30.64 -39.03
C GLU D 422 -13.72 31.26 -37.69
N ILE D 423 -13.23 30.71 -36.58
CA ILE D 423 -13.55 31.27 -35.27
C ILE D 423 -12.52 32.26 -34.80
N LYS D 424 -11.26 32.03 -35.16
CA LYS D 424 -10.16 32.91 -34.76
C LYS D 424 -10.52 34.37 -35.07
N SER D 425 -11.55 34.56 -35.88
CA SER D 425 -12.02 35.89 -36.25
C SER D 425 -13.47 36.07 -35.81
N PHE E 16 23.88 19.96 26.99
CA PHE E 16 23.68 20.44 25.61
C PHE E 16 24.94 20.39 24.75
N SER E 17 26.07 20.06 25.37
CA SER E 17 27.34 19.96 24.64
C SER E 17 28.07 18.71 25.08
N LYS E 18 28.65 18.01 24.12
CA LYS E 18 29.38 16.78 24.41
C LYS E 18 30.87 16.90 24.13
N ILE E 19 31.65 16.54 25.13
CA ILE E 19 33.10 16.58 25.09
C ILE E 19 33.64 15.46 24.21
N LYS E 20 34.34 15.83 23.14
CA LYS E 20 34.90 14.83 22.24
C LYS E 20 36.15 14.20 22.84
N VAL E 21 36.24 12.87 22.77
CA VAL E 21 37.38 12.14 23.30
C VAL E 21 38.33 11.76 22.18
N LYS E 22 39.42 12.52 22.06
CA LYS E 22 40.42 12.29 21.01
C LYS E 22 40.60 10.81 20.67
N GLN E 23 41.43 10.12 21.43
CA GLN E 23 41.65 8.70 21.17
C GLN E 23 40.50 7.84 21.68
N PRO E 24 40.33 6.64 21.12
CA PRO E 24 39.26 5.73 21.53
C PRO E 24 39.57 4.94 22.80
N VAL E 25 38.51 4.62 23.54
CA VAL E 25 38.61 3.88 24.79
C VAL E 25 38.18 2.43 24.64
N VAL E 26 39.00 1.50 25.12
CA VAL E 26 38.69 0.07 25.04
C VAL E 26 37.84 -0.34 26.24
N GLU E 27 36.62 -0.81 25.99
CA GLU E 27 35.70 -1.20 27.06
C GLU E 27 35.59 -2.73 27.19
N LEU E 28 35.64 -3.26 28.40
CA LEU E 28 35.51 -4.70 28.62
C LEU E 28 34.32 -4.93 29.53
N ASP E 29 33.22 -5.42 28.97
CA ASP E 29 32.01 -5.65 29.75
C ASP E 29 32.17 -6.95 30.52
N GLY E 30 31.38 -7.13 31.58
CA GLY E 30 31.49 -8.33 32.39
C GLY E 30 30.19 -9.04 32.75
N ASP E 31 30.21 -9.71 33.91
CA ASP E 31 29.08 -10.51 34.35
C ASP E 31 28.24 -10.05 35.52
N GLU E 32 27.25 -10.89 35.78
CA GLU E 32 26.30 -10.76 36.87
C GLU E 32 25.90 -9.35 37.33
N MET E 33 26.03 -9.07 38.62
CA MET E 33 25.61 -7.77 39.16
C MET E 33 26.36 -6.56 38.60
N THR E 34 27.67 -6.69 38.45
CA THR E 34 28.44 -5.58 37.94
C THR E 34 28.09 -5.20 36.51
N ARG E 35 27.67 -6.16 35.69
CA ARG E 35 27.28 -5.90 34.30
C ARG E 35 26.04 -4.99 34.25
N ILE E 36 25.09 -5.28 35.13
CA ILE E 36 23.89 -4.48 35.22
C ILE E 36 24.29 -3.04 35.57
N ILE E 37 24.99 -2.87 36.69
CA ILE E 37 25.43 -1.54 37.12
C ILE E 37 26.18 -0.77 36.01
N TRP E 38 27.12 -1.47 35.38
CA TRP E 38 27.95 -0.93 34.33
C TRP E 38 27.15 -0.36 33.15
N ASP E 39 26.03 -1.00 32.82
CA ASP E 39 25.24 -0.51 31.72
C ASP E 39 24.52 0.76 32.16
N LYS E 40 24.00 0.76 33.38
CA LYS E 40 23.31 1.94 33.87
C LYS E 40 24.32 3.07 33.93
N ILE E 41 25.57 2.73 34.25
CA ILE E 41 26.63 3.72 34.33
C ILE E 41 26.95 4.33 32.98
N LYS E 42 27.12 3.53 31.94
CA LYS E 42 27.44 4.13 30.65
C LYS E 42 26.26 4.79 29.95
N LYS E 43 25.05 4.32 30.22
CA LYS E 43 23.88 4.94 29.59
C LYS E 43 23.61 6.30 30.24
N LYS E 44 23.44 6.31 31.56
CA LYS E 44 23.12 7.51 32.33
C LYS E 44 24.27 8.47 32.66
N LEU E 45 25.43 7.94 33.03
CA LEU E 45 26.56 8.80 33.41
C LEU E 45 27.66 9.12 32.40
N ILE E 46 27.78 8.32 31.35
CA ILE E 46 28.84 8.56 30.37
C ILE E 46 28.33 9.05 29.01
N LEU E 47 27.62 8.20 28.30
CA LEU E 47 27.11 8.53 26.96
C LEU E 47 26.38 9.88 26.76
N PRO E 48 25.60 10.33 27.75
CA PRO E 48 24.89 11.61 27.58
C PRO E 48 25.82 12.81 27.41
N TYR E 49 27.00 12.76 28.05
CA TYR E 49 27.94 13.88 28.00
C TYR E 49 29.18 13.72 27.12
N LEU E 50 29.62 12.49 26.89
CA LEU E 50 30.82 12.30 26.09
C LEU E 50 30.58 11.75 24.70
N ASP E 51 31.45 12.14 23.79
CA ASP E 51 31.39 11.67 22.41
C ASP E 51 32.60 10.77 22.28
N VAL E 52 32.58 9.68 23.04
CA VAL E 52 33.66 8.71 23.06
C VAL E 52 33.50 7.60 22.02
N ASP E 53 34.63 7.10 21.53
CA ASP E 53 34.62 6.00 20.57
C ASP E 53 34.95 4.76 21.41
N LEU E 54 33.91 4.03 21.80
CA LEU E 54 34.07 2.82 22.62
C LEU E 54 34.28 1.55 21.83
N LYS E 55 35.45 0.96 21.98
CA LYS E 55 35.78 -0.28 21.30
C LYS E 55 35.34 -1.44 22.19
N TYR E 56 34.02 -1.64 22.22
CA TYR E 56 33.37 -2.67 23.01
C TYR E 56 33.91 -4.10 22.84
N TYR E 57 33.99 -4.82 23.96
CA TYR E 57 34.46 -6.20 24.01
C TYR E 57 33.69 -6.89 25.12
N ASP E 58 32.71 -7.71 24.75
CA ASP E 58 31.92 -8.40 25.77
C ASP E 58 32.79 -9.50 26.37
N LEU E 59 33.09 -9.42 27.67
CA LEU E 59 33.89 -10.46 28.30
C LEU E 59 33.12 -11.29 29.31
N SER E 60 31.82 -11.40 29.12
CA SER E 60 30.98 -12.20 30.02
C SER E 60 31.41 -13.67 29.81
N VAL E 61 31.10 -14.53 30.77
CA VAL E 61 31.47 -15.93 30.64
C VAL E 61 30.92 -16.47 29.32
N GLU E 62 29.67 -16.14 29.03
CA GLU E 62 29.02 -16.56 27.79
C GLU E 62 29.82 -16.08 26.57
N SER E 63 30.10 -14.78 26.49
CA SER E 63 30.89 -14.25 25.37
C SER E 63 32.26 -14.92 25.31
N ARG E 64 32.80 -15.25 26.48
CA ARG E 64 34.10 -15.87 26.56
C ARG E 64 34.06 -17.34 26.20
N ASP E 65 33.06 -18.04 26.71
CA ASP E 65 32.94 -19.46 26.43
C ASP E 65 32.78 -19.69 24.93
N ALA E 66 31.82 -18.98 24.34
CA ALA E 66 31.54 -19.09 22.91
C ALA E 66 32.74 -18.77 22.06
N THR E 67 33.51 -17.78 22.51
CA THR E 67 34.69 -17.35 21.78
C THR E 67 35.93 -18.17 22.12
N SER E 68 35.76 -19.16 22.99
CA SER E 68 36.88 -19.99 23.42
C SER E 68 38.01 -19.11 23.99
N ASP E 69 37.59 -18.06 24.70
CA ASP E 69 38.46 -17.11 25.37
C ASP E 69 39.32 -16.20 24.48
N LYS E 70 39.15 -16.30 23.17
CA LYS E 70 39.94 -15.46 22.28
C LYS E 70 39.59 -13.99 22.44
N ILE E 71 38.33 -13.70 22.73
CA ILE E 71 37.96 -12.31 22.87
C ILE E 71 38.71 -11.65 24.03
N THR E 72 39.07 -12.45 25.03
CA THR E 72 39.81 -11.92 26.17
C THR E 72 41.13 -11.40 25.61
N GLN E 73 41.81 -12.26 24.87
CA GLN E 73 43.08 -11.94 24.21
C GLN E 73 42.98 -10.65 23.40
N ASP E 74 41.98 -10.58 22.53
CA ASP E 74 41.77 -9.40 21.69
C ASP E 74 41.53 -8.15 22.54
N ALA E 75 40.87 -8.33 23.67
CA ALA E 75 40.56 -7.22 24.56
C ALA E 75 41.86 -6.61 25.07
N ALA E 76 42.72 -7.45 25.62
CA ALA E 76 44.00 -7.00 26.15
C ALA E 76 44.77 -6.28 25.08
N GLU E 77 44.97 -6.97 23.95
CA GLU E 77 45.70 -6.41 22.83
C GLU E 77 45.12 -5.10 22.36
N ALA E 78 43.80 -4.95 22.52
CA ALA E 78 43.16 -3.70 22.12
C ALA E 78 43.67 -2.58 23.03
N ILE E 79 43.71 -2.85 24.34
CA ILE E 79 44.18 -1.87 25.32
C ILE E 79 45.65 -1.56 25.04
N LYS E 80 46.43 -2.62 24.86
CA LYS E 80 47.86 -2.55 24.58
C LYS E 80 48.11 -1.67 23.37
N LYS E 81 47.06 -1.50 22.56
CA LYS E 81 47.12 -0.71 21.35
C LYS E 81 46.57 0.70 21.47
N TYR E 82 45.41 0.86 22.12
CA TYR E 82 44.83 2.19 22.26
C TYR E 82 45.25 2.95 23.51
N GLY E 83 45.92 2.26 24.43
CA GLY E 83 46.39 2.92 25.64
C GLY E 83 45.53 2.86 26.90
N VAL E 84 44.22 2.94 26.77
CA VAL E 84 43.37 2.90 27.96
C VAL E 84 42.16 1.98 27.85
N GLY E 85 42.09 1.04 28.78
CA GLY E 85 40.97 0.12 28.82
C GLY E 85 40.22 0.28 30.13
N ILE E 86 38.90 0.11 30.07
CA ILE E 86 38.07 0.18 31.25
C ILE E 86 37.38 -1.18 31.32
N LYS E 87 37.60 -1.92 32.40
CA LYS E 87 37.02 -3.25 32.53
C LYS E 87 35.97 -3.45 33.60
N CYS E 88 35.05 -4.35 33.30
CA CYS E 88 33.98 -4.68 34.21
C CYS E 88 34.37 -5.99 34.85
N ALA E 89 33.91 -6.22 36.09
CA ALA E 89 34.22 -7.47 36.81
C ALA E 89 33.78 -8.65 35.93
N THR E 90 34.47 -9.77 36.08
CA THR E 90 34.16 -10.93 35.27
C THR E 90 34.25 -12.21 36.07
N ILE E 91 33.42 -13.19 35.70
CA ILE E 91 33.40 -14.48 36.36
C ILE E 91 34.59 -15.34 35.97
N THR E 92 35.29 -15.86 36.98
CA THR E 92 36.41 -16.75 36.70
C THR E 92 35.78 -18.12 36.98
N PRO E 93 35.49 -18.86 35.90
CA PRO E 93 34.87 -20.18 36.00
C PRO E 93 35.60 -21.19 36.85
N ASP E 94 34.86 -21.80 37.76
CA ASP E 94 35.38 -22.84 38.62
C ASP E 94 34.38 -23.98 38.41
N GLU E 95 34.70 -25.17 38.88
CA GLU E 95 33.82 -26.30 38.68
C GLU E 95 32.30 -26.02 38.75
N ALA E 96 31.87 -25.21 39.70
CA ALA E 96 30.45 -24.90 39.83
C ALA E 96 29.96 -24.00 38.71
N ARG E 97 30.87 -23.20 38.16
CA ARG E 97 30.54 -22.27 37.09
C ARG E 97 30.38 -23.00 35.76
N VAL E 98 31.23 -23.99 35.54
CA VAL E 98 31.15 -24.79 34.33
C VAL E 98 29.79 -25.45 34.27
N LYS E 99 29.35 -25.99 35.39
CA LYS E 99 28.05 -26.63 35.46
C LYS E 99 26.89 -25.63 35.37
N GLU E 100 27.12 -24.39 35.80
CA GLU E 100 26.10 -23.34 35.78
C GLU E 100 25.85 -22.71 34.42
N PHE E 101 26.93 -22.41 33.71
CA PHE E 101 26.76 -21.79 32.41
C PHE E 101 26.97 -22.82 31.31
N ASN E 102 27.14 -24.09 31.70
CA ASN E 102 27.35 -25.17 30.75
C ASN E 102 28.55 -24.79 29.88
N LEU E 103 29.70 -24.57 30.52
CA LEU E 103 30.92 -24.16 29.83
C LEU E 103 31.75 -25.28 29.21
N HIS E 104 32.43 -24.95 28.12
CA HIS E 104 33.28 -25.88 27.40
C HIS E 104 34.51 -26.23 28.22
N LYS E 105 35.16 -25.20 28.75
CA LYS E 105 36.37 -25.35 29.58
C LYS E 105 36.23 -24.54 30.86
N MET E 106 37.19 -24.71 31.75
CA MET E 106 37.23 -23.98 33.01
C MET E 106 38.25 -22.89 32.68
N TRP E 107 37.79 -21.95 31.87
CA TRP E 107 38.61 -20.84 31.40
C TRP E 107 39.41 -20.15 32.49
N LYS E 108 40.50 -19.52 32.07
CA LYS E 108 41.38 -18.78 32.97
C LYS E 108 40.91 -17.34 33.17
N SER E 109 40.89 -16.92 34.43
CA SER E 109 40.50 -15.57 34.78
C SER E 109 41.00 -14.55 33.77
N PRO E 110 40.09 -13.85 33.09
CA PRO E 110 40.55 -12.85 32.11
C PRO E 110 41.41 -11.76 32.75
N ASN E 111 41.41 -11.69 34.07
CA ASN E 111 42.22 -10.71 34.75
C ASN E 111 43.66 -11.21 34.73
N GLY E 112 43.81 -12.52 34.87
CA GLY E 112 45.14 -13.11 34.84
C GLY E 112 45.75 -12.94 33.46
N THR E 113 44.91 -13.12 32.45
CA THR E 113 45.33 -12.98 31.06
C THR E 113 45.68 -11.55 30.69
N ILE E 114 44.78 -10.60 30.96
CA ILE E 114 45.04 -9.22 30.61
C ILE E 114 46.31 -8.66 31.26
N ARG E 115 46.51 -8.97 32.54
CA ARG E 115 47.68 -8.48 33.26
C ARG E 115 48.95 -9.17 32.79
N ASN E 116 48.87 -10.45 32.48
CA ASN E 116 50.06 -11.14 32.01
C ASN E 116 50.43 -10.68 30.61
N ILE E 117 49.53 -9.96 29.95
CA ILE E 117 49.81 -9.45 28.61
C ILE E 117 50.24 -7.98 28.64
N LEU E 118 49.69 -7.23 29.58
CA LEU E 118 50.03 -5.82 29.73
C LEU E 118 51.18 -5.63 30.73
N GLY E 119 51.25 -6.52 31.72
CA GLY E 119 52.27 -6.45 32.75
C GLY E 119 52.17 -5.19 33.61
N GLY E 120 53.14 -4.99 34.48
CA GLY E 120 53.14 -3.80 35.31
C GLY E 120 52.72 -3.91 36.77
N THR E 121 52.13 -2.82 37.24
CA THR E 121 51.70 -2.75 38.62
C THR E 121 50.28 -2.24 38.75
N VAL E 122 49.49 -2.91 39.58
CA VAL E 122 48.13 -2.47 39.81
C VAL E 122 48.16 -1.61 41.07
N PHE E 123 47.71 -0.37 40.97
CA PHE E 123 47.69 0.50 42.14
C PHE E 123 46.27 0.68 42.65
N ARG E 124 46.03 0.17 43.85
CA ARG E 124 44.72 0.25 44.48
C ARG E 124 44.80 1.07 45.75
N GLU E 125 43.79 1.92 45.97
CA GLU E 125 43.72 2.74 47.17
C GLU E 125 42.27 3.09 47.44
N PRO E 126 41.87 3.08 48.73
CA PRO E 126 40.49 3.39 49.09
C PRO E 126 39.95 4.72 48.55
N ILE E 127 38.63 4.77 48.45
CA ILE E 127 37.89 5.95 48.00
C ILE E 127 37.31 6.46 49.30
N VAL E 128 37.76 7.64 49.72
CA VAL E 128 37.34 8.19 51.00
C VAL E 128 36.15 9.14 51.03
N ILE E 129 35.18 8.77 51.85
CA ILE E 129 33.97 9.55 52.05
C ILE E 129 33.87 9.82 53.55
N PRO E 130 34.25 11.04 53.97
CA PRO E 130 34.23 11.49 55.37
C PRO E 130 33.03 11.05 56.21
N ARG E 131 31.82 11.37 55.76
CA ARG E 131 30.62 10.99 56.50
C ARG E 131 30.64 9.51 56.87
N ILE E 132 31.51 8.76 56.22
CA ILE E 132 31.61 7.33 56.45
C ILE E 132 32.73 6.91 57.39
N PRO E 133 32.38 6.22 58.48
CA PRO E 133 33.31 5.72 59.51
C PRO E 133 34.16 4.59 58.91
N ARG E 134 35.07 4.05 59.69
CA ARG E 134 35.94 2.99 59.20
C ARG E 134 36.09 1.85 60.21
N LEU E 135 36.07 0.61 59.73
CA LEU E 135 36.17 -0.56 60.61
C LEU E 135 37.46 -0.61 61.42
N VAL E 136 38.46 0.11 60.93
CA VAL E 136 39.75 0.21 61.57
C VAL E 136 39.89 1.72 61.80
N PRO E 137 39.24 2.24 62.85
CA PRO E 137 39.19 3.63 63.28
C PRO E 137 40.47 4.44 63.19
N ARG E 138 41.57 3.86 63.65
CA ARG E 138 42.87 4.51 63.67
C ARG E 138 43.34 4.95 62.27
N TRP E 139 42.84 4.29 61.25
CA TRP E 139 43.22 4.63 59.87
C TRP E 139 42.60 5.98 59.49
N GLU E 140 43.44 6.98 59.26
CA GLU E 140 42.95 8.30 58.88
C GLU E 140 43.49 8.79 57.54
N LYS E 141 44.63 8.25 57.12
CA LYS E 141 45.18 8.63 55.84
C LYS E 141 45.19 7.40 54.93
N PRO E 142 44.90 7.59 53.63
CA PRO E 142 44.86 6.51 52.65
C PRO E 142 46.10 5.62 52.60
N ILE E 143 45.88 4.31 52.53
CA ILE E 143 46.95 3.34 52.40
C ILE E 143 46.85 2.85 50.97
N ILE E 144 47.90 3.05 50.18
CA ILE E 144 47.88 2.60 48.81
C ILE E 144 48.66 1.32 48.72
N ILE E 145 48.20 0.41 47.85
CA ILE E 145 48.87 -0.86 47.66
C ILE E 145 49.41 -0.93 46.23
N GLY E 146 50.68 -1.32 46.11
CA GLY E 146 51.27 -1.44 44.79
C GLY E 146 51.34 -2.93 44.52
N ARG E 147 50.39 -3.43 43.71
CA ARG E 147 50.35 -4.85 43.42
C ARG E 147 51.08 -5.24 42.14
N HIS E 148 52.02 -6.18 42.27
CA HIS E 148 52.76 -6.67 41.12
C HIS E 148 51.76 -7.48 40.31
N ALA E 149 51.52 -7.05 39.08
CA ALA E 149 50.55 -7.71 38.21
C ALA E 149 51.05 -8.91 37.43
N HIS E 150 52.35 -9.03 37.29
CA HIS E 150 52.94 -10.06 36.46
C HIS E 150 52.76 -11.56 36.66
N GLY E 151 53.38 -12.16 37.68
CA GLY E 151 53.24 -13.62 37.75
C GLY E 151 52.87 -14.33 39.04
N ASP E 152 53.71 -15.29 39.40
CA ASP E 152 53.51 -16.07 40.62
C ASP E 152 52.34 -17.02 40.47
N GLN E 153 51.47 -17.11 41.47
CA GLN E 153 50.35 -18.05 41.35
C GLN E 153 49.29 -17.62 40.34
N TYR E 154 49.47 -16.47 39.70
CA TYR E 154 48.52 -15.98 38.70
C TYR E 154 49.12 -16.18 37.30
N LYS E 155 49.83 -17.29 37.15
CA LYS E 155 50.48 -17.68 35.91
C LYS E 155 51.23 -18.94 36.29
N ALA E 156 50.70 -19.61 37.30
CA ALA E 156 51.29 -20.82 37.83
C ALA E 156 50.91 -22.02 36.99
N THR E 157 51.48 -23.16 37.34
CA THR E 157 51.26 -24.42 36.65
C THR E 157 51.02 -25.48 37.71
N ASP E 158 49.77 -25.74 38.05
CA ASP E 158 49.47 -26.74 39.06
C ASP E 158 48.80 -27.98 38.46
N THR E 159 49.06 -29.11 39.08
CA THR E 159 48.51 -30.38 38.62
C THR E 159 48.22 -31.27 39.82
N LEU E 160 47.71 -32.47 39.58
CA LEU E 160 47.45 -33.39 40.67
C LEU E 160 48.42 -34.54 40.59
N ILE E 161 48.65 -35.20 41.72
CA ILE E 161 49.57 -36.32 41.79
C ILE E 161 48.78 -37.56 42.18
N PRO E 162 48.68 -38.53 41.25
CA PRO E 162 47.95 -39.81 41.40
C PRO E 162 48.39 -40.71 42.53
N GLY E 163 49.70 -40.83 42.71
CA GLY E 163 50.22 -41.68 43.78
C GLY E 163 51.72 -41.48 43.95
N PRO E 164 52.41 -42.43 44.60
CA PRO E 164 53.85 -42.37 44.84
C PRO E 164 54.63 -41.94 43.61
N GLY E 165 55.83 -41.40 43.82
CA GLY E 165 56.62 -40.99 42.67
C GLY E 165 57.41 -39.72 42.92
N SER E 166 58.43 -39.50 42.11
CA SER E 166 59.27 -38.32 42.25
C SER E 166 58.58 -37.09 41.71
N LEU E 167 59.11 -35.93 42.06
CA LEU E 167 58.58 -34.65 41.62
C LEU E 167 59.84 -33.85 41.40
N GLU E 168 59.94 -33.09 40.33
CA GLU E 168 61.15 -32.33 40.07
C GLU E 168 60.94 -31.07 39.26
N LEU E 169 61.68 -30.03 39.63
CA LEU E 169 61.60 -28.73 38.96
C LEU E 169 62.81 -28.70 38.02
N VAL E 170 62.57 -28.92 36.71
CA VAL E 170 63.64 -28.97 35.71
C VAL E 170 63.87 -27.70 34.88
N TYR E 171 65.15 -27.40 34.65
CA TYR E 171 65.55 -26.24 33.86
C TYR E 171 66.61 -26.59 32.81
N LYS E 172 66.37 -26.18 31.57
CA LYS E 172 67.32 -26.42 30.48
C LYS E 172 67.61 -25.11 29.76
N PRO E 173 68.84 -24.59 29.90
CA PRO E 173 69.21 -23.34 29.25
C PRO E 173 69.25 -23.39 27.73
N SER E 174 68.97 -22.26 27.08
CA SER E 174 68.99 -22.19 25.64
C SER E 174 70.44 -22.41 25.20
N ASP E 175 71.34 -21.65 25.80
CA ASP E 175 72.76 -21.73 25.51
C ASP E 175 73.51 -22.31 26.71
N PRO E 176 73.84 -23.62 26.66
CA PRO E 176 74.56 -24.31 27.73
C PRO E 176 75.98 -23.75 27.94
N THR E 177 76.16 -22.48 27.62
CA THR E 177 77.46 -21.83 27.75
C THR E 177 77.46 -20.77 28.85
N THR E 178 76.51 -19.83 28.77
CA THR E 178 76.43 -18.77 29.77
C THR E 178 75.67 -19.23 31.02
N ALA E 179 75.18 -20.47 30.99
CA ALA E 179 74.43 -21.01 32.12
C ALA E 179 74.45 -22.53 32.10
N GLN E 180 73.88 -23.13 33.14
CA GLN E 180 73.84 -24.58 33.25
C GLN E 180 72.48 -25.05 33.76
N PRO E 181 72.01 -26.22 33.27
CA PRO E 181 70.73 -26.81 33.65
C PRO E 181 70.58 -27.07 35.14
N GLN E 182 69.35 -27.36 35.55
CA GLN E 182 69.05 -27.64 36.94
C GLN E 182 67.96 -28.70 37.02
N THR E 183 68.09 -29.60 37.98
CA THR E 183 67.11 -30.66 38.20
C THR E 183 66.93 -30.74 39.71
N LEU E 184 66.12 -29.84 40.24
CA LEU E 184 65.89 -29.78 41.67
C LEU E 184 64.79 -30.74 42.14
N LYS E 185 65.15 -31.58 43.11
CA LYS E 185 64.21 -32.53 43.67
C LYS E 185 63.24 -31.74 44.55
N VAL E 186 61.98 -31.66 44.13
CA VAL E 186 61.00 -30.91 44.92
C VAL E 186 60.34 -31.77 45.97
N TYR E 187 60.17 -33.05 45.68
CA TYR E 187 59.52 -33.92 46.65
C TYR E 187 59.39 -35.35 46.13
N ASP E 188 59.11 -36.29 47.03
CA ASP E 188 58.92 -37.69 46.65
C ASP E 188 57.65 -38.24 47.29
N TYR E 189 56.54 -38.16 46.56
CA TYR E 189 55.26 -38.61 47.05
C TYR E 189 55.19 -40.03 47.53
N LYS E 190 54.34 -40.26 48.52
CA LYS E 190 54.13 -41.58 49.09
C LYS E 190 52.64 -41.82 49.14
N GLY E 191 51.93 -40.98 48.39
CA GLY E 191 50.49 -41.06 48.30
C GLY E 191 50.08 -39.95 47.36
N SER E 192 48.84 -39.95 46.91
CA SER E 192 48.38 -38.90 46.01
C SER E 192 48.46 -37.56 46.71
N GLY E 193 48.51 -36.48 45.94
CA GLY E 193 48.58 -35.16 46.52
C GLY E 193 48.44 -34.14 45.42
N VAL E 194 49.11 -33.00 45.56
CA VAL E 194 49.07 -31.94 44.54
C VAL E 194 50.45 -31.36 44.39
N ALA E 195 50.65 -30.65 43.28
CA ALA E 195 51.93 -30.00 43.00
C ALA E 195 51.69 -28.78 42.13
N MET E 196 52.67 -27.89 42.10
CA MET E 196 52.53 -26.70 41.28
C MET E 196 53.86 -26.01 41.20
N ALA E 197 53.94 -24.98 40.39
CA ALA E 197 55.18 -24.24 40.23
C ALA E 197 54.81 -22.93 39.60
N MET E 198 55.56 -21.89 39.94
CA MET E 198 55.29 -20.59 39.38
C MET E 198 56.60 -19.96 39.01
N TYR E 199 56.58 -18.72 38.57
CA TYR E 199 57.80 -18.06 38.16
C TYR E 199 57.61 -16.55 38.13
N ASN E 200 58.68 -15.85 37.82
CA ASN E 200 58.64 -14.41 37.69
C ASN E 200 59.93 -14.02 36.99
N THR E 201 60.03 -12.78 36.54
CA THR E 201 61.23 -12.37 35.83
C THR E 201 61.89 -11.13 36.42
N ASP E 202 63.21 -11.07 36.32
CA ASP E 202 63.94 -9.94 36.86
C ASP E 202 63.54 -8.65 36.16
N GLU E 203 63.11 -8.76 34.91
CA GLU E 203 62.69 -7.59 34.15
C GLU E 203 61.41 -7.07 34.76
N SER E 204 60.46 -7.98 34.93
CA SER E 204 59.17 -7.64 35.50
C SER E 204 59.38 -6.98 36.87
N ILE E 205 60.14 -7.67 37.72
CA ILE E 205 60.43 -7.18 39.06
C ILE E 205 60.99 -5.76 39.02
N GLU E 206 61.86 -5.47 38.06
CA GLU E 206 62.45 -4.12 37.95
C GLU E 206 61.41 -3.07 37.59
N GLY E 207 60.42 -3.46 36.80
CA GLY E 207 59.38 -2.52 36.41
C GLY E 207 58.53 -2.22 37.62
N PHE E 208 58.15 -3.31 38.31
CA PHE E 208 57.34 -3.25 39.52
C PHE E 208 57.97 -2.27 40.50
N ALA E 209 59.27 -2.47 40.76
CA ALA E 209 60.03 -1.63 41.67
C ALA E 209 60.03 -0.18 41.19
N HIS E 210 60.43 0.03 39.94
CA HIS E 210 60.48 1.35 39.35
C HIS E 210 59.15 2.08 39.44
N SER E 211 58.07 1.35 39.23
CA SER E 211 56.74 1.93 39.31
C SER E 211 56.44 2.35 40.74
N SER E 212 56.75 1.47 41.69
CA SER E 212 56.53 1.72 43.13
C SER E 212 57.26 2.97 43.61
N PHE E 213 58.54 3.10 43.22
CA PHE E 213 59.34 4.25 43.62
C PHE E 213 58.81 5.57 43.02
N LYS E 214 58.53 5.57 41.73
CA LYS E 214 58.03 6.77 41.07
C LYS E 214 56.79 7.23 41.81
N LEU E 215 55.95 6.28 42.18
CA LEU E 215 54.70 6.55 42.88
C LEU E 215 54.93 7.15 44.25
N ALA E 216 55.75 6.47 45.05
CA ALA E 216 56.07 6.93 46.39
C ALA E 216 56.57 8.37 46.33
N ILE E 217 57.33 8.66 45.27
CA ILE E 217 57.88 9.99 45.06
C ILE E 217 56.82 10.99 44.62
N ASP E 218 56.05 10.64 43.60
CA ASP E 218 55.01 11.53 43.10
C ASP E 218 53.97 11.80 44.19
N LYS E 219 53.59 10.78 44.95
CA LYS E 219 52.62 10.96 46.01
C LYS E 219 53.26 11.38 47.34
N LYS E 220 54.58 11.27 47.40
CA LYS E 220 55.35 11.63 48.59
C LYS E 220 54.84 10.94 49.85
N LEU E 221 55.12 9.63 49.91
CA LEU E 221 54.73 8.78 51.02
C LEU E 221 55.83 7.74 51.16
N ASN E 222 55.96 7.14 52.35
CA ASN E 222 56.99 6.13 52.56
C ASN E 222 56.63 4.90 51.73
N LEU E 223 57.62 4.03 51.51
CA LEU E 223 57.41 2.83 50.71
C LEU E 223 57.96 1.58 51.38
N PHE E 224 57.08 0.61 51.59
CA PHE E 224 57.50 -0.64 52.18
C PHE E 224 57.27 -1.77 51.17
N LEU E 225 58.23 -2.68 51.07
CA LEU E 225 58.09 -3.82 50.17
C LEU E 225 58.11 -4.98 51.14
N SER E 226 57.04 -5.76 51.19
CA SER E 226 57.05 -6.89 52.10
C SER E 226 57.40 -8.12 51.31
N THR E 227 57.85 -9.16 52.01
CA THR E 227 58.26 -10.39 51.37
C THR E 227 58.35 -11.50 52.43
N LYS E 228 58.79 -12.68 52.03
CA LYS E 228 58.94 -13.78 52.96
C LYS E 228 60.31 -14.41 52.63
N ASN E 229 61.30 -13.53 52.43
CA ASN E 229 62.65 -13.93 52.06
C ASN E 229 63.44 -14.82 53.02
N THR E 230 62.84 -15.20 54.15
CA THR E 230 63.54 -16.07 55.09
C THR E 230 63.07 -17.48 54.86
N ILE E 231 61.96 -17.59 54.12
CA ILE E 231 61.36 -18.88 53.80
C ILE E 231 61.67 -19.23 52.35
N LEU E 232 61.42 -18.26 51.48
CA LEU E 232 61.69 -18.37 50.04
C LEU E 232 62.88 -17.44 49.83
N LYS E 233 64.00 -17.88 50.41
CA LYS E 233 65.27 -17.16 50.40
C LYS E 233 65.75 -16.69 49.04
N LYS E 234 65.66 -17.55 48.04
CA LYS E 234 66.11 -17.19 46.71
C LYS E 234 65.04 -16.42 45.94
N TYR E 235 63.84 -16.98 45.92
CA TYR E 235 62.70 -16.39 45.22
C TYR E 235 62.38 -14.97 45.66
N ASP E 236 61.85 -14.85 46.87
CA ASP E 236 61.47 -13.55 47.41
C ASP E 236 62.68 -12.65 47.60
N GLY E 237 63.84 -13.26 47.81
CA GLY E 237 65.06 -12.49 47.97
C GLY E 237 65.34 -11.68 46.72
N ARG E 238 65.02 -12.26 45.56
CA ARG E 238 65.23 -11.57 44.30
C ARG E 238 64.47 -10.27 44.33
N PHE E 239 63.27 -10.31 44.89
CA PHE E 239 62.44 -9.12 45.00
C PHE E 239 63.10 -8.08 45.89
N LYS E 240 63.53 -8.52 47.07
CA LYS E 240 64.17 -7.64 48.04
C LYS E 240 65.42 -6.98 47.49
N ASP E 241 66.24 -7.79 46.82
CA ASP E 241 67.49 -7.28 46.26
C ASP E 241 67.29 -6.31 45.08
N ILE E 242 66.47 -6.71 44.10
CA ILE E 242 66.23 -5.84 42.95
C ILE E 242 65.70 -4.49 43.42
N PHE E 243 64.74 -4.50 44.33
CA PHE E 243 64.18 -3.26 44.84
C PHE E 243 65.24 -2.36 45.44
N GLN E 244 66.14 -2.94 46.25
CA GLN E 244 67.23 -2.21 46.90
C GLN E 244 68.15 -1.63 45.83
N GLU E 245 68.52 -2.47 44.88
CA GLU E 245 69.38 -2.03 43.79
C GLU E 245 68.75 -0.77 43.22
N VAL E 246 67.57 -0.93 42.63
CA VAL E 246 66.84 0.16 42.02
C VAL E 246 66.66 1.38 42.93
N TYR E 247 66.67 1.17 44.25
CA TYR E 247 66.51 2.27 45.19
C TYR E 247 67.78 3.10 45.24
N GLU E 248 68.85 2.48 45.75
CA GLU E 248 70.13 3.17 45.84
C GLU E 248 70.53 3.67 44.46
N ALA E 249 70.20 2.88 43.44
CA ALA E 249 70.53 3.20 42.07
C ALA E 249 70.06 4.58 41.58
N GLN E 250 68.85 5.00 41.93
CA GLN E 250 68.39 6.29 41.43
C GLN E 250 67.23 7.00 42.12
N TYR E 251 66.79 6.50 43.27
CA TYR E 251 65.68 7.14 43.98
C TYR E 251 66.04 7.65 45.37
N LYS E 252 66.92 6.92 46.06
CA LYS E 252 67.37 7.28 47.40
C LYS E 252 67.62 8.78 47.50
N SER E 253 68.22 9.32 46.44
CA SER E 253 68.55 10.74 46.34
C SER E 253 67.31 11.63 46.52
N LYS E 254 66.29 11.35 45.71
CA LYS E 254 65.04 12.11 45.73
C LYS E 254 64.19 11.77 46.96
N PHE E 255 64.37 10.56 47.48
CA PHE E 255 63.64 10.13 48.67
C PHE E 255 64.06 10.98 49.87
N GLU E 256 65.35 10.91 50.20
CA GLU E 256 65.89 11.67 51.33
C GLU E 256 65.58 13.15 51.12
N GLN E 257 65.55 13.56 49.86
CA GLN E 257 65.28 14.94 49.49
C GLN E 257 63.83 15.33 49.76
N LEU E 258 62.94 14.34 49.77
CA LEU E 258 61.51 14.57 50.02
C LEU E 258 61.10 14.24 51.45
N GLY E 259 61.92 13.44 52.14
CA GLY E 259 61.61 13.07 53.51
C GLY E 259 60.98 11.71 53.68
N ILE E 260 60.79 11.02 52.56
CA ILE E 260 60.18 9.69 52.56
C ILE E 260 61.25 8.61 52.61
N HIS E 261 60.92 7.47 53.21
CA HIS E 261 61.88 6.37 53.31
C HIS E 261 61.39 5.09 52.68
N TYR E 262 62.33 4.34 52.13
CA TYR E 262 62.00 3.06 51.56
C TYR E 262 62.47 2.07 52.61
N GLU E 263 61.93 0.85 52.57
CA GLU E 263 62.30 -0.18 53.53
C GLU E 263 61.58 -1.48 53.23
N HIS E 264 62.22 -2.59 53.59
CA HIS E 264 61.64 -3.90 53.39
C HIS E 264 61.38 -4.60 54.73
N ARG E 265 60.14 -5.00 54.94
CA ARG E 265 59.74 -5.70 56.16
C ARG E 265 59.28 -7.09 55.76
N LEU E 266 59.09 -7.97 56.73
CA LEU E 266 58.58 -9.28 56.41
C LEU E 266 57.07 -9.05 56.31
N ILE E 267 56.40 -9.83 55.45
CA ILE E 267 54.97 -9.68 55.24
C ILE E 267 54.20 -9.68 56.56
N ASP E 268 54.56 -10.59 57.47
CA ASP E 268 53.91 -10.67 58.78
C ASP E 268 53.95 -9.28 59.42
N ASP E 269 55.17 -8.85 59.71
CA ASP E 269 55.45 -7.58 60.32
C ASP E 269 54.64 -6.47 59.64
N MET E 270 54.82 -6.34 58.33
CA MET E 270 54.13 -5.31 57.57
C MET E 270 52.61 -5.25 57.77
N VAL E 271 51.90 -6.38 57.68
CA VAL E 271 50.46 -6.32 57.84
C VAL E 271 50.04 -5.92 59.25
N ALA E 272 50.80 -6.39 60.24
CA ALA E 272 50.52 -6.07 61.63
C ALA E 272 50.76 -4.59 61.78
N GLN E 273 51.89 -4.12 61.28
CA GLN E 273 52.20 -2.71 61.35
C GLN E 273 51.08 -1.93 60.69
N MET E 274 50.66 -2.43 59.52
CA MET E 274 49.58 -1.80 58.76
C MET E 274 48.31 -1.68 59.59
N ILE E 275 47.87 -2.79 60.17
CA ILE E 275 46.67 -2.78 61.00
C ILE E 275 46.74 -1.82 62.18
N LYS E 276 47.92 -1.52 62.70
CA LYS E 276 48.01 -0.62 63.87
C LYS E 276 48.46 0.81 63.56
N SER E 277 48.69 1.10 62.28
CA SER E 277 49.12 2.44 61.88
C SER E 277 47.92 3.35 61.66
N LYS E 278 48.17 4.49 61.02
CA LYS E 278 47.13 5.46 60.71
C LYS E 278 47.14 5.65 59.20
N GLY E 279 47.75 4.69 58.51
CA GLY E 279 47.84 4.73 57.06
C GLY E 279 48.87 5.69 56.51
N GLY E 280 48.54 6.32 55.40
CA GLY E 280 49.44 7.29 54.80
C GLY E 280 50.76 6.81 54.25
N PHE E 281 50.74 5.72 53.47
CA PHE E 281 51.95 5.17 52.87
C PHE E 281 51.63 4.11 51.82
N ILE E 282 52.53 3.95 50.86
CA ILE E 282 52.39 3.00 49.78
C ILE E 282 52.98 1.64 50.16
N MET E 283 52.27 0.56 49.87
CA MET E 283 52.77 -0.77 50.20
C MET E 283 53.02 -1.59 48.95
N ALA E 284 54.27 -1.92 48.69
CA ALA E 284 54.56 -2.74 47.52
C ALA E 284 54.37 -4.21 47.90
N LEU E 285 53.63 -4.95 47.10
CA LEU E 285 53.40 -6.36 47.40
C LEU E 285 53.49 -7.26 46.18
N LYS E 286 53.85 -8.52 46.41
CA LYS E 286 53.91 -9.48 45.33
C LYS E 286 52.47 -9.75 44.92
N ASN E 287 52.28 -10.22 43.68
CA ASN E 287 50.96 -10.49 43.12
C ASN E 287 49.88 -10.98 44.09
N TYR E 288 50.10 -12.14 44.70
CA TYR E 288 49.14 -12.69 45.63
C TYR E 288 48.88 -11.76 46.82
N ASP E 289 49.92 -11.42 47.56
CA ASP E 289 49.76 -10.53 48.72
C ASP E 289 49.01 -9.27 48.30
N GLY E 290 49.44 -8.67 47.20
CA GLY E 290 48.79 -7.46 46.71
C GLY E 290 47.30 -7.67 46.50
N ASP E 291 46.93 -8.86 46.08
CA ASP E 291 45.53 -9.18 45.87
C ASP E 291 44.82 -9.25 47.22
N VAL E 292 45.20 -10.20 48.07
CA VAL E 292 44.60 -10.37 49.39
C VAL E 292 44.51 -9.10 50.26
N GLN E 293 45.65 -8.45 50.48
CA GLN E 293 45.72 -7.26 51.31
C GLN E 293 44.87 -6.09 50.84
N SER E 294 44.71 -5.95 49.52
CA SER E 294 43.91 -4.85 48.99
C SER E 294 42.41 -4.97 49.32
N ASP E 295 41.96 -6.19 49.63
CA ASP E 295 40.57 -6.38 49.98
C ASP E 295 40.40 -6.08 51.45
N ILE E 296 41.47 -6.33 52.20
CA ILE E 296 41.44 -6.07 53.62
C ILE E 296 41.46 -4.58 53.78
N VAL E 297 42.33 -3.93 53.01
CA VAL E 297 42.41 -2.49 53.10
C VAL E 297 41.05 -1.87 52.81
N ALA E 298 40.51 -2.20 51.63
CA ALA E 298 39.23 -1.68 51.20
C ALA E 298 38.12 -1.87 52.25
N GLN E 299 37.97 -3.09 52.74
CA GLN E 299 36.95 -3.34 53.75
C GLN E 299 37.27 -2.57 55.04
N GLY E 300 38.56 -2.41 55.33
CA GLY E 300 38.97 -1.70 56.53
C GLY E 300 38.63 -0.23 56.50
N PHE E 301 38.71 0.38 55.32
CA PHE E 301 38.38 1.78 55.19
C PHE E 301 36.89 2.02 55.08
N GLY E 302 36.12 0.98 54.81
CA GLY E 302 34.67 1.16 54.68
C GLY E 302 33.93 0.05 53.95
N SER E 303 34.35 -0.23 52.71
CA SER E 303 33.73 -1.29 51.92
C SER E 303 34.42 -1.52 50.58
N LEU E 304 34.28 -2.74 50.07
CA LEU E 304 34.87 -3.11 48.79
C LEU E 304 34.33 -2.21 47.69
N GLY E 305 33.21 -1.55 47.96
CA GLY E 305 32.62 -0.65 46.99
C GLY E 305 33.32 0.69 46.98
N LEU E 306 34.20 0.91 47.95
CA LEU E 306 34.93 2.17 48.02
C LEU E 306 36.44 2.01 47.81
N MET E 307 36.83 1.58 46.61
CA MET E 307 38.25 1.40 46.29
C MET E 307 38.55 1.49 44.80
N THR E 308 39.54 2.28 44.44
CA THR E 308 39.91 2.39 43.03
C THR E 308 41.00 1.38 42.78
N SER E 309 41.13 0.94 41.53
CA SER E 309 42.17 0.00 41.13
C SER E 309 42.64 0.44 39.75
N ILE E 310 43.91 0.21 39.43
CA ILE E 310 44.40 0.61 38.12
C ILE E 310 45.77 0.04 37.73
N LEU E 311 45.77 -0.83 36.73
CA LEU E 311 47.01 -1.42 36.24
C LEU E 311 47.75 -0.41 35.37
N VAL E 312 49.04 -0.25 35.64
CA VAL E 312 49.88 0.66 34.87
C VAL E 312 51.08 -0.12 34.39
N THR E 313 51.34 -0.05 33.09
CA THR E 313 52.47 -0.76 32.48
C THR E 313 53.80 -0.08 32.80
N PRO E 314 54.91 -0.84 32.71
CA PRO E 314 56.22 -0.24 33.00
C PRO E 314 56.38 1.03 32.16
N ASP E 315 55.81 1.00 30.96
CA ASP E 315 55.82 2.12 30.02
C ASP E 315 55.36 3.41 30.67
N GLY E 316 54.15 3.36 31.21
CA GLY E 316 53.56 4.53 31.81
C GLY E 316 52.74 5.16 30.71
N LYS E 317 52.46 4.36 29.70
CA LYS E 317 51.67 4.81 28.55
C LYS E 317 50.46 3.92 28.31
N THR E 318 50.33 2.85 29.09
CA THR E 318 49.23 1.92 28.97
C THR E 318 48.51 1.82 30.32
N PHE E 319 47.18 1.88 30.29
CA PHE E 319 46.37 1.86 31.51
C PHE E 319 45.12 0.98 31.41
N GLU E 320 44.78 0.33 32.52
CA GLU E 320 43.57 -0.49 32.58
C GLU E 320 42.86 -0.19 33.89
N SER E 321 41.77 0.58 33.83
CA SER E 321 41.03 0.89 35.05
C SER E 321 40.06 -0.23 35.36
N GLU E 322 39.65 -0.33 36.62
CA GLU E 322 38.75 -1.40 37.04
C GLU E 322 38.36 -1.21 38.49
N ALA E 323 37.50 -2.10 38.97
CA ALA E 323 37.10 -2.07 40.37
C ALA E 323 37.96 -3.15 41.00
N ALA E 324 38.10 -3.13 42.33
CA ALA E 324 38.91 -4.15 42.98
C ALA E 324 38.07 -5.36 43.37
N HIS E 325 36.75 -5.18 43.42
CA HIS E 325 35.85 -6.28 43.78
C HIS E 325 35.46 -7.20 42.60
N GLY E 326 34.59 -8.16 42.88
CA GLY E 326 34.13 -9.09 41.87
C GLY E 326 32.77 -8.69 41.31
N THR E 327 32.00 -9.68 40.87
CA THR E 327 30.70 -9.43 40.27
C THR E 327 29.56 -9.35 41.26
N VAL E 328 29.88 -9.49 42.54
CA VAL E 328 28.89 -9.40 43.58
C VAL E 328 27.74 -10.42 43.44
N THR E 329 28.12 -11.63 43.06
CA THR E 329 27.18 -12.73 42.88
C THR E 329 26.03 -12.82 43.91
N ARG E 330 26.36 -12.72 45.19
CA ARG E 330 25.33 -12.85 46.22
C ARG E 330 24.18 -11.87 46.02
N HIS E 331 24.51 -10.67 45.57
CA HIS E 331 23.49 -9.65 45.36
C HIS E 331 22.76 -9.98 44.07
N TYR E 332 23.48 -10.49 43.08
CA TYR E 332 22.88 -10.84 41.80
C TYR E 332 21.75 -11.84 42.03
N ARG E 333 22.01 -12.86 42.85
CA ARG E 333 20.99 -13.86 43.15
C ARG E 333 19.70 -13.19 43.59
N LYS E 334 19.82 -12.12 44.35
CA LYS E 334 18.64 -11.39 44.81
C LYS E 334 17.96 -10.72 43.62
N TYR E 335 18.76 -10.30 42.64
CA TYR E 335 18.26 -9.64 41.45
C TYR E 335 17.49 -10.59 40.55
N GLN E 336 17.99 -11.82 40.43
CA GLN E 336 17.35 -12.81 39.60
C GLN E 336 15.92 -13.04 40.08
N LYS E 337 15.75 -13.38 41.36
CA LYS E 337 14.41 -13.58 41.86
C LYS E 337 13.67 -12.30 42.16
N GLY E 338 13.95 -11.28 41.35
CA GLY E 338 13.29 -10.00 41.51
C GLY E 338 13.25 -9.39 42.90
N GLU E 339 14.30 -9.58 43.68
CA GLU E 339 14.37 -8.98 45.02
C GLU E 339 15.08 -7.64 44.90
N GLU E 340 14.96 -6.79 45.91
CA GLU E 340 15.62 -5.49 45.84
C GLU E 340 17.12 -5.61 46.15
N THR E 341 17.90 -4.82 45.42
CA THR E 341 19.34 -4.84 45.52
C THR E 341 19.94 -3.51 45.97
N SER E 342 20.98 -3.59 46.79
CA SER E 342 21.64 -2.37 47.25
C SER E 342 23.14 -2.46 47.05
N THR E 343 23.55 -2.84 45.84
CA THR E 343 24.97 -2.95 45.55
C THR E 343 25.59 -1.55 45.32
N ASN E 344 26.78 -1.34 45.87
CA ASN E 344 27.47 -0.06 45.76
C ASN E 344 28.13 0.09 44.36
N SER E 345 27.80 1.18 43.70
CA SER E 345 28.28 1.47 42.35
C SER E 345 29.50 2.39 42.29
N ILE E 346 29.81 3.07 43.38
CA ILE E 346 30.93 4.01 43.39
C ILE E 346 32.22 3.48 42.75
N ALA E 347 32.74 2.37 43.23
CA ALA E 347 33.96 1.80 42.66
C ALA E 347 33.87 1.69 41.13
N SER E 348 32.77 1.09 40.67
CA SER E 348 32.52 0.90 39.24
C SER E 348 32.44 2.22 38.50
N ILE E 349 31.86 3.23 39.14
CA ILE E 349 31.77 4.54 38.51
C ILE E 349 33.17 5.13 38.41
N PHE E 350 33.99 4.87 39.42
CA PHE E 350 35.36 5.39 39.43
C PHE E 350 36.26 4.71 38.40
N ALA E 351 35.92 3.48 38.06
CA ALA E 351 36.70 2.76 37.06
C ALA E 351 36.60 3.58 35.75
N TRP E 352 35.44 4.20 35.53
CA TRP E 352 35.23 5.00 34.34
C TRP E 352 35.96 6.34 34.45
N SER E 353 35.77 7.04 35.55
CA SER E 353 36.38 8.35 35.75
C SER E 353 37.91 8.33 35.67
N ARG E 354 38.54 7.41 36.39
CA ARG E 354 40.00 7.32 36.38
C ARG E 354 40.49 6.89 35.01
N GLY E 355 39.72 6.04 34.35
CA GLY E 355 40.09 5.59 33.02
C GLY E 355 39.94 6.76 32.07
N LEU E 356 38.88 7.53 32.26
CA LEU E 356 38.64 8.69 31.43
C LEU E 356 39.76 9.69 31.65
N LEU E 357 40.13 9.90 32.92
CA LEU E 357 41.20 10.84 33.27
C LEU E 357 42.52 10.51 32.60
N LYS E 358 42.86 9.22 32.54
CA LYS E 358 44.10 8.81 31.90
C LYS E 358 44.02 9.19 30.42
N ARG E 359 42.86 8.97 29.82
CA ARG E 359 42.63 9.30 28.42
C ARG E 359 42.91 10.80 28.25
N GLY E 360 42.27 11.61 29.10
CA GLY E 360 42.47 13.04 29.03
C GLY E 360 43.94 13.41 29.07
N GLU E 361 44.60 13.14 30.20
CA GLU E 361 46.02 13.44 30.35
C GLU E 361 46.82 12.99 29.11
N LEU E 362 46.41 11.87 28.52
CA LEU E 362 47.09 11.35 27.34
C LEU E 362 46.77 12.11 26.05
N ASP E 363 45.50 12.33 25.76
CA ASP E 363 45.08 13.02 24.54
C ASP E 363 45.02 14.54 24.64
N ASN E 364 45.23 15.07 25.82
CA ASN E 364 45.18 16.52 26.01
C ASN E 364 43.75 17.01 25.89
N THR E 365 42.87 16.45 26.72
CA THR E 365 41.47 16.83 26.70
C THR E 365 41.04 17.25 28.10
N PRO E 366 41.50 18.42 28.54
CA PRO E 366 41.17 18.93 29.87
C PRO E 366 39.65 18.96 30.10
N ALA E 367 38.89 19.01 29.01
CA ALA E 367 37.44 19.01 29.12
C ALA E 367 37.04 17.63 29.65
N LEU E 368 37.77 16.61 29.20
CA LEU E 368 37.52 15.23 29.65
C LEU E 368 37.94 15.13 31.11
N CYS E 369 39.18 15.53 31.40
CA CYS E 369 39.73 15.50 32.76
C CYS E 369 38.79 16.20 33.72
N LYS E 370 38.23 17.34 33.30
CA LYS E 370 37.32 18.07 34.16
C LYS E 370 36.06 17.27 34.35
N PHE E 371 35.55 16.67 33.27
CA PHE E 371 34.34 15.87 33.35
C PHE E 371 34.49 14.72 34.35
N ALA E 372 35.61 14.03 34.25
CA ALA E 372 35.90 12.91 35.14
C ALA E 372 35.96 13.36 36.60
N ASN E 373 36.56 14.52 36.84
CA ASN E 373 36.63 15.03 38.21
C ASN E 373 35.24 15.44 38.69
N ILE E 374 34.38 15.88 37.75
CA ILE E 374 33.02 16.27 38.09
C ILE E 374 32.19 15.02 38.40
N LEU E 375 32.48 13.97 37.63
CA LEU E 375 31.80 12.70 37.80
C LEU E 375 32.04 12.25 39.24
N GLU E 376 33.32 12.14 39.62
CA GLU E 376 33.70 11.72 40.97
C GLU E 376 33.10 12.61 42.04
N SER E 377 33.23 13.92 41.85
CA SER E 377 32.69 14.87 42.81
C SER E 377 31.21 14.57 43.06
N ALA E 378 30.43 14.57 41.98
CA ALA E 378 29.00 14.32 42.05
C ALA E 378 28.67 12.96 42.68
N THR E 379 29.48 11.95 42.40
CA THR E 379 29.23 10.62 42.96
C THR E 379 29.42 10.58 44.47
N LEU E 380 30.48 11.21 44.96
CA LEU E 380 30.76 11.21 46.40
C LEU E 380 29.82 12.12 47.18
N ASN E 381 29.52 13.29 46.63
CA ASN E 381 28.62 14.21 47.31
C ASN E 381 27.22 13.65 47.45
N THR E 382 26.89 12.66 46.64
CA THR E 382 25.56 12.05 46.76
C THR E 382 25.47 11.46 48.18
N VAL E 383 26.60 10.92 48.66
CA VAL E 383 26.66 10.33 49.99
C VAL E 383 26.98 11.40 51.02
N GLN E 384 28.08 12.11 50.78
CA GLN E 384 28.55 13.16 51.66
C GLN E 384 27.51 14.24 51.94
N GLN E 385 27.04 14.86 50.87
CA GLN E 385 26.06 15.95 50.93
C GLN E 385 24.59 15.53 51.11
N ASP E 386 24.03 14.90 50.09
CA ASP E 386 22.63 14.51 50.11
C ASP E 386 22.29 13.32 51.02
N GLY E 387 23.31 12.58 51.42
CA GLY E 387 23.10 11.45 52.30
C GLY E 387 22.45 10.20 51.73
N ILE E 388 22.52 10.03 50.41
CA ILE E 388 21.94 8.84 49.80
C ILE E 388 23.06 7.82 49.64
N MET E 389 22.81 6.59 50.05
CA MET E 389 23.85 5.58 49.98
C MET E 389 23.31 4.15 49.96
N THR E 390 24.12 3.24 49.44
CA THR E 390 23.76 1.83 49.38
C THR E 390 23.87 1.20 50.77
N LYS E 391 23.23 0.06 50.97
CA LYS E 391 23.22 -0.60 52.26
C LYS E 391 24.58 -0.65 52.95
N ASP E 392 25.59 -1.08 52.21
CA ASP E 392 26.94 -1.18 52.77
C ASP E 392 27.35 0.10 53.48
N LEU E 393 27.32 1.23 52.77
CA LEU E 393 27.72 2.48 53.39
C LEU E 393 26.85 2.92 54.58
N ALA E 394 25.63 2.39 54.67
CA ALA E 394 24.74 2.74 55.77
C ALA E 394 25.15 1.95 57.02
N LEU E 395 25.55 0.69 56.82
CA LEU E 395 26.00 -0.14 57.93
C LEU E 395 27.34 0.37 58.41
N ALA E 396 28.02 1.10 57.53
CA ALA E 396 29.30 1.69 57.90
C ALA E 396 28.98 2.83 58.86
N CYS E 397 27.85 3.49 58.61
CA CYS E 397 27.39 4.59 59.45
C CYS E 397 26.70 4.06 60.70
N GLY E 398 26.39 2.77 60.71
CA GLY E 398 25.76 2.13 61.85
C GLY E 398 24.24 2.06 61.86
N ASN E 399 23.60 2.46 60.77
CA ASN E 399 22.15 2.45 60.69
C ASN E 399 21.57 1.22 60.01
N ASN E 400 21.01 0.32 60.80
CA ASN E 400 20.42 -0.92 60.29
C ASN E 400 19.08 -0.64 59.65
N GLU E 401 18.41 0.41 60.12
CA GLU E 401 17.12 0.84 59.61
C GLU E 401 17.10 0.85 58.07
N ARG E 402 16.17 0.08 57.48
CA ARG E 402 16.05 -0.01 56.02
C ARG E 402 16.01 1.37 55.38
N SER E 403 15.21 2.26 55.97
CA SER E 403 15.07 3.62 55.44
C SER E 403 16.40 4.39 55.40
N ALA E 404 17.49 3.71 55.78
CA ALA E 404 18.81 4.34 55.80
C ALA E 404 19.53 4.30 54.46
N TYR E 405 19.10 3.41 53.57
CA TYR E 405 19.76 3.28 52.28
C TYR E 405 18.79 3.18 51.11
N VAL E 406 19.31 3.40 49.90
CA VAL E 406 18.51 3.30 48.68
C VAL E 406 18.98 2.07 47.90
N THR E 407 18.17 1.63 46.95
CA THR E 407 18.52 0.48 46.13
C THR E 407 19.63 0.80 45.14
N THR E 408 20.13 -0.24 44.50
CA THR E 408 21.19 -0.13 43.50
C THR E 408 20.85 0.91 42.44
N GLU E 409 19.60 0.82 41.95
CA GLU E 409 19.11 1.71 40.92
C GLU E 409 18.82 3.09 41.52
N GLU E 410 18.14 3.13 42.66
CA GLU E 410 17.83 4.39 43.30
C GLU E 410 19.08 5.24 43.49
N PHE E 411 20.15 4.61 43.96
CA PHE E 411 21.41 5.33 44.16
C PHE E 411 21.92 5.89 42.84
N LEU E 412 22.16 5.01 41.88
CA LEU E 412 22.65 5.44 40.59
C LEU E 412 21.86 6.62 40.02
N ASP E 413 20.55 6.61 40.20
CA ASP E 413 19.73 7.72 39.69
C ASP E 413 20.12 9.01 40.38
N ALA E 414 20.32 8.94 41.70
CA ALA E 414 20.72 10.10 42.48
C ALA E 414 22.01 10.70 41.92
N VAL E 415 22.96 9.84 41.58
CA VAL E 415 24.22 10.31 41.03
C VAL E 415 23.96 10.93 39.66
N GLU E 416 22.95 10.42 38.96
CA GLU E 416 22.60 10.94 37.64
C GLU E 416 22.09 12.37 37.80
N LYS E 417 21.03 12.52 38.58
CA LYS E 417 20.44 13.83 38.81
C LYS E 417 21.45 14.82 39.36
N ARG E 418 22.27 14.39 40.31
CA ARG E 418 23.27 15.26 40.91
C ARG E 418 24.43 15.58 39.98
N LEU E 419 24.64 14.74 38.97
CA LEU E 419 25.70 14.97 38.00
C LEU E 419 25.26 16.15 37.14
N GLN E 420 23.98 16.16 36.78
CA GLN E 420 23.41 17.22 35.95
C GLN E 420 23.62 18.58 36.59
N LYS E 421 23.23 18.71 37.85
CA LYS E 421 23.39 19.97 38.56
C LYS E 421 24.84 20.40 38.50
N GLU E 422 25.73 19.51 38.92
CA GLU E 422 27.15 19.81 38.93
C GLU E 422 27.81 19.97 37.58
N ILE E 423 27.00 20.06 36.53
CA ILE E 423 27.57 20.25 35.20
C ILE E 423 27.26 21.65 34.69
N LYS E 424 26.25 22.29 35.28
CA LYS E 424 25.88 23.65 34.90
C LYS E 424 26.94 24.59 35.46
N SER E 425 28.13 24.03 35.68
CA SER E 425 29.28 24.74 36.21
C SER E 425 30.58 24.02 35.82
N PHE F 16 55.22 -23.95 98.91
CA PHE F 16 55.86 -24.92 99.84
C PHE F 16 55.68 -26.38 99.42
N SER F 17 55.01 -26.59 98.28
CA SER F 17 54.78 -27.94 97.75
C SER F 17 54.71 -27.86 96.22
N LYS F 18 55.67 -28.52 95.56
CA LYS F 18 55.74 -28.51 94.10
C LYS F 18 54.93 -29.61 93.44
N ILE F 19 54.19 -29.24 92.40
CA ILE F 19 53.36 -30.17 91.65
C ILE F 19 54.25 -31.06 90.79
N LYS F 20 54.06 -32.37 90.86
CA LYS F 20 54.88 -33.28 90.06
C LYS F 20 54.29 -33.56 88.69
N VAL F 21 54.99 -33.09 87.66
CA VAL F 21 54.55 -33.30 86.30
C VAL F 21 54.91 -34.72 85.90
N LYS F 22 53.90 -35.53 85.64
CA LYS F 22 54.09 -36.93 85.27
C LYS F 22 55.13 -37.11 84.15
N GLN F 23 54.76 -36.80 82.92
CA GLN F 23 55.67 -36.96 81.77
C GLN F 23 56.55 -35.75 81.49
N PRO F 24 57.79 -36.00 81.00
CA PRO F 24 58.72 -34.91 80.69
C PRO F 24 58.25 -34.00 79.57
N VAL F 25 58.60 -32.73 79.65
CA VAL F 25 58.19 -31.76 78.65
C VAL F 25 59.38 -31.37 77.80
N VAL F 26 59.19 -31.23 76.50
CA VAL F 26 60.29 -30.85 75.63
C VAL F 26 60.28 -29.34 75.49
N GLU F 27 61.40 -28.71 75.83
CA GLU F 27 61.53 -27.27 75.75
C GLU F 27 62.57 -26.91 74.70
N LEU F 28 62.22 -25.98 73.83
CA LEU F 28 63.14 -25.57 72.79
C LEU F 28 63.45 -24.08 73.00
N ASP F 29 64.67 -23.79 73.44
CA ASP F 29 65.07 -22.42 73.69
C ASP F 29 65.23 -21.68 72.37
N GLY F 30 65.17 -20.37 72.40
CA GLY F 30 65.27 -19.60 71.17
C GLY F 30 66.24 -18.43 71.11
N ASP F 31 65.84 -17.38 70.41
CA ASP F 31 66.74 -16.26 70.19
C ASP F 31 66.37 -14.88 70.69
N GLU F 32 67.37 -14.01 70.60
CA GLU F 32 67.24 -12.61 70.98
C GLU F 32 66.32 -12.29 72.17
N MET F 33 65.44 -11.30 71.98
CA MET F 33 64.54 -10.84 73.02
C MET F 33 63.65 -11.90 73.66
N THR F 34 63.25 -12.90 72.89
CA THR F 34 62.41 -13.93 73.48
C THR F 34 63.22 -14.94 74.31
N ARG F 35 64.53 -15.02 74.09
CA ARG F 35 65.35 -15.93 74.90
C ARG F 35 65.45 -15.31 76.30
N ILE F 36 65.64 -14.00 76.34
CA ILE F 36 65.73 -13.31 77.61
C ILE F 36 64.45 -13.60 78.41
N ILE F 37 63.31 -13.30 77.78
CA ILE F 37 62.01 -13.52 78.39
C ILE F 37 61.75 -14.97 78.77
N TRP F 38 62.15 -15.88 77.91
CA TRP F 38 61.96 -17.31 78.11
C TRP F 38 62.58 -17.79 79.42
N ASP F 39 63.79 -17.34 79.68
CA ASP F 39 64.51 -17.73 80.90
C ASP F 39 63.84 -17.19 82.17
N LYS F 40 63.43 -15.92 82.17
CA LYS F 40 62.77 -15.35 83.32
C LYS F 40 61.45 -16.06 83.55
N ILE F 41 60.72 -16.33 82.47
CA ILE F 41 59.47 -17.02 82.62
C ILE F 41 59.67 -18.29 83.41
N LYS F 42 60.56 -19.18 82.96
CA LYS F 42 60.76 -20.43 83.68
C LYS F 42 61.54 -20.35 85.01
N LYS F 43 62.28 -19.26 85.23
CA LYS F 43 63.01 -19.12 86.46
C LYS F 43 62.00 -18.81 87.58
N LYS F 44 61.24 -17.74 87.35
CA LYS F 44 60.25 -17.25 88.29
C LYS F 44 58.83 -17.86 88.27
N LEU F 45 58.31 -18.16 87.09
CA LEU F 45 56.94 -18.68 87.00
C LEU F 45 56.73 -20.18 86.87
N ILE F 46 57.76 -20.93 86.51
CA ILE F 46 57.58 -22.37 86.33
C ILE F 46 58.29 -23.30 87.34
N LEU F 47 59.61 -23.27 87.35
CA LEU F 47 60.41 -24.11 88.23
C LEU F 47 60.07 -23.94 89.73
N PRO F 48 59.77 -22.72 90.17
CA PRO F 48 59.44 -22.59 91.58
C PRO F 48 58.26 -23.47 91.98
N TYR F 49 57.28 -23.63 91.08
CA TYR F 49 56.08 -24.43 91.36
C TYR F 49 56.01 -25.84 90.82
N LEU F 50 56.77 -26.16 89.79
CA LEU F 50 56.69 -27.50 89.25
C LEU F 50 57.96 -28.33 89.39
N ASP F 51 57.76 -29.64 89.49
CA ASP F 51 58.84 -30.59 89.56
C ASP F 51 58.70 -31.27 88.19
N VAL F 52 59.18 -30.56 87.18
CA VAL F 52 59.08 -30.99 85.78
C VAL F 52 60.40 -31.48 85.20
N ASP F 53 60.34 -32.53 84.39
CA ASP F 53 61.56 -33.02 83.77
C ASP F 53 61.67 -32.35 82.40
N LEU F 54 62.39 -31.24 82.32
CA LEU F 54 62.55 -30.50 81.07
C LEU F 54 63.64 -31.04 80.14
N LYS F 55 63.21 -31.57 79.00
CA LYS F 55 64.14 -32.07 78.00
C LYS F 55 64.57 -30.85 77.17
N TYR F 56 65.62 -30.17 77.65
CA TYR F 56 66.14 -28.95 77.01
C TYR F 56 66.85 -29.17 75.68
N TYR F 57 66.43 -28.40 74.70
CA TYR F 57 67.03 -28.39 73.37
C TYR F 57 67.20 -26.92 73.08
N ASP F 58 68.43 -26.47 73.04
CA ASP F 58 68.71 -25.07 72.76
C ASP F 58 68.61 -24.92 71.24
N LEU F 59 67.79 -23.98 70.76
CA LEU F 59 67.66 -23.80 69.33
C LEU F 59 67.96 -22.39 68.93
N SER F 60 68.99 -21.81 69.52
CA SER F 60 69.37 -20.46 69.13
C SER F 60 70.08 -20.62 67.78
N VAL F 61 70.41 -19.52 67.10
CA VAL F 61 71.08 -19.65 65.81
C VAL F 61 72.39 -20.38 66.06
N GLU F 62 73.17 -19.84 67.00
CA GLU F 62 74.47 -20.37 67.39
C GLU F 62 74.48 -21.87 67.67
N SER F 63 73.47 -22.34 68.38
CA SER F 63 73.39 -23.76 68.68
C SER F 63 73.15 -24.51 67.39
N ARG F 64 72.27 -23.94 66.56
CA ARG F 64 71.93 -24.55 65.28
C ARG F 64 73.08 -24.55 64.29
N ASP F 65 73.76 -23.41 64.18
CA ASP F 65 74.88 -23.31 63.25
C ASP F 65 75.89 -24.37 63.62
N ALA F 66 76.35 -24.34 64.87
CA ALA F 66 77.33 -25.28 65.39
C ALA F 66 76.93 -26.75 65.30
N THR F 67 75.64 -27.03 65.37
CA THR F 67 75.14 -28.39 65.31
C THR F 67 74.72 -28.71 63.88
N SER F 68 74.76 -27.70 63.01
CA SER F 68 74.36 -27.86 61.62
C SER F 68 72.89 -28.27 61.57
N ASP F 69 72.08 -27.50 62.29
CA ASP F 69 70.63 -27.67 62.39
C ASP F 69 70.17 -29.06 62.80
N LYS F 70 71.09 -29.91 63.23
CA LYS F 70 70.72 -31.27 63.65
C LYS F 70 69.87 -31.26 64.92
N ILE F 71 70.15 -30.33 65.83
CA ILE F 71 69.40 -30.27 67.06
C ILE F 71 67.93 -29.96 66.80
N THR F 72 67.69 -29.16 65.75
CA THR F 72 66.35 -28.80 65.33
C THR F 72 65.63 -30.11 65.03
N GLN F 73 66.29 -30.93 64.22
CA GLN F 73 65.80 -32.24 63.86
C GLN F 73 65.43 -32.97 65.16
N ASP F 74 66.44 -33.11 66.01
CA ASP F 74 66.33 -33.81 67.29
C ASP F 74 65.15 -33.43 68.19
N ALA F 75 64.99 -32.13 68.41
CA ALA F 75 63.91 -31.61 69.25
C ALA F 75 62.56 -32.03 68.71
N ALA F 76 62.39 -31.94 67.40
CA ALA F 76 61.14 -32.31 66.77
C ALA F 76 60.78 -33.73 67.19
N GLU F 77 61.70 -34.65 66.92
CA GLU F 77 61.48 -36.05 67.26
C GLU F 77 61.28 -36.25 68.78
N ALA F 78 61.71 -35.27 69.56
CA ALA F 78 61.55 -35.34 71.00
C ALA F 78 60.08 -35.06 71.31
N ILE F 79 59.55 -34.00 70.71
CA ILE F 79 58.16 -33.58 70.88
C ILE F 79 57.25 -34.76 70.51
N LYS F 80 57.60 -35.37 69.39
CA LYS F 80 56.92 -36.52 68.81
C LYS F 80 56.84 -37.66 69.83
N LYS F 81 57.97 -37.90 70.50
CA LYS F 81 58.10 -38.98 71.47
C LYS F 81 57.41 -38.81 72.84
N TYR F 82 57.54 -37.64 73.45
CA TYR F 82 56.95 -37.43 74.75
C TYR F 82 55.57 -36.78 74.73
N GLY F 83 55.23 -36.12 73.63
CA GLY F 83 53.91 -35.54 73.51
C GLY F 83 53.70 -34.04 73.56
N VAL F 84 54.45 -33.33 74.39
CA VAL F 84 54.28 -31.89 74.49
C VAL F 84 55.59 -31.14 74.26
N GLY F 85 55.49 -29.98 73.62
CA GLY F 85 56.65 -29.17 73.35
C GLY F 85 56.31 -27.70 73.51
N ILE F 86 57.18 -26.95 74.18
CA ILE F 86 56.97 -25.53 74.40
C ILE F 86 58.14 -24.85 73.69
N LYS F 87 57.85 -23.96 72.74
CA LYS F 87 58.93 -23.33 71.96
C LYS F 87 59.06 -21.83 71.98
N CYS F 88 60.31 -21.40 72.06
CA CYS F 88 60.66 -19.99 72.07
C CYS F 88 60.95 -19.54 70.62
N ALA F 89 60.64 -18.30 70.29
CA ALA F 89 60.88 -17.77 68.96
C ALA F 89 62.35 -17.90 68.53
N THR F 90 62.54 -18.46 67.34
CA THR F 90 63.87 -18.66 66.77
C THR F 90 64.14 -17.79 65.56
N ILE F 91 65.41 -17.44 65.37
CA ILE F 91 65.85 -16.64 64.23
C ILE F 91 65.89 -17.50 62.96
N THR F 92 65.22 -17.04 61.90
CA THR F 92 65.27 -17.77 60.63
C THR F 92 66.28 -16.93 59.83
N PRO F 93 67.50 -17.46 59.70
CA PRO F 93 68.60 -16.81 58.99
C PRO F 93 68.44 -16.55 57.50
N ASP F 94 68.58 -15.29 57.14
CA ASP F 94 68.52 -14.88 55.77
C ASP F 94 69.92 -14.29 55.55
N GLU F 95 70.17 -13.76 54.36
CA GLU F 95 71.45 -13.17 54.00
C GLU F 95 72.09 -12.41 55.17
N ALA F 96 71.38 -11.41 55.67
CA ALA F 96 71.86 -10.58 56.77
C ALA F 96 72.25 -11.32 58.06
N ARG F 97 71.56 -12.42 58.36
CA ARG F 97 71.83 -13.19 59.57
C ARG F 97 73.11 -14.01 59.47
N VAL F 98 73.52 -14.34 58.25
CA VAL F 98 74.75 -15.10 58.08
C VAL F 98 75.92 -14.18 58.43
N LYS F 99 75.85 -12.95 57.96
CA LYS F 99 76.89 -11.97 58.23
C LYS F 99 76.92 -11.57 59.71
N GLU F 100 75.73 -11.52 60.33
CA GLU F 100 75.62 -11.14 61.72
C GLU F 100 76.22 -12.14 62.70
N PHE F 101 75.87 -13.41 62.55
CA PHE F 101 76.36 -14.45 63.43
C PHE F 101 77.44 -15.29 62.76
N ASN F 102 77.92 -14.82 61.60
CA ASN F 102 78.94 -15.53 60.84
C ASN F 102 78.56 -17.01 60.72
N LEU F 103 77.39 -17.27 60.12
CA LEU F 103 76.89 -18.63 60.00
C LEU F 103 77.53 -19.46 58.91
N HIS F 104 77.20 -20.76 58.92
CA HIS F 104 77.71 -21.70 57.93
C HIS F 104 76.80 -21.63 56.71
N LYS F 105 75.57 -22.15 56.87
CA LYS F 105 74.58 -22.11 55.80
C LYS F 105 73.49 -21.15 56.23
N MET F 106 72.57 -20.89 55.31
CA MET F 106 71.45 -20.00 55.58
C MET F 106 70.33 -20.98 55.93
N TRP F 107 70.46 -21.60 57.10
CA TRP F 107 69.53 -22.60 57.59
C TRP F 107 68.05 -22.26 57.45
N LYS F 108 67.26 -23.31 57.24
CA LYS F 108 65.83 -23.18 57.08
C LYS F 108 65.20 -22.92 58.43
N SER F 109 64.13 -22.12 58.44
CA SER F 109 63.42 -21.80 59.67
C SER F 109 63.14 -23.11 60.43
N PRO F 110 63.56 -23.18 61.70
CA PRO F 110 63.32 -24.40 62.47
C PRO F 110 61.85 -24.68 62.74
N ASN F 111 61.01 -23.70 62.46
CA ASN F 111 59.57 -23.87 62.62
C ASN F 111 59.03 -24.73 61.46
N GLY F 112 59.55 -24.47 60.26
CA GLY F 112 59.14 -25.24 59.10
C GLY F 112 59.59 -26.68 59.27
N THR F 113 60.82 -26.83 59.75
CA THR F 113 61.41 -28.14 59.98
C THR F 113 60.57 -28.92 60.98
N ILE F 114 60.10 -28.24 62.02
CA ILE F 114 59.30 -28.88 63.07
C ILE F 114 57.88 -29.18 62.63
N ARG F 115 57.22 -28.18 62.06
CA ARG F 115 55.85 -28.38 61.62
C ARG F 115 55.80 -29.49 60.58
N ASN F 116 56.77 -29.49 59.67
CA ASN F 116 56.83 -30.51 58.62
C ASN F 116 57.05 -31.92 59.13
N ILE F 117 57.67 -32.06 60.29
CA ILE F 117 57.96 -33.37 60.87
C ILE F 117 56.78 -33.95 61.64
N LEU F 118 56.02 -33.07 62.30
CA LEU F 118 54.87 -33.50 63.09
C LEU F 118 53.57 -33.34 62.29
N GLY F 119 53.56 -32.39 61.37
CA GLY F 119 52.38 -32.12 60.55
C GLY F 119 51.18 -31.70 61.39
N GLY F 120 50.03 -31.51 60.74
CA GLY F 120 48.83 -31.13 61.46
C GLY F 120 48.38 -29.70 61.29
N THR F 121 47.59 -29.22 62.23
CA THR F 121 47.05 -27.87 62.19
C THR F 121 47.55 -27.00 63.35
N VAL F 122 47.73 -25.72 63.07
CA VAL F 122 48.18 -24.79 64.08
C VAL F 122 47.01 -23.88 64.41
N PHE F 123 46.46 -24.01 65.61
CA PHE F 123 45.34 -23.17 65.98
C PHE F 123 45.84 -21.91 66.67
N ARG F 124 45.34 -20.78 66.19
CA ARG F 124 45.76 -19.48 66.69
C ARG F 124 44.61 -18.55 66.93
N GLU F 125 44.55 -18.01 68.14
CA GLU F 125 43.51 -17.06 68.51
C GLU F 125 44.04 -16.11 69.56
N PRO F 126 43.44 -14.92 69.63
CA PRO F 126 43.86 -13.91 70.60
C PRO F 126 43.63 -14.28 72.06
N ILE F 127 44.34 -13.55 72.91
CA ILE F 127 44.27 -13.67 74.35
C ILE F 127 43.56 -12.38 74.73
N VAL F 128 42.30 -12.49 75.13
CA VAL F 128 41.51 -11.30 75.44
C VAL F 128 41.63 -10.73 76.84
N ILE F 129 41.85 -9.42 76.89
CA ILE F 129 41.98 -8.67 78.13
C ILE F 129 41.03 -7.48 78.06
N PRO F 130 39.87 -7.57 78.76
CA PRO F 130 38.80 -6.58 78.85
C PRO F 130 39.20 -5.14 78.99
N ARG F 131 40.28 -4.88 79.73
CA ARG F 131 40.75 -3.52 79.97
C ARG F 131 41.39 -2.95 78.71
N ILE F 132 41.75 -3.84 77.78
CA ILE F 132 42.41 -3.43 76.53
C ILE F 132 41.52 -3.41 75.30
N PRO F 133 41.36 -2.24 74.66
CA PRO F 133 40.53 -2.07 73.46
C PRO F 133 41.16 -2.78 72.27
N ARG F 134 40.44 -2.88 71.16
CA ARG F 134 40.99 -3.52 69.98
C ARG F 134 41.08 -2.53 68.84
N LEU F 135 41.97 -2.83 67.89
CA LEU F 135 42.21 -1.98 66.73
C LEU F 135 41.02 -2.08 65.79
N VAL F 136 40.34 -3.21 65.88
CA VAL F 136 39.14 -3.51 65.11
C VAL F 136 37.99 -3.59 66.10
N PRO F 137 37.39 -2.43 66.43
CA PRO F 137 36.27 -2.26 67.35
C PRO F 137 35.10 -3.23 67.24
N ARG F 138 34.69 -3.52 66.02
CA ARG F 138 33.54 -4.38 65.75
C ARG F 138 33.72 -5.84 66.15
N TRP F 139 34.96 -6.30 66.27
CA TRP F 139 35.22 -7.67 66.66
C TRP F 139 34.95 -7.70 68.14
N GLU F 140 34.16 -8.64 68.61
CA GLU F 140 33.92 -8.71 70.04
C GLU F 140 33.98 -10.14 70.50
N LYS F 141 34.12 -11.04 69.54
CA LYS F 141 34.24 -12.46 69.84
C LYS F 141 35.53 -12.97 69.20
N PRO F 142 36.21 -13.93 69.85
CA PRO F 142 37.46 -14.49 69.33
C PRO F 142 37.37 -15.06 67.91
N ILE F 143 38.38 -14.76 67.10
CA ILE F 143 38.47 -15.28 65.74
C ILE F 143 39.58 -16.33 65.74
N ILE F 144 39.23 -17.61 65.64
CA ILE F 144 40.24 -18.67 65.66
C ILE F 144 40.73 -19.02 64.26
N ILE F 145 42.05 -19.11 64.11
CA ILE F 145 42.68 -19.47 62.85
C ILE F 145 43.23 -20.89 62.87
N GLY F 146 42.77 -21.73 61.96
CA GLY F 146 43.28 -23.08 61.88
C GLY F 146 44.25 -23.00 60.71
N ARG F 147 45.54 -23.07 61.01
CA ARG F 147 46.55 -22.95 59.96
C ARG F 147 47.13 -24.29 59.59
N HIS F 148 46.95 -24.69 58.33
CA HIS F 148 47.51 -25.95 57.87
C HIS F 148 49.02 -25.82 58.05
N ALA F 149 49.62 -26.78 58.75
CA ALA F 149 51.04 -26.71 59.04
C ALA F 149 51.99 -27.50 58.15
N HIS F 150 51.47 -28.16 57.11
CA HIS F 150 52.31 -29.03 56.30
C HIS F 150 53.21 -28.61 55.14
N GLY F 151 52.68 -28.39 53.95
CA GLY F 151 53.56 -28.07 52.85
C GLY F 151 53.57 -26.67 52.30
N ASP F 152 53.22 -26.57 51.03
CA ASP F 152 53.17 -25.30 50.31
C ASP F 152 54.53 -24.59 50.31
N GLN F 153 54.54 -23.26 50.39
CA GLN F 153 55.81 -22.55 50.35
C GLN F 153 56.75 -22.71 51.57
N TYR F 154 56.33 -23.49 52.57
CA TYR F 154 57.11 -23.72 53.78
C TYR F 154 57.83 -25.07 53.72
N LYS F 155 58.00 -25.55 52.50
CA LYS F 155 58.68 -26.81 52.19
C LYS F 155 58.82 -26.73 50.69
N ALA F 156 58.83 -25.50 50.20
CA ALA F 156 58.93 -25.22 48.78
C ALA F 156 60.33 -25.57 48.29
N THR F 157 60.61 -25.21 47.05
CA THR F 157 61.90 -25.47 46.43
C THR F 157 62.10 -24.36 45.40
N ASP F 158 62.70 -23.24 45.82
CA ASP F 158 62.89 -22.16 44.85
C ASP F 158 64.28 -22.17 44.23
N THR F 159 64.58 -21.16 43.43
CA THR F 159 65.88 -21.07 42.75
C THR F 159 65.90 -19.89 41.81
N LEU F 160 67.07 -19.62 41.25
CA LEU F 160 67.21 -18.52 40.31
C LEU F 160 67.42 -19.04 38.90
N ILE F 161 67.07 -18.21 37.93
CA ILE F 161 67.20 -18.53 36.53
C ILE F 161 68.14 -17.48 35.92
N PRO F 162 69.34 -17.91 35.50
CA PRO F 162 70.40 -17.09 34.89
C PRO F 162 70.04 -16.45 33.56
N GLY F 163 69.39 -17.23 32.69
CA GLY F 163 68.99 -16.75 31.39
C GLY F 163 68.03 -17.70 30.72
N PRO F 164 67.69 -17.48 29.43
CA PRO F 164 66.78 -18.28 28.61
C PRO F 164 66.82 -19.80 28.80
N GLY F 165 65.65 -20.42 28.82
CA GLY F 165 65.57 -21.86 28.99
C GLY F 165 64.18 -22.32 29.40
N SER F 166 63.92 -23.60 29.19
CA SER F 166 62.63 -24.17 29.53
C SER F 166 62.54 -24.40 31.04
N LEU F 167 61.32 -24.41 31.56
CA LEU F 167 61.07 -24.63 32.97
C LEU F 167 59.99 -25.70 33.05
N GLU F 168 60.36 -26.89 33.48
CA GLU F 168 59.41 -27.98 33.55
C GLU F 168 59.16 -28.52 34.94
N LEU F 169 57.98 -29.11 35.11
CA LEU F 169 57.58 -29.71 36.37
C LEU F 169 57.47 -31.20 36.01
N VAL F 170 58.43 -31.99 36.46
CA VAL F 170 58.44 -33.41 36.11
C VAL F 170 58.04 -34.41 37.19
N TYR F 171 57.04 -35.23 36.88
CA TYR F 171 56.57 -36.26 37.81
C TYR F 171 56.71 -37.65 37.20
N LYS F 172 57.45 -38.52 37.87
CA LYS F 172 57.67 -39.88 37.42
C LYS F 172 57.21 -40.83 38.51
N PRO F 173 56.06 -41.49 38.32
CA PRO F 173 55.53 -42.43 39.32
C PRO F 173 56.46 -43.58 39.69
N SER F 174 56.04 -44.36 40.68
CA SER F 174 56.81 -45.50 41.14
C SER F 174 56.42 -46.74 40.32
N ASP F 175 55.12 -46.86 40.05
CA ASP F 175 54.56 -47.97 39.29
C ASP F 175 53.70 -47.45 38.12
N PRO F 176 54.27 -47.35 36.92
CA PRO F 176 53.63 -46.87 35.68
C PRO F 176 52.32 -47.56 35.26
N THR F 177 51.83 -48.46 36.09
CA THR F 177 50.59 -49.16 35.80
C THR F 177 49.40 -48.40 36.37
N THR F 178 49.46 -48.13 37.68
CA THR F 178 48.42 -47.41 38.39
C THR F 178 48.37 -45.92 38.05
N ALA F 179 49.53 -45.34 37.76
CA ALA F 179 49.60 -43.93 37.42
C ALA F 179 50.45 -43.72 36.19
N GLN F 180 50.54 -42.48 35.74
CA GLN F 180 51.31 -42.17 34.55
C GLN F 180 52.08 -40.86 34.68
N PRO F 181 53.29 -40.81 34.10
CA PRO F 181 54.17 -39.64 34.11
C PRO F 181 53.54 -38.30 33.74
N GLN F 182 54.30 -37.23 33.94
CA GLN F 182 53.86 -35.87 33.63
C GLN F 182 55.05 -34.93 33.41
N THR F 183 54.92 -34.04 32.43
CA THR F 183 55.96 -33.06 32.14
C THR F 183 55.25 -31.81 31.67
N LEU F 184 54.74 -31.06 32.63
CA LEU F 184 54.00 -29.84 32.39
C LEU F 184 54.94 -28.66 32.19
N LYS F 185 54.76 -27.98 31.05
CA LYS F 185 55.59 -26.82 30.72
C LYS F 185 55.19 -25.65 31.60
N VAL F 186 56.12 -25.22 32.45
CA VAL F 186 55.85 -24.11 33.36
C VAL F 186 56.12 -22.76 32.73
N TYR F 187 57.15 -22.69 31.89
CA TYR F 187 57.50 -21.42 31.26
C TYR F 187 58.78 -21.49 30.43
N ASP F 188 58.98 -20.47 29.61
CA ASP F 188 60.16 -20.36 28.77
C ASP F 188 60.71 -18.98 29.01
N TYR F 189 61.84 -18.92 29.73
CA TYR F 189 62.46 -17.65 30.05
C TYR F 189 63.13 -17.05 28.84
N LYS F 190 63.15 -15.73 28.80
CA LYS F 190 63.81 -14.97 27.73
C LYS F 190 64.69 -13.98 28.46
N GLY F 191 64.97 -14.31 29.71
CA GLY F 191 65.80 -13.48 30.56
C GLY F 191 66.06 -14.22 31.85
N SER F 192 66.66 -13.53 32.82
CA SER F 192 66.95 -14.13 34.12
C SER F 192 65.77 -13.90 35.06
N GLY F 193 65.50 -14.87 35.92
CA GLY F 193 64.40 -14.72 36.85
C GLY F 193 64.36 -15.77 37.95
N VAL F 194 63.24 -15.84 38.64
CA VAL F 194 63.07 -16.80 39.72
C VAL F 194 62.04 -17.85 39.39
N ALA F 195 62.14 -18.99 40.07
CA ALA F 195 61.23 -20.10 39.89
C ALA F 195 61.15 -20.91 41.17
N MET F 196 60.02 -21.58 41.39
CA MET F 196 59.87 -22.40 42.59
C MET F 196 58.77 -23.42 42.40
N ALA F 197 58.66 -24.36 43.30
CA ALA F 197 57.65 -25.38 43.22
C ALA F 197 57.24 -25.78 44.64
N MET F 198 56.03 -26.29 44.80
CA MET F 198 55.60 -26.69 46.13
C MET F 198 54.58 -27.80 46.02
N TYR F 199 54.22 -28.38 47.15
CA TYR F 199 53.29 -29.50 47.14
C TYR F 199 52.52 -29.58 48.44
N ASN F 200 51.80 -30.68 48.58
CA ASN F 200 51.04 -31.02 49.75
C ASN F 200 50.47 -32.38 49.41
N THR F 201 49.89 -33.06 50.39
CA THR F 201 49.37 -34.39 50.12
C THR F 201 47.91 -34.49 50.51
N ASP F 202 47.21 -35.47 49.95
CA ASP F 202 45.80 -35.65 50.26
C ASP F 202 45.62 -36.04 51.72
N GLU F 203 46.62 -36.74 52.25
CA GLU F 203 46.59 -37.20 53.63
C GLU F 203 46.69 -36.02 54.59
N SER F 204 47.61 -35.11 54.30
CA SER F 204 47.78 -33.94 55.15
C SER F 204 46.52 -33.08 55.11
N ILE F 205 45.93 -32.96 53.92
CA ILE F 205 44.74 -32.16 53.77
C ILE F 205 43.55 -32.78 54.51
N GLU F 206 43.46 -34.09 54.51
CA GLU F 206 42.36 -34.75 55.22
C GLU F 206 42.50 -34.52 56.72
N GLY F 207 43.75 -34.54 57.19
CA GLY F 207 43.99 -34.31 58.61
C GLY F 207 43.63 -32.88 58.95
N PHE F 208 44.16 -31.96 58.15
CA PHE F 208 43.90 -30.54 58.32
C PHE F 208 42.38 -30.38 58.43
N ALA F 209 41.66 -30.89 57.43
CA ALA F 209 40.20 -30.82 57.39
C ALA F 209 39.55 -31.44 58.63
N HIS F 210 39.90 -32.69 58.92
CA HIS F 210 39.36 -33.37 60.08
C HIS F 210 39.56 -32.54 61.35
N SER F 211 40.79 -32.10 61.58
CA SER F 211 41.11 -31.29 62.74
C SER F 211 40.19 -30.08 62.84
N SER F 212 40.03 -29.38 61.72
CA SER F 212 39.20 -28.18 61.64
C SER F 212 37.74 -28.43 61.98
N PHE F 213 37.21 -29.59 61.58
CA PHE F 213 35.83 -29.94 61.87
C PHE F 213 35.68 -30.33 63.34
N LYS F 214 36.64 -31.10 63.84
CA LYS F 214 36.63 -31.54 65.22
C LYS F 214 36.61 -30.33 66.15
N LEU F 215 37.45 -29.35 65.83
CA LEU F 215 37.54 -28.15 66.65
C LEU F 215 36.25 -27.33 66.57
N ALA F 216 35.78 -27.10 65.34
CA ALA F 216 34.57 -26.31 65.11
C ALA F 216 33.41 -26.82 65.97
N ILE F 217 33.33 -28.13 66.12
CA ILE F 217 32.27 -28.75 66.90
C ILE F 217 32.57 -28.62 68.38
N ASP F 218 33.84 -28.78 68.74
CA ASP F 218 34.30 -28.69 70.12
C ASP F 218 34.06 -27.31 70.71
N LYS F 219 34.32 -26.27 69.91
CA LYS F 219 34.10 -24.92 70.38
C LYS F 219 32.77 -24.40 69.86
N LYS F 220 32.03 -25.29 69.19
CA LYS F 220 30.73 -24.97 68.62
C LYS F 220 30.73 -23.64 67.89
N LEU F 221 31.46 -23.59 66.77
CA LEU F 221 31.59 -22.38 65.95
C LEU F 221 31.52 -22.68 64.45
N ASN F 222 31.12 -21.68 63.66
CA ASN F 222 31.06 -21.83 62.21
C ASN F 222 32.50 -22.01 61.69
N LEU F 223 32.66 -22.82 60.65
CA LEU F 223 33.96 -23.10 60.07
C LEU F 223 34.05 -22.59 58.63
N PHE F 224 35.06 -21.79 58.35
CA PHE F 224 35.25 -21.25 57.01
C PHE F 224 36.59 -21.61 56.36
N LEU F 225 36.55 -22.41 55.29
CA LEU F 225 37.76 -22.76 54.56
C LEU F 225 37.89 -21.69 53.47
N SER F 226 39.02 -21.00 53.43
CA SER F 226 39.23 -19.98 52.41
C SER F 226 40.26 -20.49 51.40
N THR F 227 40.12 -20.11 50.13
CA THR F 227 41.06 -20.58 49.12
C THR F 227 41.09 -19.72 47.88
N LYS F 228 41.95 -20.07 46.94
CA LYS F 228 42.04 -19.31 45.70
C LYS F 228 41.83 -20.24 44.50
N ASN F 229 40.98 -21.26 44.66
CA ASN F 229 40.67 -22.25 43.63
C ASN F 229 40.28 -21.74 42.25
N THR F 230 39.85 -20.49 42.13
CA THR F 230 39.49 -19.99 40.82
C THR F 230 40.76 -19.72 40.00
N ILE F 231 41.90 -19.65 40.69
CA ILE F 231 43.17 -19.43 40.00
C ILE F 231 44.03 -20.69 39.98
N LEU F 232 44.10 -21.39 41.12
CA LEU F 232 44.87 -22.63 41.25
C LEU F 232 43.82 -23.75 41.25
N LYS F 233 43.04 -23.77 40.17
CA LYS F 233 41.94 -24.72 39.99
C LYS F 233 42.14 -26.17 40.41
N LYS F 234 43.37 -26.67 40.34
CA LYS F 234 43.61 -28.07 40.70
C LYS F 234 44.21 -28.22 42.09
N TYR F 235 45.09 -27.29 42.45
CA TYR F 235 45.78 -27.29 43.73
C TYR F 235 44.84 -26.93 44.88
N ASP F 236 44.36 -25.70 44.85
CA ASP F 236 43.45 -25.21 45.89
C ASP F 236 42.17 -26.01 45.81
N GLY F 237 41.81 -26.39 44.59
CA GLY F 237 40.61 -27.17 44.39
C GLY F 237 40.63 -28.44 45.21
N ARG F 238 41.80 -29.07 45.31
CA ARG F 238 41.93 -30.30 46.08
C ARG F 238 41.55 -30.05 47.54
N PHE F 239 41.91 -28.89 48.07
CA PHE F 239 41.57 -28.56 49.45
C PHE F 239 40.07 -28.48 49.60
N LYS F 240 39.45 -27.62 48.78
CA LYS F 240 38.01 -27.44 48.82
C LYS F 240 37.31 -28.77 48.66
N ASP F 241 37.76 -29.56 47.68
CA ASP F 241 37.18 -30.85 47.42
C ASP F 241 37.27 -31.74 48.66
N ILE F 242 38.48 -32.09 49.07
CA ILE F 242 38.68 -32.92 50.26
C ILE F 242 37.86 -32.47 51.46
N PHE F 243 37.77 -31.17 51.70
CA PHE F 243 37.00 -30.71 52.85
C PHE F 243 35.52 -31.06 52.72
N GLN F 244 34.85 -30.55 51.67
CA GLN F 244 33.44 -30.84 51.44
C GLN F 244 33.15 -32.31 51.68
N GLU F 245 33.97 -33.18 51.10
CA GLU F 245 33.84 -34.62 51.23
C GLU F 245 33.84 -35.07 52.69
N VAL F 246 34.89 -34.68 53.41
CA VAL F 246 35.03 -35.03 54.82
C VAL F 246 33.86 -34.47 55.62
N TYR F 247 33.28 -33.37 55.15
CA TYR F 247 32.16 -32.76 55.84
C TYR F 247 30.88 -33.57 55.59
N GLU F 248 30.60 -33.87 54.33
CA GLU F 248 29.41 -34.63 53.99
C GLU F 248 29.57 -36.06 54.49
N ALA F 249 30.83 -36.45 54.70
CA ALA F 249 31.14 -37.80 55.17
C ALA F 249 30.80 -38.02 56.64
N GLN F 250 31.20 -37.11 57.52
CA GLN F 250 30.90 -37.32 58.93
C GLN F 250 30.82 -36.12 59.85
N TYR F 251 30.46 -34.96 59.33
CA TYR F 251 30.36 -33.78 60.18
C TYR F 251 29.13 -32.92 59.88
N LYS F 252 28.55 -33.12 58.71
CA LYS F 252 27.36 -32.37 58.30
C LYS F 252 26.24 -32.61 59.29
N SER F 253 26.19 -33.83 59.81
CA SER F 253 25.18 -34.25 60.78
C SER F 253 25.31 -33.45 62.07
N LYS F 254 26.44 -33.64 62.75
CA LYS F 254 26.71 -32.95 64.01
C LYS F 254 26.62 -31.44 63.88
N PHE F 255 27.16 -30.90 62.78
CA PHE F 255 27.13 -29.47 62.54
C PHE F 255 25.70 -28.94 62.56
N GLU F 256 24.84 -29.51 61.72
CA GLU F 256 23.44 -29.09 61.65
C GLU F 256 22.78 -29.26 63.01
N GLN F 257 23.24 -30.26 63.74
CA GLN F 257 22.73 -30.58 65.08
C GLN F 257 23.07 -29.45 66.06
N LEU F 258 24.23 -28.84 65.87
CA LEU F 258 24.70 -27.78 66.74
C LEU F 258 24.28 -26.36 66.32
N GLY F 259 23.88 -26.20 65.06
CA GLY F 259 23.46 -24.90 64.59
C GLY F 259 24.67 -24.12 64.10
N ILE F 260 25.56 -24.83 63.42
CA ILE F 260 26.78 -24.27 62.89
C ILE F 260 27.01 -24.86 61.51
N HIS F 261 27.47 -24.04 60.57
CA HIS F 261 27.70 -24.53 59.21
C HIS F 261 29.13 -24.39 58.75
N TYR F 262 29.48 -25.20 57.76
CA TYR F 262 30.78 -25.16 57.16
C TYR F 262 30.57 -24.49 55.80
N GLU F 263 31.64 -23.92 55.24
CA GLU F 263 31.52 -23.24 53.97
C GLU F 263 32.90 -22.86 53.42
N HIS F 264 33.03 -22.89 52.10
CA HIS F 264 34.28 -22.52 51.46
C HIS F 264 34.12 -21.23 50.67
N ARG F 265 34.92 -20.22 51.00
CA ARG F 265 34.84 -18.94 50.30
C ARG F 265 36.16 -18.70 49.60
N LEU F 266 36.22 -17.62 48.83
CA LEU F 266 37.47 -17.28 48.19
C LEU F 266 38.20 -16.38 49.20
N ILE F 267 39.49 -16.63 49.37
CA ILE F 267 40.28 -15.86 50.31
C ILE F 267 40.03 -14.35 50.26
N ASP F 268 39.74 -13.81 49.06
CA ASP F 268 39.46 -12.36 48.90
C ASP F 268 38.23 -12.01 49.71
N ASP F 269 37.15 -12.74 49.44
CA ASP F 269 35.87 -12.53 50.09
C ASP F 269 36.05 -12.73 51.61
N MET F 270 36.54 -13.90 52.00
CA MET F 270 36.77 -14.20 53.42
C MET F 270 37.49 -13.10 54.23
N VAL F 271 38.63 -12.62 53.76
CA VAL F 271 39.35 -11.58 54.51
C VAL F 271 38.57 -10.27 54.68
N ALA F 272 37.63 -9.98 53.78
CA ALA F 272 36.83 -8.76 53.89
C ALA F 272 35.66 -9.04 54.81
N GLN F 273 35.17 -10.29 54.77
CA GLN F 273 34.08 -10.69 55.63
C GLN F 273 34.55 -10.54 57.07
N MET F 274 35.73 -11.11 57.33
CA MET F 274 36.37 -11.11 58.64
C MET F 274 36.56 -9.71 59.17
N ILE F 275 37.16 -8.86 58.36
CA ILE F 275 37.39 -7.49 58.75
C ILE F 275 36.11 -6.75 59.15
N LYS F 276 34.97 -7.09 58.54
CA LYS F 276 33.73 -6.40 58.86
C LYS F 276 32.84 -7.13 59.84
N SER F 277 33.26 -8.31 60.29
CA SER F 277 32.45 -9.10 61.21
C SER F 277 32.54 -8.68 62.68
N LYS F 278 31.89 -9.48 63.52
CA LYS F 278 31.84 -9.29 64.97
C LYS F 278 32.69 -10.41 65.57
N GLY F 279 33.29 -11.18 64.68
CA GLY F 279 34.15 -12.29 65.08
C GLY F 279 33.38 -13.53 65.42
N GLY F 280 34.01 -14.38 66.21
CA GLY F 280 33.37 -15.60 66.66
C GLY F 280 33.15 -16.69 65.63
N PHE F 281 34.24 -17.20 65.07
CA PHE F 281 34.16 -18.27 64.09
C PHE F 281 35.57 -18.72 63.80
N ILE F 282 35.71 -19.88 63.18
CA ILE F 282 37.01 -20.41 62.85
C ILE F 282 37.32 -20.23 61.37
N MET F 283 38.60 -19.97 61.06
CA MET F 283 39.05 -19.78 59.69
C MET F 283 40.16 -20.75 59.32
N ALA F 284 39.81 -21.87 58.70
CA ALA F 284 40.82 -22.82 58.26
C ALA F 284 41.50 -22.16 57.05
N LEU F 285 42.82 -22.10 57.08
CA LEU F 285 43.59 -21.49 55.99
C LEU F 285 44.79 -22.33 55.60
N LYS F 286 45.21 -22.21 54.35
CA LYS F 286 46.38 -22.95 53.89
C LYS F 286 47.57 -22.37 54.69
N ASN F 287 48.61 -23.20 54.86
CA ASN F 287 49.83 -22.84 55.59
C ASN F 287 50.24 -21.36 55.44
N TYR F 288 50.44 -20.90 54.22
CA TYR F 288 50.86 -19.52 54.04
C TYR F 288 49.78 -18.54 54.50
N ASP F 289 48.53 -18.78 54.14
CA ASP F 289 47.49 -17.85 54.57
C ASP F 289 47.33 -17.77 56.09
N GLY F 290 47.23 -18.93 56.74
CA GLY F 290 47.11 -18.96 58.18
C GLY F 290 48.17 -18.05 58.80
N ASP F 291 49.43 -18.28 58.42
CA ASP F 291 50.54 -17.48 58.89
C ASP F 291 50.23 -15.98 58.84
N VAL F 292 50.09 -15.43 57.63
CA VAL F 292 49.81 -14.01 57.49
C VAL F 292 48.54 -13.50 58.18
N GLN F 293 47.41 -14.16 57.94
CA GLN F 293 46.14 -13.72 58.53
C GLN F 293 46.13 -13.75 60.05
N SER F 294 46.83 -14.71 60.63
CA SER F 294 46.90 -14.80 62.09
C SER F 294 47.64 -13.60 62.70
N ASP F 295 48.42 -12.87 61.91
CA ASP F 295 49.11 -11.70 62.44
C ASP F 295 48.16 -10.51 62.38
N ILE F 296 47.26 -10.55 61.40
CA ILE F 296 46.27 -9.49 61.22
C ILE F 296 45.26 -9.70 62.34
N VAL F 297 44.87 -10.95 62.55
CA VAL F 297 43.91 -11.25 63.59
C VAL F 297 44.44 -10.76 64.93
N ALA F 298 45.64 -11.22 65.30
CA ALA F 298 46.26 -10.80 66.55
C ALA F 298 46.40 -9.28 66.70
N GLN F 299 47.04 -8.65 65.74
CA GLN F 299 47.21 -7.21 65.86
C GLN F 299 45.86 -6.48 65.97
N GLY F 300 44.88 -6.92 65.18
CA GLY F 300 43.57 -6.28 65.18
C GLY F 300 42.84 -6.38 66.50
N PHE F 301 43.09 -7.47 67.22
CA PHE F 301 42.48 -7.67 68.52
C PHE F 301 43.20 -6.88 69.63
N GLY F 302 44.42 -6.45 69.35
CA GLY F 302 45.16 -5.69 70.34
C GLY F 302 46.66 -5.68 70.13
N SER F 303 47.28 -6.86 70.08
CA SER F 303 48.71 -6.89 69.86
C SER F 303 49.25 -8.27 69.61
N LEU F 304 50.36 -8.31 68.90
CA LEU F 304 51.04 -9.55 68.56
C LEU F 304 51.42 -10.31 69.82
N GLY F 305 51.53 -9.58 70.92
CA GLY F 305 51.87 -10.17 72.19
C GLY F 305 50.67 -10.87 72.81
N LEU F 306 49.48 -10.63 72.26
CA LEU F 306 48.29 -11.25 72.80
C LEU F 306 47.66 -12.27 71.85
N MET F 307 48.29 -13.43 71.73
CA MET F 307 47.76 -14.49 70.88
C MET F 307 48.40 -15.85 71.17
N THR F 308 47.59 -16.89 71.22
CA THR F 308 48.11 -18.23 71.46
C THR F 308 48.36 -18.92 70.12
N SER F 309 49.23 -19.92 70.12
CA SER F 309 49.58 -20.67 68.91
C SER F 309 49.96 -22.08 69.35
N ILE F 310 49.18 -23.07 68.96
CA ILE F 310 49.48 -24.44 69.34
C ILE F 310 49.28 -25.39 68.17
N LEU F 311 50.26 -26.25 67.97
CA LEU F 311 50.22 -27.22 66.89
C LEU F 311 49.66 -28.55 67.37
N VAL F 312 48.56 -28.98 66.77
CA VAL F 312 47.94 -30.25 67.12
C VAL F 312 48.11 -31.19 65.96
N THR F 313 48.70 -32.36 66.22
CA THR F 313 48.91 -33.33 65.15
C THR F 313 47.60 -34.05 64.84
N PRO F 314 47.51 -34.71 63.68
CA PRO F 314 46.29 -35.43 63.31
C PRO F 314 45.88 -36.40 64.43
N ASP F 315 46.88 -37.02 65.05
CA ASP F 315 46.66 -37.96 66.15
C ASP F 315 45.74 -37.34 67.19
N GLY F 316 46.18 -36.20 67.71
CA GLY F 316 45.44 -35.51 68.74
C GLY F 316 46.15 -35.85 70.03
N LYS F 317 47.33 -36.45 69.87
CA LYS F 317 48.15 -36.86 71.01
C LYS F 317 49.54 -36.25 70.94
N THR F 318 49.71 -35.21 70.12
CA THR F 318 50.99 -34.52 69.97
C THR F 318 50.78 -33.01 69.75
N PHE F 319 51.48 -32.21 70.56
CA PHE F 319 51.35 -30.76 70.48
C PHE F 319 52.66 -29.98 70.61
N GLU F 320 52.69 -28.82 69.97
CA GLU F 320 53.81 -27.94 70.05
C GLU F 320 53.20 -26.57 70.31
N SER F 321 53.38 -26.06 71.53
CA SER F 321 52.85 -24.76 71.90
C SER F 321 53.94 -23.69 71.70
N GLU F 322 53.54 -22.51 71.26
CA GLU F 322 54.50 -21.43 71.01
C GLU F 322 53.78 -20.09 71.01
N ALA F 323 54.52 -19.02 70.74
CA ALA F 323 53.90 -17.70 70.62
C ALA F 323 53.78 -17.53 69.11
N ALA F 324 52.93 -16.62 68.66
CA ALA F 324 52.74 -16.43 67.23
C ALA F 324 53.73 -15.39 66.70
N HIS F 325 54.27 -14.58 67.61
CA HIS F 325 55.23 -13.56 67.21
C HIS F 325 56.65 -14.12 67.07
N GLY F 326 57.56 -13.25 66.64
CA GLY F 326 58.95 -13.64 66.47
C GLY F 326 59.84 -13.28 67.66
N THR F 327 61.14 -13.11 67.40
CA THR F 327 62.08 -12.80 68.48
C THR F 327 62.14 -11.31 68.84
N VAL F 328 61.22 -10.53 68.29
CA VAL F 328 61.17 -9.10 68.56
C VAL F 328 62.54 -8.42 68.55
N THR F 329 63.27 -8.66 67.46
CA THR F 329 64.60 -8.11 67.24
C THR F 329 64.75 -6.61 67.50
N ARG F 330 63.87 -5.82 66.91
CA ARG F 330 63.97 -4.37 67.09
C ARG F 330 64.10 -3.97 68.55
N HIS F 331 63.50 -4.76 69.44
CA HIS F 331 63.57 -4.50 70.85
C HIS F 331 64.88 -5.09 71.36
N TYR F 332 65.32 -6.20 70.78
CA TYR F 332 66.56 -6.79 71.21
C TYR F 332 67.63 -5.73 71.03
N ARG F 333 67.64 -5.06 69.88
CA ARG F 333 68.62 -4.03 69.62
C ARG F 333 68.71 -2.97 70.70
N LYS F 334 67.56 -2.54 71.22
CA LYS F 334 67.54 -1.55 72.29
C LYS F 334 68.21 -2.16 73.51
N TYR F 335 67.84 -3.39 73.81
CA TYR F 335 68.41 -4.10 74.93
C TYR F 335 69.94 -4.11 74.79
N GLN F 336 70.41 -4.38 73.58
CA GLN F 336 71.84 -4.44 73.30
C GLN F 336 72.64 -3.20 73.68
N LYS F 337 72.01 -2.04 73.64
CA LYS F 337 72.71 -0.83 74.02
C LYS F 337 72.12 -0.23 75.30
N GLY F 338 71.97 -1.09 76.29
CA GLY F 338 71.46 -0.71 77.60
C GLY F 338 70.28 0.23 77.69
N GLU F 339 69.31 0.10 76.79
CA GLU F 339 68.12 0.93 76.79
C GLU F 339 66.96 0.13 77.37
N GLU F 340 66.04 0.80 78.05
CA GLU F 340 64.91 0.11 78.65
C GLU F 340 63.98 -0.45 77.59
N THR F 341 63.52 -1.68 77.83
CA THR F 341 62.62 -2.36 76.91
C THR F 341 61.23 -2.51 77.52
N SER F 342 60.26 -2.81 76.64
CA SER F 342 58.89 -3.04 77.06
C SER F 342 58.31 -4.03 76.08
N THR F 343 58.81 -5.25 76.17
CA THR F 343 58.36 -6.31 75.31
C THR F 343 57.34 -7.13 76.09
N ASN F 344 56.23 -7.44 75.42
CA ASN F 344 55.16 -8.21 76.03
C ASN F 344 55.59 -9.65 76.18
N SER F 345 55.47 -10.19 77.39
CA SER F 345 55.88 -11.57 77.67
C SER F 345 54.68 -12.50 77.82
N ILE F 346 53.48 -11.93 77.76
CA ILE F 346 52.25 -12.69 77.90
C ILE F 346 52.11 -13.90 76.94
N ALA F 347 52.32 -13.71 75.64
CA ALA F 347 52.21 -14.83 74.71
C ALA F 347 53.18 -15.92 75.12
N SER F 348 54.38 -15.50 75.49
CA SER F 348 55.42 -16.40 75.91
C SER F 348 54.99 -17.24 77.10
N ILE F 349 54.33 -16.59 78.07
CA ILE F 349 53.84 -17.30 79.26
C ILE F 349 52.71 -18.28 78.88
N PHE F 350 51.73 -17.79 78.14
CA PHE F 350 50.62 -18.64 77.72
C PHE F 350 51.14 -19.82 76.93
N ALA F 351 52.27 -19.61 76.25
CA ALA F 351 52.89 -20.68 75.47
C ALA F 351 53.23 -21.82 76.44
N TRP F 352 53.80 -21.46 77.60
CA TRP F 352 54.15 -22.45 78.62
C TRP F 352 52.88 -23.00 79.25
N SER F 353 51.99 -22.11 79.67
CA SER F 353 50.75 -22.53 80.30
C SER F 353 49.95 -23.47 79.38
N ARG F 354 49.64 -23.00 78.17
CA ARG F 354 48.89 -23.80 77.23
C ARG F 354 49.61 -25.12 77.00
N GLY F 355 50.93 -25.08 77.03
CA GLY F 355 51.71 -26.29 76.83
C GLY F 355 51.53 -27.22 78.02
N LEU F 356 51.59 -26.66 79.21
CA LEU F 356 51.43 -27.45 80.43
C LEU F 356 49.99 -27.94 80.56
N LEU F 357 49.07 -27.24 79.92
CA LEU F 357 47.67 -27.63 79.95
C LEU F 357 47.50 -28.95 79.21
N LYS F 358 48.18 -29.08 78.07
CA LYS F 358 48.09 -30.31 77.31
C LYS F 358 48.77 -31.41 78.10
N ARG F 359 49.98 -31.13 78.57
CA ARG F 359 50.75 -32.09 79.36
C ARG F 359 49.85 -32.58 80.49
N GLY F 360 48.98 -31.69 80.94
CA GLY F 360 48.06 -32.02 82.02
C GLY F 360 46.90 -32.94 81.69
N GLU F 361 46.23 -32.73 80.56
CA GLU F 361 45.09 -33.58 80.19
C GLU F 361 45.54 -34.97 79.75
N LEU F 362 46.75 -35.08 79.24
CA LEU F 362 47.25 -36.36 78.79
C LEU F 362 47.68 -37.24 79.97
N ASP F 363 48.27 -36.62 80.98
CA ASP F 363 48.73 -37.35 82.16
C ASP F 363 47.65 -37.56 83.22
N ASN F 364 46.61 -36.73 83.16
CA ASN F 364 45.52 -36.77 84.13
C ASN F 364 46.02 -36.17 85.45
N THR F 365 46.65 -35.01 85.32
CA THR F 365 47.19 -34.30 86.46
C THR F 365 46.42 -33.02 86.63
N PRO F 366 45.24 -33.09 87.24
CA PRO F 366 44.42 -31.89 87.45
C PRO F 366 45.20 -30.80 88.18
N ALA F 367 46.06 -31.21 89.10
CA ALA F 367 46.88 -30.27 89.87
C ALA F 367 47.60 -29.34 88.90
N LEU F 368 48.16 -29.94 87.86
CA LEU F 368 48.87 -29.18 86.84
C LEU F 368 47.92 -28.22 86.12
N CYS F 369 46.80 -28.76 85.66
CA CYS F 369 45.83 -27.95 84.95
C CYS F 369 45.41 -26.77 85.82
N LYS F 370 45.19 -27.02 87.12
CA LYS F 370 44.80 -25.95 88.02
C LYS F 370 45.89 -24.91 88.04
N PHE F 371 47.15 -25.38 88.12
CA PHE F 371 48.29 -24.49 88.13
C PHE F 371 48.33 -23.62 86.87
N ALA F 372 48.38 -24.27 85.71
CA ALA F 372 48.43 -23.57 84.42
C ALA F 372 47.36 -22.49 84.30
N ASN F 373 46.17 -22.78 84.84
CA ASN F 373 45.07 -21.82 84.79
C ASN F 373 45.35 -20.64 85.71
N ILE F 374 45.89 -20.94 86.89
CA ILE F 374 46.20 -19.89 87.84
C ILE F 374 47.26 -18.99 87.20
N LEU F 375 48.17 -19.63 86.44
CA LEU F 375 49.26 -18.93 85.76
C LEU F 375 48.69 -17.94 84.76
N GLU F 376 47.75 -18.40 83.95
CA GLU F 376 47.12 -17.53 82.97
C GLU F 376 46.32 -16.46 83.69
N SER F 377 45.65 -16.87 84.76
CA SER F 377 44.86 -15.98 85.58
C SER F 377 45.74 -14.87 86.10
N ALA F 378 46.83 -15.26 86.75
CA ALA F 378 47.80 -14.32 87.32
C ALA F 378 48.39 -13.38 86.27
N THR F 379 48.68 -13.91 85.10
CA THR F 379 49.28 -13.08 84.06
C THR F 379 48.34 -11.98 83.55
N LEU F 380 47.08 -12.32 83.26
CA LEU F 380 46.13 -11.33 82.75
C LEU F 380 45.70 -10.28 83.80
N ASN F 381 45.48 -10.74 85.03
CA ASN F 381 45.09 -9.85 86.12
C ASN F 381 46.13 -8.76 86.37
N THR F 382 47.39 -9.09 86.08
CA THR F 382 48.48 -8.14 86.26
C THR F 382 48.17 -6.97 85.34
N VAL F 383 47.50 -7.25 84.23
CA VAL F 383 47.12 -6.22 83.28
C VAL F 383 45.73 -5.70 83.66
N GLN F 384 44.81 -6.64 83.84
CA GLN F 384 43.43 -6.33 84.19
C GLN F 384 43.21 -5.55 85.49
N GLN F 385 43.55 -6.18 86.62
CA GLN F 385 43.37 -5.61 87.94
C GLN F 385 44.42 -4.60 88.39
N ASP F 386 45.69 -5.02 88.40
CA ASP F 386 46.78 -4.17 88.87
C ASP F 386 47.10 -3.01 87.93
N GLY F 387 46.79 -3.16 86.66
CA GLY F 387 47.05 -2.09 85.70
C GLY F 387 48.49 -1.98 85.26
N ILE F 388 49.23 -3.09 85.37
CA ILE F 388 50.64 -3.10 84.97
C ILE F 388 50.80 -3.75 83.61
N MET F 389 51.18 -2.93 82.64
CA MET F 389 51.33 -3.42 81.27
C MET F 389 52.55 -2.87 80.52
N THR F 390 52.93 -3.62 79.50
CA THR F 390 54.03 -3.26 78.62
C THR F 390 53.52 -2.18 77.69
N LYS F 391 54.44 -1.50 77.01
CA LYS F 391 54.06 -0.42 76.12
C LYS F 391 53.06 -0.76 74.99
N ASP F 392 53.10 -1.97 74.45
CA ASP F 392 52.16 -2.31 73.38
C ASP F 392 50.72 -2.14 73.83
N LEU F 393 50.40 -2.71 74.99
CA LEU F 393 49.05 -2.63 75.52
C LEU F 393 48.66 -1.21 75.95
N ALA F 394 49.64 -0.41 76.36
CA ALA F 394 49.33 0.95 76.80
C ALA F 394 48.98 1.82 75.62
N LEU F 395 49.70 1.66 74.50
CA LEU F 395 49.43 2.45 73.30
C LEU F 395 48.11 2.03 72.65
N ALA F 396 47.53 0.92 73.12
CA ALA F 396 46.24 0.45 72.61
C ALA F 396 45.16 1.32 73.24
N CYS F 397 45.29 1.57 74.54
CA CYS F 397 44.34 2.40 75.29
C CYS F 397 44.48 3.85 74.83
N GLY F 398 45.63 4.18 74.24
CA GLY F 398 45.87 5.53 73.76
C GLY F 398 46.73 6.39 74.68
N ASN F 399 47.48 5.75 75.57
CA ASN F 399 48.35 6.46 76.50
C ASN F 399 49.77 6.52 75.96
N ASN F 400 50.16 7.67 75.42
CA ASN F 400 51.53 7.80 74.89
C ASN F 400 52.48 7.96 76.06
N GLU F 401 52.01 8.65 77.09
CA GLU F 401 52.75 8.90 78.32
C GLU F 401 53.60 7.70 78.71
N ARG F 402 54.85 7.96 79.12
CA ARG F 402 55.75 6.89 79.53
C ARG F 402 55.29 6.23 80.84
N SER F 403 54.74 7.02 81.76
CA SER F 403 54.26 6.49 83.04
C SER F 403 53.12 5.49 82.88
N ALA F 404 52.68 5.27 81.65
CA ALA F 404 51.58 4.35 81.40
C ALA F 404 52.00 2.88 81.35
N TYR F 405 53.27 2.60 81.07
CA TYR F 405 53.73 1.22 81.00
C TYR F 405 55.00 0.92 81.79
N VAL F 406 55.23 -0.35 82.06
CA VAL F 406 56.42 -0.78 82.79
C VAL F 406 57.44 -1.34 81.80
N THR F 407 58.48 -2.01 82.30
CA THR F 407 59.50 -2.57 81.44
C THR F 407 59.35 -4.07 81.29
N THR F 408 59.92 -4.60 80.21
CA THR F 408 59.92 -6.04 79.92
C THR F 408 60.10 -6.85 81.20
N GLU F 409 61.16 -6.50 81.92
CA GLU F 409 61.51 -7.15 83.16
C GLU F 409 60.51 -6.79 84.28
N GLU F 410 60.15 -5.52 84.37
CA GLU F 410 59.20 -5.09 85.41
C GLU F 410 57.88 -5.82 85.31
N PHE F 411 57.36 -5.95 84.08
CA PHE F 411 56.09 -6.63 83.86
C PHE F 411 56.13 -8.06 84.38
N LEU F 412 57.24 -8.75 84.12
CA LEU F 412 57.39 -10.14 84.56
C LEU F 412 57.55 -10.28 86.07
N ASP F 413 58.09 -9.25 86.73
CA ASP F 413 58.23 -9.30 88.18
C ASP F 413 56.81 -9.18 88.74
N ALA F 414 56.07 -8.19 88.23
CA ALA F 414 54.68 -7.98 88.65
C ALA F 414 53.86 -9.25 88.52
N VAL F 415 54.01 -9.95 87.40
CA VAL F 415 53.28 -11.20 87.21
C VAL F 415 53.74 -12.18 88.25
N GLU F 416 55.04 -12.21 88.53
CA GLU F 416 55.54 -13.15 89.54
C GLU F 416 54.92 -12.85 90.89
N LYS F 417 54.92 -11.57 91.27
CA LYS F 417 54.35 -11.16 92.56
C LYS F 417 52.95 -11.75 92.65
N ARG F 418 52.08 -11.28 91.77
CA ARG F 418 50.69 -11.71 91.71
C ARG F 418 50.53 -13.22 91.60
N LEU F 419 51.48 -13.90 90.97
CA LEU F 419 51.39 -15.36 90.84
C LEU F 419 51.36 -15.97 92.24
N GLN F 420 52.30 -15.53 93.08
CA GLN F 420 52.41 -16.02 94.45
C GLN F 420 51.08 -15.88 95.18
N LYS F 421 50.52 -14.68 95.11
CA LYS F 421 49.25 -14.40 95.78
C LYS F 421 48.17 -15.37 95.34
N GLU F 422 47.83 -15.34 94.06
CA GLU F 422 46.79 -16.22 93.52
C GLU F 422 47.03 -17.71 93.69
N ILE F 423 48.09 -18.09 94.38
CA ILE F 423 48.35 -19.50 94.63
C ILE F 423 48.09 -19.80 96.10
N LYS F 424 47.65 -18.78 96.84
CA LYS F 424 47.35 -18.95 98.25
C LYS F 424 45.91 -19.42 98.43
N SER F 425 45.34 -19.88 97.32
CA SER F 425 43.97 -20.39 97.29
C SER F 425 43.93 -21.58 96.32
#